data_3AG7
# 
_entry.id   3AG7 
# 
_audit_conform.dict_name       mmcif_pdbx.dic 
_audit_conform.dict_version    5.380 
_audit_conform.dict_location   http://mmcif.pdb.org/dictionaries/ascii/mmcif_pdbx.dic 
# 
loop_
_database_2.database_id 
_database_2.database_code 
_database_2.pdbx_database_accession 
_database_2.pdbx_DOI 
PDB   3AG7         pdb_00003ag7 10.2210/pdb3ag7/pdb 
RCSB  RCSB029213   ?            ?                   
WWPDB D_1000029213 ?            ?                   
# 
loop_
_pdbx_database_related.db_name 
_pdbx_database_related.db_id 
_pdbx_database_related.details 
_pdbx_database_related.content_type 
PDB 1nz6 . unspecified 
PDB 2qwo . unspecified 
PDB 2qwr . unspecified 
PDB 2qwp . unspecified 
PDB 2qwq . unspecified 
PDB 2qwn . unspecified 
# 
_pdbx_database_status.status_code                     REL 
_pdbx_database_status.entry_id                        3AG7 
_pdbx_database_status.recvd_initial_deposition_date   2010-03-24 
_pdbx_database_status.deposit_site                    PDBJ 
_pdbx_database_status.process_site                    PDBJ 
_pdbx_database_status.status_code_sf                  REL 
_pdbx_database_status.status_code_mr                  ? 
_pdbx_database_status.SG_entry                        ? 
_pdbx_database_status.status_code_cs                  ? 
_pdbx_database_status.pdb_format_compatible           Y 
_pdbx_database_status.status_code_nmr_data            ? 
_pdbx_database_status.methods_development_category    ? 
# 
_audit_author.name           'Takano, A.' 
_audit_author.pdbx_ordinal   1 
# 
_citation.id                        primary 
_citation.title                     
;Crystallographic and functional analyses of J-domain of JAC1 essential for chloroplast photorelocation movement in Arabidopsis thaliana
;
_citation.journal_abbrev            'Plant Cell.Physiol.' 
_citation.journal_volume            51 
_citation.page_first                1372 
_citation.page_last                 1376 
_citation.year                      2010 
_citation.journal_id_ASTM           PCPHA5 
_citation.country                   JA 
_citation.journal_id_ISSN           0032-0781 
_citation.journal_id_CSD            2167 
_citation.book_publisher            ? 
_citation.pdbx_database_id_PubMed   20562448 
_citation.pdbx_database_id_DOI      10.1093/pcp/pcq089 
# 
loop_
_citation_author.citation_id 
_citation_author.name 
_citation_author.ordinal 
_citation_author.identifier_ORCID 
primary 'Takano, A.'   1 ? 
primary 'Suetsugu, N.' 2 ? 
primary 'Wada, M.'     3 ? 
primary 'Kohda, D.'    4 ? 
# 
_cell.entry_id           3AG7 
_cell.length_a           32.432 
_cell.length_b           39.477 
_cell.length_c           68.954 
_cell.angle_alpha        90.00 
_cell.angle_beta         90.00 
_cell.angle_gamma        90.00 
_cell.Z_PDB              4 
_cell.pdbx_unique_axis   ? 
_cell.length_a_esd       ? 
_cell.length_b_esd       ? 
_cell.length_c_esd       ? 
_cell.angle_alpha_esd    ? 
_cell.angle_beta_esd     ? 
_cell.angle_gamma_esd    ? 
# 
_symmetry.entry_id                         3AG7 
_symmetry.space_group_name_H-M             'P 21 21 21' 
_symmetry.pdbx_full_space_group_name_H-M   ? 
_symmetry.cell_setting                     ? 
_symmetry.Int_Tables_number                19 
_symmetry.space_group_name_Hall            ? 
# 
loop_
_entity.id 
_entity.type 
_entity.src_method 
_entity.pdbx_description 
_entity.formula_weight 
_entity.pdbx_number_of_molecules 
_entity.pdbx_ec 
_entity.pdbx_mutation 
_entity.pdbx_fragment 
_entity.details 
1 polymer man 'Putative uncharacterized protein F9E10.5' 11940.745 1   ? ? 'J-domain, UNP residues 551-651' ? 
2 water   nat water                                      18.015    104 ? ? ?                                ? 
# 
_entity_name_com.entity_id   1 
_entity_name_com.name        'At1g75100/F9E10_5, Auxilin-like J-domain protein' 
# 
_entity_poly.entity_id                      1 
_entity_poly.type                           'polypeptide(L)' 
_entity_poly.nstd_linkage                   no 
_entity_poly.nstd_monomer                   no 
_entity_poly.pdbx_seq_one_letter_code       
;GPLGSEEIKNIDAKIRKWSSGKSGNIRSLLSTLQYILWSGSGWKPVPLMDMIEGNAVRKSYQRALLILHPDKLQQKGASA
NQKYMAEKVFELLQEAWDHFNTLGPV
;
_entity_poly.pdbx_seq_one_letter_code_can   
;GPLGSEEIKNIDAKIRKWSSGKSGNIRSLLSTLQYILWSGSGWKPVPLMDMIEGNAVRKSYQRALLILHPDKLQQKGASA
NQKYMAEKVFELLQEAWDHFNTLGPV
;
_entity_poly.pdbx_strand_id                 A 
_entity_poly.pdbx_target_identifier         ? 
# 
loop_
_entity_poly_seq.entity_id 
_entity_poly_seq.num 
_entity_poly_seq.mon_id 
_entity_poly_seq.hetero 
1 1   GLY n 
1 2   PRO n 
1 3   LEU n 
1 4   GLY n 
1 5   SER n 
1 6   GLU n 
1 7   GLU n 
1 8   ILE n 
1 9   LYS n 
1 10  ASN n 
1 11  ILE n 
1 12  ASP n 
1 13  ALA n 
1 14  LYS n 
1 15  ILE n 
1 16  ARG n 
1 17  LYS n 
1 18  TRP n 
1 19  SER n 
1 20  SER n 
1 21  GLY n 
1 22  LYS n 
1 23  SER n 
1 24  GLY n 
1 25  ASN n 
1 26  ILE n 
1 27  ARG n 
1 28  SER n 
1 29  LEU n 
1 30  LEU n 
1 31  SER n 
1 32  THR n 
1 33  LEU n 
1 34  GLN n 
1 35  TYR n 
1 36  ILE n 
1 37  LEU n 
1 38  TRP n 
1 39  SER n 
1 40  GLY n 
1 41  SER n 
1 42  GLY n 
1 43  TRP n 
1 44  LYS n 
1 45  PRO n 
1 46  VAL n 
1 47  PRO n 
1 48  LEU n 
1 49  MET n 
1 50  ASP n 
1 51  MET n 
1 52  ILE n 
1 53  GLU n 
1 54  GLY n 
1 55  ASN n 
1 56  ALA n 
1 57  VAL n 
1 58  ARG n 
1 59  LYS n 
1 60  SER n 
1 61  TYR n 
1 62  GLN n 
1 63  ARG n 
1 64  ALA n 
1 65  LEU n 
1 66  LEU n 
1 67  ILE n 
1 68  LEU n 
1 69  HIS n 
1 70  PRO n 
1 71  ASP n 
1 72  LYS n 
1 73  LEU n 
1 74  GLN n 
1 75  GLN n 
1 76  LYS n 
1 77  GLY n 
1 78  ALA n 
1 79  SER n 
1 80  ALA n 
1 81  ASN n 
1 82  GLN n 
1 83  LYS n 
1 84  TYR n 
1 85  MET n 
1 86  ALA n 
1 87  GLU n 
1 88  LYS n 
1 89  VAL n 
1 90  PHE n 
1 91  GLU n 
1 92  LEU n 
1 93  LEU n 
1 94  GLN n 
1 95  GLU n 
1 96  ALA n 
1 97  TRP n 
1 98  ASP n 
1 99  HIS n 
1 100 PHE n 
1 101 ASN n 
1 102 THR n 
1 103 LEU n 
1 104 GLY n 
1 105 PRO n 
1 106 VAL n 
# 
_entity_src_gen.entity_id                          1 
_entity_src_gen.pdbx_src_id                        1 
_entity_src_gen.pdbx_alt_source_flag               sample 
_entity_src_gen.pdbx_seq_type                      ? 
_entity_src_gen.pdbx_beg_seq_num                   ? 
_entity_src_gen.pdbx_end_seq_num                   ? 
_entity_src_gen.gene_src_common_name               'mouse-ear cress, thale-cress' 
_entity_src_gen.gene_src_genus                     ? 
_entity_src_gen.pdbx_gene_src_gene                 'At1g75100, F9E10.5, JAC1' 
_entity_src_gen.gene_src_species                   ? 
_entity_src_gen.gene_src_strain                    Columbia 
_entity_src_gen.gene_src_tissue                    ? 
_entity_src_gen.gene_src_tissue_fraction           ? 
_entity_src_gen.gene_src_details                   ? 
_entity_src_gen.pdbx_gene_src_fragment             ? 
_entity_src_gen.pdbx_gene_src_scientific_name      'Arabidopsis thaliana' 
_entity_src_gen.pdbx_gene_src_ncbi_taxonomy_id     3702 
_entity_src_gen.pdbx_gene_src_variant              ? 
_entity_src_gen.pdbx_gene_src_cell_line            ? 
_entity_src_gen.pdbx_gene_src_atcc                 ? 
_entity_src_gen.pdbx_gene_src_organ                ? 
_entity_src_gen.pdbx_gene_src_organelle            ? 
_entity_src_gen.pdbx_gene_src_cell                 ? 
_entity_src_gen.pdbx_gene_src_cellular_location    ? 
_entity_src_gen.host_org_common_name               ? 
_entity_src_gen.pdbx_host_org_scientific_name      'Escherichia coli' 
_entity_src_gen.pdbx_host_org_ncbi_taxonomy_id     562 
_entity_src_gen.host_org_genus                     ? 
_entity_src_gen.pdbx_host_org_gene                 ? 
_entity_src_gen.pdbx_host_org_organ                ? 
_entity_src_gen.host_org_species                   ? 
_entity_src_gen.pdbx_host_org_tissue               ? 
_entity_src_gen.pdbx_host_org_tissue_fraction      ? 
_entity_src_gen.pdbx_host_org_strain               BL21 
_entity_src_gen.pdbx_host_org_variant              ? 
_entity_src_gen.pdbx_host_org_cell_line            ? 
_entity_src_gen.pdbx_host_org_atcc                 ? 
_entity_src_gen.pdbx_host_org_culture_collection   ? 
_entity_src_gen.pdbx_host_org_cell                 ? 
_entity_src_gen.pdbx_host_org_organelle            ? 
_entity_src_gen.pdbx_host_org_cellular_location    ? 
_entity_src_gen.pdbx_host_org_vector_type          plasmid 
_entity_src_gen.pdbx_host_org_vector               ? 
_entity_src_gen.host_org_details                   ? 
_entity_src_gen.expression_system_id               ? 
_entity_src_gen.plasmid_name                       pGEX-6P 
_entity_src_gen.plasmid_details                    ? 
_entity_src_gen.pdbx_description                   ? 
# 
_struct_ref.id                         1 
_struct_ref.db_name                    UNP 
_struct_ref.db_code                    Q9C9Q4_ARATH 
_struct_ref.pdbx_db_accession          Q9C9Q4 
_struct_ref.entity_id                  1 
_struct_ref.pdbx_seq_one_letter_code   
;EEIKNIDAKIRKWSSGKSGNIRSLLSTLQYILWSGSGWKPVPLMDMIEGNAVRKSYQRALLILHPDKLQQKGASANQKYM
AEKVFELLQEAWDHFNTLGPV
;
_struct_ref.pdbx_align_begin           551 
_struct_ref.pdbx_db_isoform            ? 
# 
_struct_ref_seq.align_id                      1 
_struct_ref_seq.ref_id                        1 
_struct_ref_seq.pdbx_PDB_id_code              3AG7 
_struct_ref_seq.pdbx_strand_id                A 
_struct_ref_seq.seq_align_beg                 6 
_struct_ref_seq.pdbx_seq_align_beg_ins_code   ? 
_struct_ref_seq.seq_align_end                 106 
_struct_ref_seq.pdbx_seq_align_end_ins_code   ? 
_struct_ref_seq.pdbx_db_accession             Q9C9Q4 
_struct_ref_seq.db_align_beg                  551 
_struct_ref_seq.pdbx_db_align_beg_ins_code    ? 
_struct_ref_seq.db_align_end                  651 
_struct_ref_seq.pdbx_db_align_end_ins_code    ? 
_struct_ref_seq.pdbx_auth_seq_align_beg       551 
_struct_ref_seq.pdbx_auth_seq_align_end       651 
# 
loop_
_struct_ref_seq_dif.align_id 
_struct_ref_seq_dif.pdbx_pdb_id_code 
_struct_ref_seq_dif.mon_id 
_struct_ref_seq_dif.pdbx_pdb_strand_id 
_struct_ref_seq_dif.seq_num 
_struct_ref_seq_dif.pdbx_pdb_ins_code 
_struct_ref_seq_dif.pdbx_seq_db_name 
_struct_ref_seq_dif.pdbx_seq_db_accession_code 
_struct_ref_seq_dif.db_mon_id 
_struct_ref_seq_dif.pdbx_seq_db_seq_num 
_struct_ref_seq_dif.details 
_struct_ref_seq_dif.pdbx_auth_seq_num 
_struct_ref_seq_dif.pdbx_ordinal 
1 3AG7 GLY A 1 ? UNP Q9C9Q4 ? ? 'expression tag' 546 1 
1 3AG7 PRO A 2 ? UNP Q9C9Q4 ? ? 'expression tag' 547 2 
1 3AG7 LEU A 3 ? UNP Q9C9Q4 ? ? 'expression tag' 548 3 
1 3AG7 GLY A 4 ? UNP Q9C9Q4 ? ? 'expression tag' 549 4 
1 3AG7 SER A 5 ? UNP Q9C9Q4 ? ? 'expression tag' 550 5 
# 
loop_
_chem_comp.id 
_chem_comp.type 
_chem_comp.mon_nstd_flag 
_chem_comp.name 
_chem_comp.pdbx_synonyms 
_chem_comp.formula 
_chem_comp.formula_weight 
ALA 'L-peptide linking' y ALANINE         ? 'C3 H7 N O2'     89.093  
ARG 'L-peptide linking' y ARGININE        ? 'C6 H15 N4 O2 1' 175.209 
ASN 'L-peptide linking' y ASPARAGINE      ? 'C4 H8 N2 O3'    132.118 
ASP 'L-peptide linking' y 'ASPARTIC ACID' ? 'C4 H7 N O4'     133.103 
GLN 'L-peptide linking' y GLUTAMINE       ? 'C5 H10 N2 O3'   146.144 
GLU 'L-peptide linking' y 'GLUTAMIC ACID' ? 'C5 H9 N O4'     147.129 
GLY 'peptide linking'   y GLYCINE         ? 'C2 H5 N O2'     75.067  
HIS 'L-peptide linking' y HISTIDINE       ? 'C6 H10 N3 O2 1' 156.162 
HOH non-polymer         . WATER           ? 'H2 O'           18.015  
ILE 'L-peptide linking' y ISOLEUCINE      ? 'C6 H13 N O2'    131.173 
LEU 'L-peptide linking' y LEUCINE         ? 'C6 H13 N O2'    131.173 
LYS 'L-peptide linking' y LYSINE          ? 'C6 H15 N2 O2 1' 147.195 
MET 'L-peptide linking' y METHIONINE      ? 'C5 H11 N O2 S'  149.211 
PHE 'L-peptide linking' y PHENYLALANINE   ? 'C9 H11 N O2'    165.189 
PRO 'L-peptide linking' y PROLINE         ? 'C5 H9 N O2'     115.130 
SER 'L-peptide linking' y SERINE          ? 'C3 H7 N O3'     105.093 
THR 'L-peptide linking' y THREONINE       ? 'C4 H9 N O3'     119.119 
TRP 'L-peptide linking' y TRYPTOPHAN      ? 'C11 H12 N2 O2'  204.225 
TYR 'L-peptide linking' y TYROSINE        ? 'C9 H11 N O3'    181.189 
VAL 'L-peptide linking' y VALINE          ? 'C5 H11 N O2'    117.146 
# 
_exptl.entry_id          3AG7 
_exptl.method            'X-RAY DIFFRACTION' 
_exptl.crystals_number   1 
# 
_exptl_crystal.id                    1 
_exptl_crystal.density_meas          ? 
_exptl_crystal.density_Matthews      1.85 
_exptl_crystal.density_percent_sol   33.45 
_exptl_crystal.description           ? 
_exptl_crystal.F_000                 ? 
_exptl_crystal.preparation           ? 
# 
_exptl_crystal_grow.crystal_id      1 
_exptl_crystal_grow.method          'VAPOR DIFFUSION, SITTING DROP' 
_exptl_crystal_grow.temp            293 
_exptl_crystal_grow.temp_details    ? 
_exptl_crystal_grow.pH              7.0 
_exptl_crystal_grow.pdbx_details    
'0.1M HEPES, 30% (v/v) Jeffamine ED-2001, pH 7.0, VAPOR DIFFUSION, SITTING DROP, temperature 293K' 
_exptl_crystal_grow.pdbx_pH_range   ? 
# 
_diffrn.id                     1 
_diffrn.ambient_temp           95 
_diffrn.ambient_temp_details   ? 
_diffrn.crystal_id             1 
# 
_diffrn_detector.diffrn_id              1 
_diffrn_detector.detector               CCD 
_diffrn_detector.type                   'ADSC QUANTUM 315r' 
_diffrn_detector.pdbx_collection_date   2009-05-24 
_diffrn_detector.details                ? 
# 
_diffrn_radiation.diffrn_id                        1 
_diffrn_radiation.wavelength_id                    1 
_diffrn_radiation.pdbx_monochromatic_or_laue_m_l   M 
_diffrn_radiation.monochromator                    ? 
_diffrn_radiation.pdbx_diffrn_protocol             'SINGLE WAVELENGTH' 
_diffrn_radiation.pdbx_scattering_type             x-ray 
# 
_diffrn_radiation_wavelength.id           1 
_diffrn_radiation_wavelength.wavelength   1 
_diffrn_radiation_wavelength.wt           1.0 
# 
_diffrn_source.diffrn_id                   1 
_diffrn_source.source                      SYNCHROTRON 
_diffrn_source.type                        'PHOTON FACTORY BEAMLINE BL-5A' 
_diffrn_source.pdbx_synchrotron_site       'Photon Factory' 
_diffrn_source.pdbx_synchrotron_beamline   BL-5A 
_diffrn_source.pdbx_wavelength             ? 
_diffrn_source.pdbx_wavelength_list        1 
# 
_reflns.entry_id                     3AG7 
_reflns.observed_criterion_sigma_I   0 
_reflns.observed_criterion_sigma_F   0 
_reflns.d_resolution_low             50 
_reflns.d_resolution_high            1.8 
_reflns.number_obs                   8688 
_reflns.number_all                   ? 
_reflns.percent_possible_obs         99.9 
_reflns.pdbx_Rmerge_I_obs            0.046 
_reflns.pdbx_Rsym_value              0.043 
_reflns.B_iso_Wilson_estimate        18 
_reflns.pdbx_redundancy              6.8 
_reflns.pdbx_netI_over_sigmaI        38.9 
_reflns.R_free_details               ? 
_reflns.limit_h_max                  ? 
_reflns.limit_h_min                  ? 
_reflns.limit_k_max                  ? 
_reflns.limit_k_min                  ? 
_reflns.limit_l_max                  ? 
_reflns.limit_l_min                  ? 
_reflns.observed_criterion_F_max     ? 
_reflns.observed_criterion_F_min     ? 
_reflns.pdbx_chi_squared             ? 
_reflns.pdbx_scaling_rejects         ? 
_reflns.pdbx_diffrn_id               1 
_reflns.pdbx_ordinal                 1 
# 
_reflns_shell.d_res_high             1.8 
_reflns_shell.d_res_low              1.86 
_reflns_shell.percent_possible_all   100 
_reflns_shell.Rmerge_I_obs           0.174 
_reflns_shell.pdbx_Rsym_value        0.155 
_reflns_shell.meanI_over_sigI_obs    11.3 
_reflns_shell.pdbx_redundancy        7.0 
_reflns_shell.percent_possible_obs   ? 
_reflns_shell.number_unique_all      855 
_reflns_shell.number_measured_all    ? 
_reflns_shell.number_measured_obs    ? 
_reflns_shell.number_unique_obs      ? 
_reflns_shell.pdbx_chi_squared       ? 
_reflns_shell.pdbx_diffrn_id         ? 
_reflns_shell.pdbx_ordinal           1 
# 
_refine.entry_id                                 3AG7 
_refine.ls_number_reflns_obs                     8180 
_refine.ls_number_reflns_all                     8688 
_refine.pdbx_ls_sigma_I                          ? 
_refine.pdbx_ls_sigma_F                          ? 
_refine.pdbx_data_cutoff_high_absF               ? 
_refine.pdbx_data_cutoff_low_absF                ? 
_refine.pdbx_data_cutoff_high_rms_absF           ? 
_refine.ls_d_res_low                             9.98 
_refine.ls_d_res_high                            1.80 
_refine.ls_percent_reflns_obs                    99.86 
_refine.ls_R_factor_obs                          0.17483 
_refine.ls_R_factor_all                          ? 
_refine.ls_R_factor_R_work                       0.17194 
_refine.ls_R_factor_R_free                       0.23070 
_refine.ls_R_factor_R_free_error                 ? 
_refine.ls_R_factor_R_free_error_details         ? 
_refine.ls_percent_reflns_R_free                 4.7 
_refine.ls_number_reflns_R_free                  405 
_refine.ls_number_parameters                     ? 
_refine.ls_number_restraints                     ? 
_refine.occupancy_min                            ? 
_refine.occupancy_max                            ? 
_refine.correlation_coeff_Fo_to_Fc               0.955 
_refine.correlation_coeff_Fo_to_Fc_free          0.910 
_refine.B_iso_mean                               17.121 
_refine.aniso_B[1][1]                            0.01 
_refine.aniso_B[2][2]                            0.02 
_refine.aniso_B[3][3]                            -0.03 
_refine.aniso_B[1][2]                            0.00 
_refine.aniso_B[1][3]                            0.00 
_refine.aniso_B[2][3]                            0.00 
_refine.solvent_model_details                    MASK 
_refine.solvent_model_param_ksol                 ? 
_refine.solvent_model_param_bsol                 ? 
_refine.pdbx_solvent_vdw_probe_radii             1.40 
_refine.pdbx_solvent_ion_probe_radii             0.80 
_refine.pdbx_solvent_shrinkage_radii             0.80 
_refine.pdbx_ls_cross_valid_method               THROUGHOUT 
_refine.details                                  'HYDROGENS HAVE BEEN ADDED IN THE RIDING POSITIONS' 
_refine.pdbx_starting_model                      'PDB entry 2QWN' 
_refine.pdbx_method_to_determine_struct          'MOLECULAR REPLACEMENT' 
_refine.pdbx_isotropic_thermal_model             Isotropic 
_refine.pdbx_stereochemistry_target_values       'MAXIMUM LIKELIHOOD' 
_refine.pdbx_stereochem_target_val_spec_case     ? 
_refine.pdbx_R_Free_selection_details            RANDOM 
_refine.pdbx_overall_ESU_R                       0.145 
_refine.pdbx_overall_ESU_R_Free                  0.143 
_refine.overall_SU_ML                            0.088 
_refine.overall_SU_B                             2.703 
_refine.ls_redundancy_reflns_obs                 ? 
_refine.B_iso_min                                ? 
_refine.B_iso_max                                ? 
_refine.overall_SU_R_Cruickshank_DPI             ? 
_refine.overall_SU_R_free                        ? 
_refine.ls_wR_factor_R_free                      ? 
_refine.ls_wR_factor_R_work                      ? 
_refine.overall_FOM_free_R_set                   ? 
_refine.overall_FOM_work_R_set                   ? 
_refine.pdbx_overall_phase_error                 ? 
_refine.pdbx_refine_id                           'X-RAY DIFFRACTION' 
_refine.pdbx_diffrn_id                           1 
_refine.pdbx_TLS_residual_ADP_flag               ? 
_refine.pdbx_overall_SU_R_free_Cruickshank_DPI   ? 
_refine.pdbx_overall_SU_R_Blow_DPI               ? 
_refine.pdbx_overall_SU_R_free_Blow_DPI          ? 
# 
_refine_hist.pdbx_refine_id                   'X-RAY DIFFRACTION' 
_refine_hist.cycle_id                         LAST 
_refine_hist.pdbx_number_atoms_protein        833 
_refine_hist.pdbx_number_atoms_nucleic_acid   0 
_refine_hist.pdbx_number_atoms_ligand         0 
_refine_hist.number_atoms_solvent             104 
_refine_hist.number_atoms_total               937 
_refine_hist.d_res_high                       1.80 
_refine_hist.d_res_low                        9.98 
# 
loop_
_refine_ls_restr.type 
_refine_ls_restr.dev_ideal 
_refine_ls_restr.dev_ideal_target 
_refine_ls_restr.weight 
_refine_ls_restr.number 
_refine_ls_restr.pdbx_refine_id 
_refine_ls_restr.pdbx_restraint_function 
r_bond_refined_d             0.015  0.022  ? 858  'X-RAY DIFFRACTION' ? 
r_bond_other_d               ?      ?      ? ?    'X-RAY DIFFRACTION' ? 
r_angle_refined_deg          1.420  1.961  ? 1158 'X-RAY DIFFRACTION' ? 
r_angle_other_deg            ?      ?      ? ?    'X-RAY DIFFRACTION' ? 
r_dihedral_angle_1_deg       4.626  5.000  ? 106  'X-RAY DIFFRACTION' ? 
r_dihedral_angle_2_deg       37.103 24.865 ? 37   'X-RAY DIFFRACTION' ? 
r_dihedral_angle_3_deg       15.989 15.000 ? 161  'X-RAY DIFFRACTION' ? 
r_dihedral_angle_4_deg       9.284  15.000 ? 4    'X-RAY DIFFRACTION' ? 
r_chiral_restr               0.099  0.200  ? 122  'X-RAY DIFFRACTION' ? 
r_gen_planes_refined         0.012  0.021  ? 638  'X-RAY DIFFRACTION' ? 
r_gen_planes_other           ?      ?      ? ?    'X-RAY DIFFRACTION' ? 
r_nbd_refined                ?      ?      ? ?    'X-RAY DIFFRACTION' ? 
r_nbd_other                  ?      ?      ? ?    'X-RAY DIFFRACTION' ? 
r_nbtor_refined              ?      ?      ? ?    'X-RAY DIFFRACTION' ? 
r_nbtor_other                ?      ?      ? ?    'X-RAY DIFFRACTION' ? 
r_xyhbond_nbd_refined        ?      ?      ? ?    'X-RAY DIFFRACTION' ? 
r_xyhbond_nbd_other          ?      ?      ? ?    'X-RAY DIFFRACTION' ? 
r_metal_ion_refined          ?      ?      ? ?    'X-RAY DIFFRACTION' ? 
r_metal_ion_other            ?      ?      ? ?    'X-RAY DIFFRACTION' ? 
r_symmetry_vdw_refined       ?      ?      ? ?    'X-RAY DIFFRACTION' ? 
r_symmetry_vdw_other         ?      ?      ? ?    'X-RAY DIFFRACTION' ? 
r_symmetry_hbond_refined     ?      ?      ? ?    'X-RAY DIFFRACTION' ? 
r_symmetry_hbond_other       ?      ?      ? ?    'X-RAY DIFFRACTION' ? 
r_symmetry_metal_ion_refined ?      ?      ? ?    'X-RAY DIFFRACTION' ? 
r_symmetry_metal_ion_other   ?      ?      ? ?    'X-RAY DIFFRACTION' ? 
r_mcbond_it                  1.267  1.500  ? 523  'X-RAY DIFFRACTION' ? 
r_mcbond_other               ?      ?      ? ?    'X-RAY DIFFRACTION' ? 
r_mcangle_it                 2.203  2.000  ? 836  'X-RAY DIFFRACTION' ? 
r_scbond_it                  3.942  3.000  ? 335  'X-RAY DIFFRACTION' ? 
r_scangle_it                 6.492  4.500  ? 321  'X-RAY DIFFRACTION' ? 
r_rigid_bond_restr           ?      ?      ? ?    'X-RAY DIFFRACTION' ? 
r_sphericity_free            ?      ?      ? ?    'X-RAY DIFFRACTION' ? 
r_sphericity_bonded          ?      ?      ? ?    'X-RAY DIFFRACTION' ? 
# 
_refine_ls_shell.pdbx_total_number_of_bins_used   20 
_refine_ls_shell.d_res_high                       1.800 
_refine_ls_shell.d_res_low                        1.845 
_refine_ls_shell.number_reflns_R_work             565 
_refine_ls_shell.R_factor_R_work                  0.169 
_refine_ls_shell.percent_reflns_obs               99.33 
_refine_ls_shell.R_factor_R_free                  0.214 
_refine_ls_shell.R_factor_R_free_error            ? 
_refine_ls_shell.percent_reflns_R_free            ? 
_refine_ls_shell.number_reflns_R_free             30 
_refine_ls_shell.number_reflns_all                ? 
_refine_ls_shell.R_factor_all                     ? 
_refine_ls_shell.number_reflns_obs                565 
_refine_ls_shell.redundancy_reflns_obs            ? 
_refine_ls_shell.pdbx_refine_id                   'X-RAY DIFFRACTION' 
# 
_struct.entry_id                  3AG7 
_struct.title                     'An auxilin-like J-domain containing protein, JAC1 J-domain' 
_struct.pdbx_model_details        ? 
_struct.pdbx_CASP_flag            N 
_struct.pdbx_model_type_details   ? 
# 
_struct_keywords.entry_id        3AG7 
_struct_keywords.pdbx_keywords   'PLANT PROTEIN' 
_struct_keywords.text            
'J-domain, An auxilin-like J-domain containing protein, JAC1, CHLOROPLAST ACCUMULATION RESPONSE, PLANT PROTEIN' 
# 
loop_
_struct_asym.id 
_struct_asym.pdbx_blank_PDB_chainid_flag 
_struct_asym.pdbx_modified 
_struct_asym.entity_id 
_struct_asym.details 
A N N 1 ? 
B N N 2 ? 
# 
_struct_biol.id        1 
_struct_biol.details   ? 
# 
loop_
_struct_conf.conf_type_id 
_struct_conf.id 
_struct_conf.pdbx_PDB_helix_id 
_struct_conf.beg_label_comp_id 
_struct_conf.beg_label_asym_id 
_struct_conf.beg_label_seq_id 
_struct_conf.pdbx_beg_PDB_ins_code 
_struct_conf.end_label_comp_id 
_struct_conf.end_label_asym_id 
_struct_conf.end_label_seq_id 
_struct_conf.pdbx_end_PDB_ins_code 
_struct_conf.beg_auth_comp_id 
_struct_conf.beg_auth_asym_id 
_struct_conf.beg_auth_seq_id 
_struct_conf.end_auth_comp_id 
_struct_conf.end_auth_asym_id 
_struct_conf.end_auth_seq_id 
_struct_conf.pdbx_PDB_helix_class 
_struct_conf.details 
_struct_conf.pdbx_PDB_helix_length 
HELX_P HELX_P1 1 GLY A 4  ? SER A 20  ? GLY A 549 SER A 565 1 ? 17 
HELX_P HELX_P2 2 ASN A 25 ? SER A 31  ? ASN A 570 SER A 576 1 ? 7  
HELX_P HELX_P3 3 THR A 32 ? ILE A 36  ? THR A 577 ILE A 581 5 ? 5  
HELX_P HELX_P4 4 PRO A 47 ? MET A 51  ? PRO A 592 MET A 596 5 ? 5  
HELX_P HELX_P5 5 GLU A 53 ? HIS A 69  ? GLU A 598 HIS A 614 1 ? 17 
HELX_P HELX_P6 6 HIS A 69 ? LYS A 76  ? HIS A 614 LYS A 621 1 ? 8  
HELX_P HELX_P7 7 SER A 79 ? ASN A 101 ? SER A 624 ASN A 646 1 ? 23 
# 
_struct_conf_type.id          HELX_P 
_struct_conf_type.criteria    ? 
_struct_conf_type.reference   ? 
# 
_atom_sites.entry_id                    3AG7 
_atom_sites.fract_transf_matrix[1][1]   -0.00354948 
_atom_sites.fract_transf_matrix[1][2]   -0.01114142 
_atom_sites.fract_transf_matrix[1][3]   0.02853078 
_atom_sites.fract_transf_matrix[2][1]   0.00993067 
_atom_sites.fract_transf_matrix[2][2]   -0.02209899 
_atom_sites.fract_transf_matrix[2][3]   -0.00739431 
_atom_sites.fract_transf_matrix[3][1]   0.01323625 
_atom_sites.fract_transf_matrix[3][2]   0.00477332 
_atom_sites.fract_transf_matrix[3][3]   0.00351071 
_atom_sites.fract_transf_vector[1]      0.258256 
_atom_sites.fract_transf_vector[2]      0.036181 
_atom_sites.fract_transf_vector[3]      0.151934 
# 
loop_
_atom_type.symbol 
C 
N 
O 
S 
# 
loop_
_atom_site.group_PDB 
_atom_site.id 
_atom_site.type_symbol 
_atom_site.label_atom_id 
_atom_site.label_alt_id 
_atom_site.label_comp_id 
_atom_site.label_asym_id 
_atom_site.label_entity_id 
_atom_site.label_seq_id 
_atom_site.pdbx_PDB_ins_code 
_atom_site.Cartn_x 
_atom_site.Cartn_y 
_atom_site.Cartn_z 
_atom_site.occupancy 
_atom_site.B_iso_or_equiv 
_atom_site.pdbx_formal_charge 
_atom_site.auth_seq_id 
_atom_site.auth_comp_id 
_atom_site.auth_asym_id 
_atom_site.auth_atom_id 
_atom_site.pdbx_PDB_model_num 
ATOM   1   N N   . GLY A 1 1   ? -11.016 -10.899 15.810  1.00 18.22 ? 546 GLY A N   1 
ATOM   2   C CA  . GLY A 1 1   ? -10.617 -12.293 15.485  1.00 17.30 ? 546 GLY A CA  1 
ATOM   3   C C   . GLY A 1 1   ? -10.389 -12.307 13.996  1.00 16.68 ? 546 GLY A C   1 
ATOM   4   O O   . GLY A 1 1   ? -10.677 -11.278 13.321  1.00 14.78 ? 546 GLY A O   1 
ATOM   5   N N   . PRO A 1 2   ? -9.854  -13.430 13.469  1.00 15.63 ? 547 PRO A N   1 
ATOM   6   C CA  . PRO A 1 2   ? -9.657  -13.546 12.019  1.00 14.56 ? 547 PRO A CA  1 
ATOM   7   C C   . PRO A 1 2   ? -10.950 -13.351 11.261  1.00 14.28 ? 547 PRO A C   1 
ATOM   8   O O   . PRO A 1 2   ? -11.930 -14.034 11.563  1.00 13.27 ? 547 PRO A O   1 
ATOM   9   C CB  . PRO A 1 2   ? -9.178  -14.981 11.846  1.00 15.48 ? 547 PRO A CB  1 
ATOM   10  C CG  . PRO A 1 2   ? -8.370  -15.237 13.110  1.00 16.98 ? 547 PRO A CG  1 
ATOM   11  C CD  . PRO A 1 2   ? -9.168  -14.514 14.209  1.00 17.94 ? 547 PRO A CD  1 
ATOM   12  N N   . LEU A 1 3   ? -10.954 -12.416 10.305  1.00 12.85 ? 548 LEU A N   1 
ATOM   13  C CA  . LEU A 1 3   ? -12.132 -12.120 9.508   1.00 12.96 ? 548 LEU A CA  1 
ATOM   14  C C   . LEU A 1 3   ? -13.409 -11.778 10.314  1.00 11.88 ? 548 LEU A C   1 
ATOM   15  O O   . LEU A 1 3   ? -14.515 -11.817 9.767   1.00 11.22 ? 548 LEU A O   1 
ATOM   16  C CB  . LEU A 1 3   ? -12.403 -13.236 8.500   1.00 13.62 ? 548 LEU A CB  1 
ATOM   17  C CG  . LEU A 1 3   ? -11.235 -13.616 7.569   1.00 16.08 ? 548 LEU A CG  1 
ATOM   18  C CD1 . LEU A 1 3   ? -11.732 -14.631 6.534   1.00 18.66 ? 548 LEU A CD1 1 
ATOM   19  C CD2 . LEU A 1 3   ? -10.557 -12.401 6.889   1.00 16.64 ? 548 LEU A CD2 1 
ATOM   20  N N   . GLY A 1 4   ? -13.245 -11.334 11.562  1.00 12.29 ? 549 GLY A N   1 
ATOM   21  C CA  . GLY A 1 4   ? -14.406 -10.968 12.387  1.00 13.11 ? 549 GLY A CA  1 
ATOM   22  C C   . GLY A 1 4   ? -15.084 -9.741  11.781  1.00 13.73 ? 549 GLY A C   1 
ATOM   23  O O   . GLY A 1 4   ? -14.398 -8.836  11.320  1.00 14.28 ? 549 GLY A O   1 
ATOM   24  N N   . SER A 1 5   ? -16.412 -9.689  11.778  1.00 13.66 ? 550 SER A N   1 
ATOM   25  C CA  . SER A 1 5   ? -17.068 -8.585  11.047  1.00 14.97 ? 550 SER A CA  1 
ATOM   26  C C   . SER A 1 5   ? -16.660 -7.190  11.548  1.00 15.17 ? 550 SER A C   1 
ATOM   27  O O   . SER A 1 5   ? -16.476 -6.265  10.743  1.00 13.70 ? 550 SER A O   1 
ATOM   28  C CB  . SER A 1 5   ? -18.599 -8.738  11.014  1.00 16.54 ? 550 SER A CB  1 
ATOM   29  O OG  . SER A 1 5   ? -19.146 -8.603  12.309  1.00 18.41 ? 550 SER A OG  1 
ATOM   30  N N   . GLU A 1 6   ? -16.595 -7.006  12.866  1.00 14.32 ? 551 GLU A N   1 
ATOM   31  C CA  . GLU A 1 6   ? -16.300 -5.678  13.405  1.00 14.14 ? 551 GLU A CA  1 
ATOM   32  C C   . GLU A 1 6   ? -14.853 -5.282  13.072  1.00 13.70 ? 551 GLU A C   1 
ATOM   33  O O   . GLU A 1 6   ? -14.577 -4.145  12.698  1.00 14.43 ? 551 GLU A O   1 
ATOM   34  C CB  . GLU A 1 6   ? -16.545 -5.659  14.904  1.00 17.36 ? 551 GLU A CB  1 
ATOM   35  C CG  . GLU A 1 6   ? -16.560 -4.282  15.518  1.00 21.69 ? 551 GLU A CG  1 
ATOM   36  C CD  . GLU A 1 6   ? -17.103 -4.276  16.941  1.00 30.28 ? 551 GLU A CD  1 
ATOM   37  O OE1 . GLU A 1 6   ? -17.777 -5.260  17.337  1.00 28.76 ? 551 GLU A OE1 1 
ATOM   38  O OE2 . GLU A 1 6   ? -16.862 -3.270  17.650  1.00 32.68 ? 551 GLU A OE2 1 
ATOM   39  N N   . GLU A 1 7   ? -13.956 -6.251  13.132  1.00 12.34 ? 552 GLU A N   1 
ATOM   40  C CA  . GLU A 1 7   ? -12.541 -6.010  12.814  1.00 13.62 ? 552 GLU A CA  1 
ATOM   41  C C   . GLU A 1 7   ? -12.337 -5.675  11.357  1.00 12.40 ? 552 GLU A C   1 
ATOM   42  O O   . GLU A 1 7   ? -11.640 -4.722  11.001  1.00 9.94  ? 552 GLU A O   1 
ATOM   43  C CB  . GLU A 1 7   ? -11.738 -7.236  13.217  1.00 14.41 ? 552 GLU A CB  1 
ATOM   44  C CG  . GLU A 1 7   ? -11.931 -7.551  14.740  1.00 21.94 ? 552 GLU A CG  1 
ATOM   45  C CD  . GLU A 1 7   ? -12.948 -8.697  15.048  1.00 31.20 ? 552 GLU A CD  1 
ATOM   46  O OE1 . GLU A 1 7   ? -14.184 -8.476  15.197  1.00 28.45 ? 552 GLU A OE1 1 
ATOM   47  O OE2 . GLU A 1 7   ? -12.475 -9.833  15.269  1.00 38.74 ? 552 GLU A OE2 1 
ATOM   48  N N   . ILE A 1 8   ? -13.026 -6.414  10.503  1.00 11.01 ? 553 ILE A N   1 
ATOM   49  C CA  . ILE A 1 8   ? -12.942 -6.152  9.082   1.00 11.09 ? 553 ILE A CA  1 
ATOM   50  C C   . ILE A 1 8   ? -13.527 -4.767  8.770   1.00 10.85 ? 553 ILE A C   1 
ATOM   51  O O   . ILE A 1 8   ? -12.943 -4.005  7.986   1.00 10.75 ? 553 ILE A O   1 
ATOM   52  C CB  . ILE A 1 8   ? -13.636 -7.249  8.268   1.00 11.85 ? 553 ILE A CB  1 
ATOM   53  C CG1 . ILE A 1 8   ? -12.850 -8.581  8.333   1.00 10.85 ? 553 ILE A CG1 1 
ATOM   54  C CG2 . ILE A 1 8   ? -13.824 -6.810  6.840   1.00 14.80 ? 553 ILE A CG2 1 
ATOM   55  C CD1 . ILE A 1 8   ? -11.430 -8.532  7.635   1.00 11.55 ? 553 ILE A CD1 1 
ATOM   56  N N   . LYS A 1 9   ? -14.681 -4.422  9.358   1.00 11.08 ? 554 LYS A N   1 
ATOM   57  C CA  . LYS A 1 9   ? -15.263 -3.095  9.044   1.00 12.52 ? 554 LYS A CA  1 
ATOM   58  C C   . LYS A 1 9   ? -14.389 -1.943  9.529   1.00 12.65 ? 554 LYS A C   1 
ATOM   59  O O   . LYS A 1 9   ? -14.284 -0.874  8.856   1.00 12.74 ? 554 LYS A O   1 
ATOM   60  C CB  . LYS A 1 9   ? -16.680 -2.971  9.601   1.00 10.70 ? 554 LYS A CB  1 
ATOM   61  C CG  . LYS A 1 9   ? -17.791 -3.541  8.692   1.00 14.65 ? 554 LYS A CG  1 
ATOM   62  C CD  . LYS A 1 9   ? -17.514 -4.917  8.060   1.00 19.16 ? 554 LYS A CD  1 
ATOM   63  C CE  . LYS A 1 9   ? -18.395 -5.109  6.790   1.00 21.05 ? 554 LYS A CE  1 
ATOM   64  N NZ  . LYS A 1 9   ? -18.525 -6.555  6.420   1.00 24.85 ? 554 LYS A NZ  1 
ATOM   65  N N   . ASN A 1 10  ? -13.722 -2.166  10.656  1.00 12.82 ? 555 ASN A N   1 
ATOM   66  C CA  . ASN A 1 10  ? -12.723 -1.206  11.194  1.00 14.20 ? 555 ASN A CA  1 
ATOM   67  C C   . ASN A 1 10  ? -11.482 -1.025  10.324  1.00 13.44 ? 555 ASN A C   1 
ATOM   68  O O   . ASN A 1 10  ? -11.001 0.087   10.142  1.00 14.19 ? 555 ASN A O   1 
ATOM   69  C CB  . ASN A 1 10  ? -12.293 -1.589  12.612  1.00 15.55 ? 555 ASN A CB  1 
ATOM   70  C CG  . ASN A 1 10  ? -13.363 -1.299  13.649  1.00 17.08 ? 555 ASN A CG  1 
ATOM   71  O OD1 . ASN A 1 10  ? -14.246 -0.468  13.439  1.00 24.79 ? 555 ASN A OD1 1 
ATOM   72  N ND2 . ASN A 1 10  ? -13.264 -1.949  14.784  1.00 19.05 ? 555 ASN A ND2 1 
ATOM   73  N N   . ILE A 1 11  ? -11.018 -2.121  9.742   1.00 12.06 ? 556 ILE A N   1 
ATOM   74  C CA  . ILE A 1 11  ? -9.961  -2.094  8.741   1.00 11.46 ? 556 ILE A CA  1 
ATOM   75  C C   . ILE A 1 11  ? -10.434 -1.348  7.515   1.00 12.45 ? 556 ILE A C   1 
ATOM   76  O O   . ILE A 1 11  ? -9.728  -0.498  7.002   1.00 11.87 ? 556 ILE A O   1 
ATOM   77  C CB  . ILE A 1 11  ? -9.508  -3.537  8.377   1.00 11.94 ? 556 ILE A CB  1 
ATOM   78  C CG1 . ILE A 1 11  ? -8.782  -4.171  9.589   1.00 9.94  ? 556 ILE A CG1 1 
ATOM   79  C CG2 . ILE A 1 11  ? -8.639  -3.535  7.070   1.00 12.12 ? 556 ILE A CG2 1 
ATOM   80  C CD1 . ILE A 1 11  ? -8.509  -5.734  9.407   1.00 10.79 ? 556 ILE A CD1 1 
ATOM   81  N N   . ASP A 1 12  ? -11.625 -1.671  7.025   1.00 11.38 ? 557 ASP A N   1 
ATOM   82  C CA  . ASP A 1 12  ? -12.184 -0.909  5.914   1.00 13.10 ? 557 ASP A CA  1 
ATOM   83  C C   . ASP A 1 12  ? -12.153 0.581   6.181   1.00 11.83 ? 557 ASP A C   1 
ATOM   84  O O   . ASP A 1 12  ? -11.783 1.385   5.300   1.00 13.21 ? 557 ASP A O   1 
ATOM   85  C CB  . ASP A 1 12  ? -13.643 -1.316  5.673   1.00 12.59 ? 557 ASP A CB  1 
ATOM   86  C CG  . ASP A 1 12  ? -13.770 -2.673  5.023   1.00 18.76 ? 557 ASP A CG  1 
ATOM   87  O OD1 . ASP A 1 12  ? -12.781 -3.146  4.420   1.00 17.02 ? 557 ASP A OD1 1 
ATOM   88  O OD2 . ASP A 1 12  ? -14.894 -3.233  5.074   1.00 18.41 ? 557 ASP A OD2 1 
ATOM   89  N N   . ALA A 1 13  ? -12.611 0.970   7.362   1.00 12.80 ? 558 ALA A N   1 
ATOM   90  C CA  . ALA A 1 13  ? -12.726 2.392   7.698   1.00 14.20 ? 558 ALA A CA  1 
ATOM   91  C C   . ALA A 1 13  ? -11.358 3.074   7.776   1.00 13.00 ? 558 ALA A C   1 
ATOM   92  O O   . ALA A 1 13  ? -11.184 4.197   7.313   1.00 13.53 ? 558 ALA A O   1 
ATOM   93  C CB  . ALA A 1 13  ? -13.492 2.579   8.996   1.00 14.17 ? 558 ALA A CB  1 
ATOM   94  N N   . LYS A 1 14  ? -10.377 2.382   8.330   1.00 12.58 ? 559 LYS A N   1 
ATOM   95  C CA  . LYS A 1 14  ? -9.041  2.963   8.389   1.00 12.54 ? 559 LYS A CA  1 
ATOM   96  C C   . LYS A 1 14  ? -8.465  3.127   7.003   1.00 12.81 ? 559 LYS A C   1 
ATOM   97  O O   . LYS A 1 14  ? -7.826  4.136   6.710   1.00 12.84 ? 559 LYS A O   1 
ATOM   98  C CB  . LYS A 1 14  ? -8.070  2.203   9.284   1.00 11.80 ? 559 LYS A CB  1 
ATOM   99  C CG  . LYS A 1 14  ? -6.758  3.018   9.483   1.00 16.63 ? 559 LYS A CG  1 
ATOM   100 C CD  . LYS A 1 14  ? -5.812  2.318   10.420  1.00 22.52 ? 559 LYS A CD  1 
ATOM   101 C CE  . LYS A 1 14  ? -4.625  3.203   10.823  1.00 23.50 ? 559 LYS A CE  1 
ATOM   102 N NZ  . LYS A 1 14  ? -3.716  2.420   11.720  1.00 25.26 ? 559 LYS A NZ  1 
ATOM   103 N N   . ILE A 1 15  ? -8.704  2.148   6.139   1.00 12.64 ? 560 ILE A N   1 
ATOM   104 C CA  . ILE A 1 15  ? -8.186  2.268   4.797   1.00 13.21 ? 560 ILE A CA  1 
ATOM   105 C C   . ILE A 1 15  ? -8.855  3.416   4.040   1.00 13.54 ? 560 ILE A C   1 
ATOM   106 O O   . ILE A 1 15  ? -8.174  4.165   3.329   1.00 14.54 ? 560 ILE A O   1 
ATOM   107 C CB  . ILE A 1 15  ? -8.302  0.960   4.021   1.00 12.68 ? 560 ILE A CB  1 
ATOM   108 C CG1 . ILE A 1 15  ? -7.370  -0.071  4.673   1.00 13.57 ? 560 ILE A CG1 1 
ATOM   109 C CG2 . ILE A 1 15  ? -7.876  1.215   2.554   1.00 14.59 ? 560 ILE A CG2 1 
ATOM   110 C CD1 . ILE A 1 15  ? -7.638  -1.461  4.205   1.00 19.33 ? 560 ILE A CD1 1 
ATOM   111 N N   . ARG A 1 16  ? -10.161 3.603   4.260   1.00 14.42 ? 561 ARG A N   1 
ATOM   112 C CA  . ARG A 1 16  ? -10.897 4.735   3.634   1.00 15.07 ? 561 ARG A CA  1 
ATOM   113 C C   . ARG A 1 16  ? -10.362 6.087   4.079   1.00 14.22 ? 561 ARG A C   1 
ATOM   114 O O   . ARG A 1 16  ? -10.171 6.982   3.245   1.00 16.91 ? 561 ARG A O   1 
ATOM   115 C CB  . ARG A 1 16  ? -12.406 4.663   3.921   1.00 14.72 ? 561 ARG A CB  1 
ATOM   116 C CG  . ARG A 1 16  ? -13.171 3.707   3.012   1.00 20.91 ? 561 ARG A CG  1 
ATOM   117 C CD  . ARG A 1 16  ? -14.687 3.769   3.304   1.00 25.70 ? 561 ARG A CD  1 
ATOM   118 N NE  . ARG A 1 16  ? -15.038 3.781   4.732   1.00 31.74 ? 561 ARG A NE  1 
ATOM   119 C CZ  . ARG A 1 16  ? -15.569 2.738   5.382   1.00 27.47 ? 561 ARG A CZ  1 
ATOM   120 N NH1 . ARG A 1 16  ? -15.789 1.616   4.743   1.00 23.70 ? 561 ARG A NH1 1 
ATOM   121 N NH2 . ARG A 1 16  ? -15.868 2.818   6.664   1.00 29.65 ? 561 ARG A NH2 1 
ATOM   122 N N   . LYS A 1 17  ? -10.089 6.230   5.372   1.00 13.03 ? 562 LYS A N   1 
ATOM   123 C CA  . LYS A 1 17  ? -9.622  7.486   5.943   1.00 15.35 ? 562 LYS A CA  1 
ATOM   124 C C   . LYS A 1 17  ? -8.210  7.723   5.421   1.00 15.99 ? 562 LYS A C   1 
ATOM   125 O O   . LYS A 1 17  ? -7.894  8.811   4.959   1.00 15.45 ? 562 LYS A O   1 
ATOM   126 C CB  . LYS A 1 17  ? -9.678  7.456   7.475   1.00 17.33 ? 562 LYS A CB  1 
ATOM   127 C CG  . LYS A 1 17  ? -8.908  8.559   8.181   1.00 23.85 ? 562 LYS A CG  1 
ATOM   128 C CD  . LYS A 1 17  ? -8.561  8.204   9.650   1.00 30.05 ? 562 LYS A CD  1 
ATOM   129 C CE  . LYS A 1 17  ? -7.739  6.894   9.825   1.00 34.50 ? 562 LYS A CE  1 
ATOM   130 N NZ  . LYS A 1 17  ? -6.616  6.597   8.834   1.00 32.65 ? 562 LYS A NZ  1 
ATOM   131 N N   . TRP A 1 18  ? -7.413  6.659   5.378   1.00 12.50 ? 563 TRP A N   1 
ATOM   132 C CA  . TRP A 1 18  ? -6.030  6.794   4.907   1.00 12.01 ? 563 TRP A CA  1 
ATOM   133 C C   . TRP A 1 18  ? -5.935  7.163   3.417   1.00 11.73 ? 563 TRP A C   1 
ATOM   134 O O   . TRP A 1 18  ? -5.113  8.000   3.020   1.00 12.78 ? 563 TRP A O   1 
ATOM   135 C CB  . TRP A 1 18  ? -5.227  5.553   5.260   1.00 9.77  ? 563 TRP A CB  1 
ATOM   136 C CG  . TRP A 1 18  ? -3.815  5.570   4.666   1.00 10.46 ? 563 TRP A CG  1 
ATOM   137 C CD1 . TRP A 1 18  ? -2.713  6.190   5.186   1.00 11.97 ? 563 TRP A CD1 1 
ATOM   138 C CD2 . TRP A 1 18  ? -3.387  4.910   3.490   1.00 13.20 ? 563 TRP A CD2 1 
ATOM   139 N NE1 . TRP A 1 18  ? -1.637  6.004   4.364   1.00 11.94 ? 563 TRP A NE1 1 
ATOM   140 C CE2 . TRP A 1 18  ? -2.023  5.215   3.310   1.00 10.65 ? 563 TRP A CE2 1 
ATOM   141 C CE3 . TRP A 1 18  ? -4.029  4.098   2.553   1.00 11.11 ? 563 TRP A CE3 1 
ATOM   142 C CZ2 . TRP A 1 18  ? -1.285  4.711   2.239   1.00 11.50 ? 563 TRP A CZ2 1 
ATOM   143 C CZ3 . TRP A 1 18  ? -3.320  3.643   1.484   1.00 13.75 ? 563 TRP A CZ3 1 
ATOM   144 C CH2 . TRP A 1 18  ? -1.960  3.941   1.335   1.00 10.37 ? 563 TRP A CH2 1 
ATOM   145 N N   . SER A 1 19  ? -6.796  6.596   2.593   1.00 10.86 ? 564 SER A N   1 
ATOM   146 C CA  . SER A 1 19  ? -6.618  6.702   1.171   1.00 13.43 ? 564 SER A CA  1 
ATOM   147 C C   . SER A 1 19  ? -7.313  7.942   0.624   1.00 14.25 ? 564 SER A C   1 
ATOM   148 O O   . SER A 1 19  ? -7.119  8.308   -0.543  1.00 15.07 ? 564 SER A O   1 
ATOM   149 C CB  . SER A 1 19  ? -7.131  5.451   0.456   1.00 13.97 ? 564 SER A CB  1 
ATOM   150 O OG  . SER A 1 19  ? -8.544  5.270   0.619   1.00 17.16 ? 564 SER A OG  1 
ATOM   151 N N   . SER A 1 20  ? -8.159  8.548   1.457   1.00 13.57 ? 565 SER A N   1 
ATOM   152 C CA  . SER A 1 20  ? -8.969  9.706   1.008   1.00 13.45 ? 565 SER A CA  1 
ATOM   153 C C   . SER A 1 20  ? -8.098  10.796  0.415   1.00 14.73 ? 565 SER A C   1 
ATOM   154 O O   . SER A 1 20  ? -7.176  11.290  1.073   1.00 14.11 ? 565 SER A O   1 
ATOM   155 C CB  . SER A 1 20  ? -9.725  10.336  2.164   1.00 15.49 ? 565 SER A CB  1 
ATOM   156 O OG  . SER A 1 20  ? -10.595 11.331  1.638   1.00 15.16 ? 565 SER A OG  1 
ATOM   157 N N   . GLY A 1 21  ? -8.443  11.200  -0.805  1.00 13.51 ? 566 GLY A N   1 
ATOM   158 C CA  . GLY A 1 21  ? -7.728  12.281  -1.509  1.00 15.81 ? 566 GLY A CA  1 
ATOM   159 C C   . GLY A 1 21  ? -6.361  11.844  -1.993  1.00 16.79 ? 566 GLY A C   1 
ATOM   160 O O   . GLY A 1 21  ? -5.566  12.679  -2.452  1.00 16.45 ? 566 GLY A O   1 
ATOM   161 N N   . LYS A 1 22  ? -6.097  10.542  -1.907  1.00 16.08 ? 567 LYS A N   1 
ATOM   162 C CA  . LYS A 1 22  ? -4.833  9.975   -2.411  1.00 15.20 ? 567 LYS A CA  1 
ATOM   163 C C   . LYS A 1 22  ? -5.071  9.035   -3.565  1.00 15.03 ? 567 LYS A C   1 
ATOM   164 O O   . LYS A 1 22  ? -4.142  8.646   -4.259  1.00 13.82 ? 567 LYS A O   1 
ATOM   165 C CB  . LYS A 1 22  ? -4.131  9.195   -1.306  1.00 14.36 ? 567 LYS A CB  1 
ATOM   166 C CG  . LYS A 1 22  ? -3.784  10.014  -0.084  1.00 13.74 ? 567 LYS A CG  1 
ATOM   167 C CD  . LYS A 1 22  ? -3.020  9.128   0.875   1.00 12.89 ? 567 LYS A CD  1 
ATOM   168 C CE  . LYS A 1 22  ? -2.679  9.881   2.121   1.00 13.53 ? 567 LYS A CE  1 
ATOM   169 N NZ  . LYS A 1 22  ? -2.318  8.932   3.212   1.00 13.97 ? 567 LYS A NZ  1 
ATOM   170 N N   . SER A 1 23  ? -6.299  8.552   -3.711  1.00 16.30 ? 568 SER A N   1 
ATOM   171 C CA  . SER A 1 23  ? -6.536  7.507   -4.682  1.00 17.28 ? 568 SER A CA  1 
ATOM   172 C C   . SER A 1 23  ? -6.071  7.922   -6.085  1.00 15.98 ? 568 SER A C   1 
ATOM   173 O O   . SER A 1 23  ? -6.203  9.086   -6.486  1.00 15.88 ? 568 SER A O   1 
ATOM   174 C CB  . SER A 1 23  ? -8.001  7.031   -4.659  1.00 21.32 ? 568 SER A CB  1 
ATOM   175 O OG  . SER A 1 23  ? -8.766  7.738   -5.621  1.00 26.34 ? 568 SER A OG  1 
ATOM   176 N N   . GLY A 1 24  ? -5.416  6.991   -6.775  1.00 13.31 ? 569 GLY A N   1 
ATOM   177 C CA  . GLY A 1 24  ? -4.907  7.208   -8.104  1.00 13.34 ? 569 GLY A CA  1 
ATOM   178 C C   . GLY A 1 24  ? -3.540  7.868   -8.174  1.00 11.15 ? 569 GLY A C   1 
ATOM   179 O O   . GLY A 1 24  ? -3.006  8.043   -9.248  1.00 13.61 ? 569 GLY A O   1 
ATOM   180 N N   . ASN A 1 25  ? -3.007  8.279   -7.023  1.00 10.85 ? 570 ASN A N   1 
ATOM   181 C CA  . ASN A 1 25  ? -1.752  9.026   -7.003  1.00 11.64 ? 570 ASN A CA  1 
ATOM   182 C C   . ASN A 1 25  ? -0.656  8.237   -6.325  1.00 9.73  ? 570 ASN A C   1 
ATOM   183 O O   . ASN A 1 25  ? -0.667  8.094   -5.109  1.00 10.91 ? 570 ASN A O   1 
ATOM   184 C CB  . ASN A 1 25  ? -1.931  10.369  -6.288  1.00 11.03 ? 570 ASN A CB  1 
ATOM   185 C CG  . ASN A 1 25  ? -0.687  11.207  -6.373  1.00 15.58 ? 570 ASN A CG  1 
ATOM   186 O OD1 . ASN A 1 25  ? 0.380   10.753  -5.989  1.00 10.70 ? 570 ASN A OD1 1 
ATOM   187 N ND2 . ASN A 1 25  ? -0.795  12.393  -6.972  1.00 14.40 ? 570 ASN A ND2 1 
ATOM   188 N N   . ILE A 1 26  ? 0.308   7.733   -7.103  1.00 9.69  ? 571 ILE A N   1 
ATOM   189 C CA  . ILE A 1 26  ? 1.174   6.677   -6.561  1.00 10.13 ? 571 ILE A CA  1 
ATOM   190 C C   . ILE A 1 26  ? 2.093   7.250   -5.496  1.00 10.08 ? 571 ILE A C   1 
ATOM   191 O O   . ILE A 1 26  ? 2.401   6.585   -4.500  1.00 7.83  ? 571 ILE A O   1 
ATOM   192 C CB  . ILE A 1 26  ? 1.999   5.948   -7.668  1.00 9.49  ? 571 ILE A CB  1 
ATOM   193 C CG1 . ILE A 1 26  ? 2.704   4.679   -7.149  1.00 12.18 ? 571 ILE A CG1 1 
ATOM   194 C CG2 . ILE A 1 26  ? 3.093   6.884   -8.231  1.00 10.15 ? 571 ILE A CG2 1 
ATOM   195 C CD1 . ILE A 1 26  ? 1.811   3.653   -6.459  1.00 13.51 ? 571 ILE A CD1 1 
ATOM   196 N N   . ARG A 1 27  ? 2.541   8.481   -5.697  1.00 10.22 ? 572 ARG A N   1 
ATOM   197 C CA  . ARG A 1 27  ? 3.418   9.085   -4.696  1.00 10.06 ? 572 ARG A CA  1 
ATOM   198 C C   . ARG A 1 27  ? 2.672   9.392   -3.400  1.00 11.04 ? 572 ARG A C   1 
ATOM   199 O O   . ARG A 1 27  ? 3.231   9.285   -2.294  1.00 11.00 ? 572 ARG A O   1 
ATOM   200 C CB  . ARG A 1 27  ? 4.019   10.364  -5.256  1.00 9.02  ? 572 ARG A CB  1 
ATOM   201 C CG  . ARG A 1 27  ? 4.993   10.112  -6.368  1.00 8.95  ? 572 ARG A CG  1 
ATOM   202 C CD  . ARG A 1 27  ? 5.445   11.455  -6.923  1.00 8.49  ? 572 ARG A CD  1 
ATOM   203 N NE  . ARG A 1 27  ? 6.408   11.315  -8.021  1.00 10.20 ? 572 ARG A NE  1 
ATOM   204 C CZ  . ARG A 1 27  ? 6.074   11.293  -9.307  1.00 12.48 ? 572 ARG A CZ  1 
ATOM   205 N NH1 . ARG A 1 27  ? 4.794   11.272  -9.675  1.00 11.77 ? 572 ARG A NH1 1 
ATOM   206 N NH2 . ARG A 1 27  ? 7.022   11.224  -10.244 1.00 15.73 ? 572 ARG A NH2 1 
ATOM   207 N N   . SER A 1 28  ? 1.415   9.817   -3.514  1.00 9.95  ? 573 SER A N   1 
ATOM   208 C CA  . SER A 1 28  ? 0.615   10.091  -2.292  1.00 9.73  ? 573 SER A CA  1 
ATOM   209 C C   . SER A 1 28  ? 0.467   8.839   -1.415  1.00 10.09 ? 573 SER A C   1 
ATOM   210 O O   . SER A 1 28  ? 0.552   8.921   -0.173  1.00 10.34 ? 573 SER A O   1 
ATOM   211 C CB  . SER A 1 28  ? -0.782  10.604  -2.657  1.00 11.47 ? 573 SER A CB  1 
ATOM   212 O OG  . SER A 1 28  ? -0.738  11.903  -3.260  1.00 10.38 ? 573 SER A OG  1 
ATOM   213 N N   . LEU A 1 29  ? 0.241   7.703   -2.065  1.00 11.50 ? 574 LEU A N   1 
ATOM   214 C CA  . LEU A 1 29  ? 0.128   6.407   -1.352  1.00 9.30  ? 574 LEU A CA  1 
ATOM   215 C C   . LEU A 1 29  ? 1.491   5.942   -0.853  1.00 8.75  ? 574 LEU A C   1 
ATOM   216 O O   . LEU A 1 29  ? 1.639   5.654   0.329   1.00 9.87  ? 574 LEU A O   1 
ATOM   217 C CB  . LEU A 1 29  ? -0.467  5.337   -2.253  1.00 9.53  ? 574 LEU A CB  1 
ATOM   218 C CG  . LEU A 1 29  ? -1.872  5.643   -2.801  1.00 11.33 ? 574 LEU A CG  1 
ATOM   219 C CD1 . LEU A 1 29  ? -2.246  4.585   -3.847  1.00 11.71 ? 574 LEU A CD1 1 
ATOM   220 C CD2 . LEU A 1 29  ? -2.953  5.753   -1.666  1.00 10.23 ? 574 LEU A CD2 1 
ATOM   221 N N   . LEU A 1 30  ? 2.489   5.910   -1.730  1.00 9.14  ? 575 LEU A N   1 
ATOM   222 C CA  . LEU A 1 30  ? 3.835   5.415   -1.335  1.00 7.57  ? 575 LEU A CA  1 
ATOM   223 C C   . LEU A 1 30  ? 4.482   6.228   -0.180  1.00 9.31  ? 575 LEU A C   1 
ATOM   224 O O   . LEU A 1 30  ? 5.089   5.644   0.727   1.00 9.51  ? 575 LEU A O   1 
ATOM   225 C CB  . LEU A 1 30  ? 4.808   5.371   -2.523  1.00 10.35 ? 575 LEU A CB  1 
ATOM   226 C CG  . LEU A 1 30  ? 4.509   4.369   -3.645  1.00 9.13  ? 575 LEU A CG  1 
ATOM   227 C CD1 . LEU A 1 30  ? 5.445   4.645   -4.877  1.00 11.82 ? 575 LEU A CD1 1 
ATOM   228 C CD2 . LEU A 1 30  ? 4.637   2.928   -3.112  1.00 14.42 ? 575 LEU A CD2 1 
ATOM   229 N N   . SER A 1 31  ? 4.350   7.545   -0.236  1.00 8.78  ? 576 SER A N   1 
ATOM   230 C CA  . SER A 1 31  ? 4.940   8.460   0.736   1.00 10.53 ? 576 SER A CA  1 
ATOM   231 C C   . SER A 1 31  ? 4.230   8.403   2.112   1.00 11.15 ? 576 SER A C   1 
ATOM   232 O O   . SER A 1 31  ? 4.696   9.029   3.085   1.00 10.63 ? 576 SER A O   1 
ATOM   233 C CB  . SER A 1 31  ? 4.954   9.911   0.206   1.00 9.17  ? 576 SER A CB  1 
ATOM   234 O OG  . SER A 1 31  ? 3.640   10.406  0.113   1.00 10.65 ? 576 SER A OG  1 
ATOM   235 N N   . THR A 1 32  ? 3.110   7.697   2.184   1.00 8.33  ? 577 THR A N   1 
ATOM   236 C CA  . THR A 1 32  ? 2.326   7.609   3.427   1.00 9.79  ? 577 THR A CA  1 
ATOM   237 C C   . THR A 1 32  ? 1.986   6.165   3.872   1.00 10.80 ? 577 THR A C   1 
ATOM   238 O O   . THR A 1 32  ? 1.217   5.977   4.818   1.00 11.12 ? 577 THR A O   1 
ATOM   239 C CB  . THR A 1 32  ? 0.989   8.394   3.352   1.00 10.64 ? 577 THR A CB  1 
ATOM   240 O OG1 . THR A 1 32  ? 0.135   7.848   2.317   1.00 12.60 ? 577 THR A OG1 1 
ATOM   241 C CG2 . THR A 1 32  ? 1.247   9.889   3.148   1.00 12.80 ? 577 THR A CG2 1 
ATOM   242 N N   . LEU A 1 33  ? 2.658   5.168   3.296   1.00 10.87 ? 578 LEU A N   1 
ATOM   243 C CA  . LEU A 1 33  ? 2.389   3.774   3.678   1.00 12.16 ? 578 LEU A CA  1 
ATOM   244 C C   . LEU A 1 33  ? 2.634   3.461   5.145   1.00 13.00 ? 578 LEU A C   1 
ATOM   245 O O   . LEU A 1 33  ? 2.005   2.558   5.684   1.00 11.79 ? 578 LEU A O   1 
ATOM   246 C CB  . LEU A 1 33  ? 3.187   2.788   2.818   1.00 12.88 ? 578 LEU A CB  1 
ATOM   247 C CG  . LEU A 1 33  ? 2.567   2.434   1.461   1.00 12.04 ? 578 LEU A CG  1 
ATOM   248 C CD1 . LEU A 1 33  ? 3.567   1.574   0.736   1.00 15.16 ? 578 LEU A CD1 1 
ATOM   249 C CD2 . LEU A 1 33  ? 1.234   1.687   1.624   1.00 12.72 ? 578 LEU A CD2 1 
ATOM   250 N N   . GLN A 1 34  ? 3.491   4.240   5.800   1.00 13.13 ? 579 GLN A N   1 
ATOM   251 C CA  . GLN A 1 34  ? 3.870   3.992   7.199   1.00 14.09 ? 579 GLN A CA  1 
ATOM   252 C C   . GLN A 1 34  ? 2.699   4.300   8.123   1.00 14.55 ? 579 GLN A C   1 
ATOM   253 O O   . GLN A 1 34  ? 2.691   3.897   9.289   1.00 15.05 ? 579 GLN A O   1 
ATOM   254 C CB  . GLN A 1 34  ? 5.122   4.810   7.575   1.00 13.63 ? 579 GLN A CB  1 
ATOM   255 C CG  . GLN A 1 34  ? 4.942   6.309   7.512   1.00 15.27 ? 579 GLN A CG  1 
ATOM   256 C CD  . GLN A 1 34  ? 5.391   6.911   6.181   1.00 15.18 ? 579 GLN A CD  1 
ATOM   257 O OE1 . GLN A 1 34  ? 5.037   6.426   5.101   1.00 14.56 ? 579 GLN A OE1 1 
ATOM   258 N NE2 . GLN A 1 34  ? 6.179   7.998   6.260   1.00 17.08 ? 579 GLN A NE2 1 
ATOM   259 N N   . TYR A 1 35  ? 1.694   4.965   7.563   1.00 12.29 ? 580 TYR A N   1 
ATOM   260 C CA  . TYR A 1 35  ? 0.515   5.365   8.333   1.00 13.14 ? 580 TYR A CA  1 
ATOM   261 C C   . TYR A 1 35  ? -0.626  4.364   8.173   1.00 12.83 ? 580 TYR A C   1 
ATOM   262 O O   . TYR A 1 35  ? -1.660  4.508   8.803   1.00 14.37 ? 580 TYR A O   1 
ATOM   263 C CB  . TYR A 1 35  ? 0.062   6.766   7.946   1.00 13.57 ? 580 TYR A CB  1 
ATOM   264 C CG  . TYR A 1 35  ? 1.074   7.820   8.341   1.00 17.24 ? 580 TYR A CG  1 
ATOM   265 C CD1 . TYR A 1 35  ? 1.261   8.153   9.678   1.00 23.21 ? 580 TYR A CD1 1 
ATOM   266 C CD2 . TYR A 1 35  ? 1.866   8.431   7.385   1.00 19.38 ? 580 TYR A CD2 1 
ATOM   267 C CE1 . TYR A 1 35  ? 2.200   9.087   10.052  1.00 27.93 ? 580 TYR A CE1 1 
ATOM   268 C CE2 . TYR A 1 35  ? 2.814   9.360   7.747   1.00 24.26 ? 580 TYR A CE2 1 
ATOM   269 C CZ  . TYR A 1 35  ? 2.978   9.686   9.076   1.00 31.15 ? 580 TYR A CZ  1 
ATOM   270 O OH  . TYR A 1 35  ? 3.917   10.633  9.437   1.00 37.76 ? 580 TYR A OH  1 
ATOM   271 N N   . ILE A 1 36  ? -0.449  3.344   7.342   1.00 12.25 ? 581 ILE A N   1 
ATOM   272 C CA  . ILE A 1 36  ? -1.499  2.322   7.176   1.00 13.19 ? 581 ILE A CA  1 
ATOM   273 C C   . ILE A 1 36  ? -0.953  0.914   7.448   1.00 15.78 ? 581 ILE A C   1 
ATOM   274 O O   . ILE A 1 36  ? -1.660  0.048   7.978   1.00 15.11 ? 581 ILE A O   1 
ATOM   275 C CB  . ILE A 1 36  ? -2.223  2.437   5.786   1.00 11.99 ? 581 ILE A CB  1 
ATOM   276 C CG1 . ILE A 1 36  ? -3.488  1.555   5.697   1.00 12.70 ? 581 ILE A CG1 1 
ATOM   277 C CG2 . ILE A 1 36  ? -1.312  2.144   4.638   1.00 9.74  ? 581 ILE A CG2 1 
ATOM   278 C CD1 . ILE A 1 36  ? -4.598  1.980   6.655   1.00 14.32 ? 581 ILE A CD1 1 
ATOM   279 N N   . LEU A 1 37  ? 0.321   0.679   7.169   1.00 14.92 ? 582 LEU A N   1 
ATOM   280 C CA  . LEU A 1 37  ? 0.832   -0.667  7.403   1.00 16.06 ? 582 LEU A CA  1 
ATOM   281 C C   . LEU A 1 37  ? 1.099   -0.973  8.882   1.00 16.94 ? 582 LEU A C   1 
ATOM   282 O O   . LEU A 1 37  ? 1.416   -0.081  9.674   1.00 15.61 ? 582 LEU A O   1 
ATOM   283 C CB  . LEU A 1 37  ? 2.100   -0.888  6.587   1.00 15.70 ? 582 LEU A CB  1 
ATOM   284 C CG  . LEU A 1 37  ? 1.870   -0.773  5.068   1.00 14.69 ? 582 LEU A CG  1 
ATOM   285 C CD1 . LEU A 1 37  ? 3.136   -1.039  4.372   1.00 15.54 ? 582 LEU A CD1 1 
ATOM   286 C CD2 . LEU A 1 37  ? 0.781   -1.763  4.619   1.00 21.74 ? 582 LEU A CD2 1 
ATOM   287 N N   . TRP A 1 38  ? 1.008   -2.251  9.239   1.00 19.27 ? 583 TRP A N   1 
ATOM   288 C CA  . TRP A 1 38  ? 1.310   -2.694  10.603  1.00 20.69 ? 583 TRP A CA  1 
ATOM   289 C C   . TRP A 1 38  ? 2.803   -2.665  10.932  1.00 22.28 ? 583 TRP A C   1 
ATOM   290 O O   . TRP A 1 38  ? 3.644   -2.593  10.030  1.00 22.24 ? 583 TRP A O   1 
ATOM   291 C CB  . TRP A 1 38  ? 0.781   -4.110  10.803  1.00 20.38 ? 583 TRP A CB  1 
ATOM   292 C CG  . TRP A 1 38  ? 1.285   -5.066  9.797   1.00 18.40 ? 583 TRP A CG  1 
ATOM   293 C CD1 . TRP A 1 38  ? 2.433   -5.831  9.867   1.00 13.52 ? 583 TRP A CD1 1 
ATOM   294 C CD2 . TRP A 1 38  ? 0.703   -5.336  8.528   1.00 15.85 ? 583 TRP A CD2 1 
ATOM   295 N NE1 . TRP A 1 38  ? 2.570   -6.567  8.711   1.00 17.21 ? 583 TRP A NE1 1 
ATOM   296 C CE2 . TRP A 1 38  ? 1.500   -6.309  7.896   1.00 16.97 ? 583 TRP A CE2 1 
ATOM   297 C CE3 . TRP A 1 38  ? -0.463  -4.901  7.891   1.00 19.29 ? 583 TRP A CE3 1 
ATOM   298 C CZ2 . TRP A 1 38  ? 1.209   -6.802  6.612   1.00 20.47 ? 583 TRP A CZ2 1 
ATOM   299 C CZ3 . TRP A 1 38  ? -0.760  -5.397  6.631   1.00 20.30 ? 583 TRP A CZ3 1 
ATOM   300 C CH2 . TRP A 1 38  ? 0.053   -6.360  6.017   1.00 21.42 ? 583 TRP A CH2 1 
ATOM   301 N N   . SER A 1 39  ? 3.131   -2.810  12.220  1.00 23.97 ? 584 SER A N   1 
ATOM   302 C CA  . SER A 1 39  ? 4.533   -2.897  12.665  1.00 24.94 ? 584 SER A CA  1 
ATOM   303 C C   . SER A 1 39  ? 5.345   -4.018  12.013  1.00 25.20 ? 584 SER A C   1 
ATOM   304 O O   . SER A 1 39  ? 4.908   -5.164  11.975  1.00 25.64 ? 584 SER A O   1 
ATOM   305 C CB  . SER A 1 39  ? 4.593   -3.078  14.194  1.00 26.07 ? 584 SER A CB  1 
ATOM   306 O OG  . SER A 1 39  ? 5.429   -2.084  14.746  1.00 31.22 ? 584 SER A OG  1 
ATOM   307 N N   . GLY A 1 40  ? 6.556   -3.706  11.560  1.00 24.84 ? 585 GLY A N   1 
ATOM   308 C CA  . GLY A 1 40  ? 7.466   -4.753  11.079  1.00 24.68 ? 585 GLY A CA  1 
ATOM   309 C C   . GLY A 1 40  ? 6.967   -5.394  9.799   1.00 24.03 ? 585 GLY A C   1 
ATOM   310 O O   . GLY A 1 40  ? 7.353   -6.499  9.469   1.00 23.92 ? 585 GLY A O   1 
ATOM   311 N N   . SER A 1 41  ? 6.169   -4.654  9.039   1.00 23.46 ? 586 SER A N   1 
ATOM   312 C CA  . SER A 1 41  ? 5.827   -5.068  7.685   1.00 23.48 ? 586 SER A CA  1 
ATOM   313 C C   . SER A 1 41  ? 7.111   -5.094  6.876   1.00 23.57 ? 586 SER A C   1 
ATOM   314 O O   . SER A 1 41  ? 7.244   -5.857  5.913   1.00 24.47 ? 586 SER A O   1 
ATOM   315 C CB  . SER A 1 41  ? 4.802   -4.102  7.056   1.00 23.65 ? 586 SER A CB  1 
ATOM   316 O OG  . SER A 1 41  ? 5.281   -2.765  7.022   1.00 23.89 ? 586 SER A OG  1 
ATOM   317 N N   . GLY A 1 42  ? 8.060   -4.253  7.271   1.00 22.93 ? 587 GLY A N   1 
ATOM   318 C CA  . GLY A 1 42  ? 9.278   -4.090  6.525   1.00 22.12 ? 587 GLY A CA  1 
ATOM   319 C C   . GLY A 1 42  ? 9.350   -2.796  5.710   1.00 22.34 ? 587 GLY A C   1 
ATOM   320 O O   . GLY A 1 42  ? 10.380  -2.500  5.087   1.00 20.60 ? 587 GLY A O   1 
ATOM   321 N N   . TRP A 1 43  ? 8.269   -2.021  5.695   1.00 21.30 ? 588 TRP A N   1 
ATOM   322 C CA  . TRP A 1 43  ? 8.258   -0.768  4.913   1.00 19.94 ? 588 TRP A CA  1 
ATOM   323 C C   . TRP A 1 43  ? 9.164   0.296   5.546   1.00 20.28 ? 588 TRP A C   1 
ATOM   324 O O   . TRP A 1 43  ? 8.992   0.661   6.701   1.00 21.77 ? 588 TRP A O   1 
ATOM   325 C CB  . TRP A 1 43  ? 6.825   -0.217  4.755   1.00 19.93 ? 588 TRP A CB  1 
ATOM   326 C CG  . TRP A 1 43  ? 6.785   1.040   3.919   1.00 14.74 ? 588 TRP A CG  1 
ATOM   327 C CD1 . TRP A 1 43  ? 6.605   2.340   4.368   1.00 13.72 ? 588 TRP A CD1 1 
ATOM   328 C CD2 . TRP A 1 43  ? 7.041   1.140   2.511   1.00 13.54 ? 588 TRP A CD2 1 
ATOM   329 N NE1 . TRP A 1 43  ? 6.694   3.217   3.312   1.00 10.35 ? 588 TRP A NE1 1 
ATOM   330 C CE2 . TRP A 1 43  ? 6.998   2.512   2.174   1.00 12.48 ? 588 TRP A CE2 1 
ATOM   331 C CE3 . TRP A 1 43  ? 7.339   0.209   1.505   1.00 13.71 ? 588 TRP A CE3 1 
ATOM   332 C CZ2 . TRP A 1 43  ? 7.164   2.962   0.856   1.00 14.10 ? 588 TRP A CZ2 1 
ATOM   333 C CZ3 . TRP A 1 43  ? 7.551   0.674   0.201   1.00 11.55 ? 588 TRP A CZ3 1 
ATOM   334 C CH2 . TRP A 1 43  ? 7.422   2.031   -0.109  1.00 13.95 ? 588 TRP A CH2 1 
ATOM   335 N N   . LYS A 1 44  ? 10.076  0.847   4.771   1.00 18.42 ? 589 LYS A N   1 
ATOM   336 C CA  . LYS A 1 44  ? 10.833  2.001   5.222   1.00 19.95 ? 589 LYS A CA  1 
ATOM   337 C C   . LYS A 1 44  ? 10.216  3.275   4.640   1.00 18.31 ? 589 LYS A C   1 
ATOM   338 O O   . LYS A 1 44  ? 9.920   3.322   3.472   1.00 16.30 ? 589 LYS A O   1 
ATOM   339 C CB  . LYS A 1 44  ? 12.306  1.845   4.841   1.00 20.31 ? 589 LYS A CB  1 
ATOM   340 C CG  . LYS A 1 44  ? 13.029  0.848   5.770   1.00 27.87 ? 589 LYS A CG  1 
ATOM   341 C CD  . LYS A 1 44  ? 14.374  0.375   5.229   1.00 32.89 ? 589 LYS A CD  1 
ATOM   342 C CE  . LYS A 1 44  ? 14.707  -1.028  5.774   1.00 38.70 ? 589 LYS A CE  1 
ATOM   343 N NZ  . LYS A 1 44  ? 16.109  -1.171  6.311   1.00 40.49 ? 589 LYS A NZ  1 
ATOM   344 N N   . PRO A 1 45  ? 9.953   4.287   5.484   1.00 18.85 ? 590 PRO A N   1 
ATOM   345 C CA  . PRO A 1 45  ? 9.377   5.541   5.004   1.00 15.83 ? 590 PRO A CA  1 
ATOM   346 C C   . PRO A 1 45  ? 10.172  6.186   3.889   1.00 16.10 ? 590 PRO A C   1 
ATOM   347 O O   . PRO A 1 45  ? 11.417  6.187   3.924   1.00 13.97 ? 590 PRO A O   1 
ATOM   348 C CB  . PRO A 1 45  ? 9.358   6.444   6.257   1.00 16.97 ? 590 PRO A CB  1 
ATOM   349 C CG  . PRO A 1 45  ? 10.226  5.804   7.220   1.00 20.69 ? 590 PRO A CG  1 
ATOM   350 C CD  . PRO A 1 45  ? 10.207  4.321   6.930   1.00 19.09 ? 590 PRO A CD  1 
ATOM   351 N N   . VAL A 1 46  ? 9.456   6.783   2.936   1.00 12.84 ? 591 VAL A N   1 
ATOM   352 C CA  . VAL A 1 46  ? 10.100  7.378   1.765   1.00 14.73 ? 591 VAL A CA  1 
ATOM   353 C C   . VAL A 1 46  ? 9.419   8.730   1.554   1.00 14.76 ? 591 VAL A C   1 
ATOM   354 O O   . VAL A 1 46  ? 8.234   8.751   1.278   1.00 15.34 ? 591 VAL A O   1 
ATOM   355 C CB  . VAL A 1 46  ? 9.976   6.493   0.429   1.00 14.64 ? 591 VAL A CB  1 
ATOM   356 C CG1 . VAL A 1 46  ? 10.816  7.121   -0.697  1.00 12.77 ? 591 VAL A CG1 1 
ATOM   357 C CG2 . VAL A 1 46  ? 10.376  5.023   0.619   1.00 20.21 ? 591 VAL A CG2 1 
ATOM   358 N N   . PRO A 1 47  ? 10.151  9.859   1.710   1.00 13.36 ? 592 PRO A N   1 
ATOM   359 C CA  . PRO A 1 47  ? 9.606   11.218  1.581   1.00 14.28 ? 592 PRO A CA  1 
ATOM   360 C C   . PRO A 1 47  ? 9.370   11.554  0.112   1.00 14.22 ? 592 PRO A C   1 
ATOM   361 O O   . PRO A 1 47  ? 9.938   10.887  -0.754  1.00 13.96 ? 592 PRO A O   1 
ATOM   362 C CB  . PRO A 1 47  ? 10.737  12.095  2.129   1.00 14.40 ? 592 PRO A CB  1 
ATOM   363 C CG  . PRO A 1 47  ? 11.982  11.289  1.872   1.00 14.73 ? 592 PRO A CG  1 
ATOM   364 C CD  . PRO A 1 47  ? 11.602  9.861   1.992   1.00 14.93 ? 592 PRO A CD  1 
ATOM   365 N N   . LEU A 1 48  ? 8.543   12.549  -0.183  1.00 13.14 ? 593 LEU A N   1 
ATOM   366 C CA  . LEU A 1 48  ? 8.279   12.903  -1.576  1.00 12.05 ? 593 LEU A CA  1 
ATOM   367 C C   . LEU A 1 48  ? 9.587   13.195  -2.346  1.00 12.45 ? 593 LEU A C   1 
ATOM   368 O O   . LEU A 1 48  ? 9.692   12.883  -3.523  1.00 12.14 ? 593 LEU A O   1 
ATOM   369 C CB  . LEU A 1 48  ? 7.337   14.104  -1.657  1.00 11.83 ? 593 LEU A CB  1 
ATOM   370 C CG  . LEU A 1 48  ? 5.842   13.929  -1.293  1.00 11.68 ? 593 LEU A CG  1 
ATOM   371 C CD1 . LEU A 1 48  ? 5.088   15.275  -1.219  1.00 14.38 ? 593 LEU A CD1 1 
ATOM   372 C CD2 . LEU A 1 48  ? 5.103   12.962  -2.284  1.00 12.87 ? 593 LEU A CD2 1 
ATOM   373 N N   . MET A 1 49  ? 10.580  13.776  -1.670  1.00 12.04 ? 594 MET A N   1 
ATOM   374 C CA  . MET A 1 49  ? 11.786  14.181  -2.344  1.00 12.99 ? 594 MET A CA  1 
ATOM   375 C C   . MET A 1 49  ? 12.627  12.999  -2.802  1.00 12.29 ? 594 MET A C   1 
ATOM   376 O O   . MET A 1 49  ? 13.512  13.190  -3.627  1.00 13.39 ? 594 MET A O   1 
ATOM   377 C CB  . MET A 1 49  ? 12.594  15.121  -1.447  1.00 14.53 ? 594 MET A CB  1 
ATOM   378 C CG  . MET A 1 49  ? 11.914  16.510  -1.362  1.00 15.03 ? 594 MET A CG  1 
ATOM   379 S SD  . MET A 1 49  ? 12.179  17.517  -2.855  1.00 17.51 ? 594 MET A SD  1 
ATOM   380 C CE  . MET A 1 49  ? 13.900  17.930  -2.693  1.00 16.09 ? 594 MET A CE  1 
ATOM   381 N N   . ASP A 1 50  ? 12.352  11.801  -2.275  1.00 11.85 ? 595 ASP A N   1 
ATOM   382 C CA  . ASP A 1 50  ? 13.059  10.600  -2.691  1.00 11.19 ? 595 ASP A CA  1 
ATOM   383 C C   . ASP A 1 50  ? 12.287  9.768   -3.722  1.00 11.47 ? 595 ASP A C   1 
ATOM   384 O O   . ASP A 1 50  ? 12.688  8.654   -4.061  1.00 12.35 ? 595 ASP A O   1 
ATOM   385 C CB  . ASP A 1 50  ? 13.418  9.709   -1.497  1.00 13.96 ? 595 ASP A CB  1 
ATOM   386 C CG  . ASP A 1 50  ? 14.481  10.306  -0.601  1.00 17.53 ? 595 ASP A CG  1 
ATOM   387 O OD1 . ASP A 1 50  ? 15.184  11.255  -1.011  1.00 17.24 ? 595 ASP A OD1 1 
ATOM   388 O OD2 . ASP A 1 50  ? 14.629  9.771   0.514   1.00 17.77 ? 595 ASP A OD2 1 
ATOM   389 N N   . MET A 1 51  ? 11.207  10.323  -4.252  1.00 11.55 ? 596 MET A N   1 
ATOM   390 C CA  . MET A 1 51  ? 10.400  9.623   -5.259  1.00 11.83 ? 596 MET A CA  1 
ATOM   391 C C   . MET A 1 51  ? 9.971   10.602  -6.345  1.00 13.55 ? 596 MET A C   1 
ATOM   392 O O   . MET A 1 51  ? 8.780   10.701  -6.707  1.00 12.96 ? 596 MET A O   1 
ATOM   393 C CB  . MET A 1 51  ? 9.199   8.904   -4.605  1.00 10.80 ? 596 MET A CB  1 
ATOM   394 C CG  . MET A 1 51  ? 8.255   9.824   -3.833  1.00 12.25 ? 596 MET A CG  1 
ATOM   395 S SD  . MET A 1 51  ? 6.810   8.953   -3.158  1.00 16.92 ? 596 MET A SD  1 
ATOM   396 C CE  . MET A 1 51  ? 7.571   7.898   -1.948  1.00 15.29 ? 596 MET A CE  1 
ATOM   397 N N   . ILE A 1 52  ? 10.952  11.377  -6.811  1.00 12.23 ? 597 ILE A N   1 
ATOM   398 C CA  . ILE A 1 52  ? 10.717  12.441  -7.809  1.00 13.75 ? 597 ILE A CA  1 
ATOM   399 C C   . ILE A 1 52  ? 10.846  11.857  -9.221  1.00 13.24 ? 597 ILE A C   1 
ATOM   400 O O   . ILE A 1 52  ? 9.859   11.815  -9.991  1.00 13.86 ? 597 ILE A O   1 
ATOM   401 C CB  . ILE A 1 52  ? 11.734  13.620  -7.633  1.00 15.04 ? 597 ILE A CB  1 
ATOM   402 C CG1 . ILE A 1 52  ? 11.536  14.326  -6.266  1.00 16.06 ? 597 ILE A CG1 1 
ATOM   403 C CG2 . ILE A 1 52  ? 11.556  14.612  -8.776  1.00 14.39 ? 597 ILE A CG2 1 
ATOM   404 C CD1 . ILE A 1 52  ? 10.160  15.013  -6.081  1.00 15.95 ? 597 ILE A CD1 1 
ATOM   405 N N   . GLU A 1 53  ? 12.031  11.339  -9.548  1.00 13.61 ? 598 GLU A N   1 
ATOM   406 C CA  . GLU A 1 53  ? 12.264  10.850  -10.900 1.00 13.62 ? 598 GLU A CA  1 
ATOM   407 C C   . GLU A 1 53  ? 11.610  9.498   -11.085 1.00 14.35 ? 598 GLU A C   1 
ATOM   408 O O   . GLU A 1 53  ? 11.320  8.799   -10.101 1.00 13.91 ? 598 GLU A O   1 
ATOM   409 C CB  . GLU A 1 53  ? 13.750  10.801  -11.269 1.00 13.39 ? 598 GLU A CB  1 
ATOM   410 C CG  . GLU A 1 53  ? 14.553  9.647   -10.673 1.00 12.03 ? 598 GLU A CG  1 
ATOM   411 C CD  . GLU A 1 53  ? 15.012  9.913   -9.259  1.00 19.91 ? 598 GLU A CD  1 
ATOM   412 O OE1 . GLU A 1 53  ? 15.831  9.099   -8.747  1.00 21.03 ? 598 GLU A OE1 1 
ATOM   413 O OE2 . GLU A 1 53  ? 14.568  10.928  -8.659  1.00 20.44 ? 598 GLU A OE2 1 
ATOM   414 N N   . GLY A 1 54  ? 11.382  9.138   -12.344 1.00 14.66 ? 599 GLY A N   1 
ATOM   415 C CA  . GLY A 1 54  ? 10.716  7.871   -12.678 1.00 14.85 ? 599 GLY A CA  1 
ATOM   416 C C   . GLY A 1 54  ? 11.294  6.632   -12.003 1.00 14.59 ? 599 GLY A C   1 
ATOM   417 O O   . GLY A 1 54  ? 10.534  5.848   -11.414 1.00 15.91 ? 599 GLY A O   1 
ATOM   418 N N   . ASN A 1 55  ? 12.619  6.429   -12.063 1.00 14.25 ? 600 ASN A N   1 
ATOM   419 C CA  A ASN A 1 55  ? 13.155  5.202   -11.485 0.50 12.97 ? 600 ASN A CA  1 
ATOM   420 C CA  B ASN A 1 55  ? 13.258  5.243   -11.483 0.50 13.45 ? 600 ASN A CA  1 
ATOM   421 C C   . ASN A 1 55  ? 13.001  5.135   -9.977  1.00 12.82 ? 600 ASN A C   1 
ATOM   422 O O   . ASN A 1 55  ? 12.907  4.042   -9.441  1.00 11.94 ? 600 ASN A O   1 
ATOM   423 C CB  A ASN A 1 55  ? 14.603  4.869   -11.884 0.50 13.57 ? 600 ASN A CB  1 
ATOM   424 C CB  B ASN A 1 55  ? 14.783  5.231   -11.721 0.50 14.68 ? 600 ASN A CB  1 
ATOM   425 C CG  A ASN A 1 55  ? 15.131  3.622   -11.159 0.50 14.37 ? 600 ASN A CG  1 
ATOM   426 C CG  B ASN A 1 55  ? 15.170  4.929   -13.160 0.50 16.19 ? 600 ASN A CG  1 
ATOM   427 O OD1 A ASN A 1 55  ? 14.539  2.529   -11.253 0.50 14.06 ? 600 ASN A OD1 1 
ATOM   428 O OD1 B ASN A 1 55  ? 14.324  4.785   -14.030 0.50 16.45 ? 600 ASN A OD1 1 
ATOM   429 N ND2 A ASN A 1 55  ? 16.216  3.792   -10.376 0.50 12.99 ? 600 ASN A ND2 1 
ATOM   430 N ND2 B ASN A 1 55  ? 16.474  4.858   -13.417 0.50 16.84 ? 600 ASN A ND2 1 
ATOM   431 N N   . ALA A 1 56  ? 12.953  6.293   -9.307  1.00 11.45 ? 601 ALA A N   1 
ATOM   432 C CA  . ALA A 1 56  ? 12.752  6.332   -7.840  1.00 11.94 ? 601 ALA A CA  1 
ATOM   433 C C   . ALA A 1 56  ? 11.335  5.887   -7.502  1.00 10.37 ? 601 ALA A C   1 
ATOM   434 O O   . ALA A 1 56  ? 11.113  5.123   -6.541  1.00 10.72 ? 601 ALA A O   1 
ATOM   435 C CB  . ALA A 1 56  ? 13.002  7.714   -7.315  1.00 13.14 ? 601 ALA A CB  1 
ATOM   436 N N   . VAL A 1 57  ? 10.384  6.324   -8.320  1.00 10.54 ? 602 VAL A N   1 
ATOM   437 C CA  . VAL A 1 57  ? 8.982   5.894   -8.125  1.00 10.17 ? 602 VAL A CA  1 
ATOM   438 C C   . VAL A 1 57  ? 8.912   4.379   -8.301  1.00 9.83  ? 602 VAL A C   1 
ATOM   439 O O   . VAL A 1 57  ? 8.328   3.682   -7.476  1.00 9.83  ? 602 VAL A O   1 
ATOM   440 C CB  . VAL A 1 57  ? 8.015   6.612   -9.044  1.00 9.83  ? 602 VAL A CB  1 
ATOM   441 C CG1 . VAL A 1 57  ? 6.599   6.052   -8.853  1.00 11.11 ? 602 VAL A CG1 1 
ATOM   442 C CG2 . VAL A 1 57  ? 8.047   8.136   -8.739  1.00 13.23 ? 602 VAL A CG2 1 
ATOM   443 N N   . ARG A 1 58  ? 9.476   3.889   -9.400  1.00 10.60 ? 603 ARG A N   1 
ATOM   444 C CA  . ARG A 1 58  ? 9.486   2.463   -9.708  1.00 12.04 ? 603 ARG A CA  1 
ATOM   445 C C   . ARG A 1 58  ? 10.168  1.642   -8.644  1.00 12.48 ? 603 ARG A C   1 
ATOM   446 O O   . ARG A 1 58  ? 9.722   0.526   -8.334  1.00 12.91 ? 603 ARG A O   1 
ATOM   447 C CB  . ARG A 1 58  ? 10.062  2.208   -11.109 1.00 11.77 ? 603 ARG A CB  1 
ATOM   448 C CG  . ARG A 1 58  ? 9.217   2.863   -12.164 1.00 13.34 ? 603 ARG A CG  1 
ATOM   449 C CD  . ARG A 1 58  ? 9.569   2.460   -13.595 1.00 19.48 ? 603 ARG A CD  1 
ATOM   450 N NE  . ARG A 1 58  ? 8.503   2.918   -14.504 1.00 23.34 ? 603 ARG A NE  1 
ATOM   451 C CZ  . ARG A 1 58  ? 8.468   4.121   -15.075 1.00 27.17 ? 603 ARG A CZ  1 
ATOM   452 N NH1 . ARG A 1 58  ? 9.468   4.987   -14.896 1.00 26.22 ? 603 ARG A NH1 1 
ATOM   453 N NH2 . ARG A 1 58  ? 7.446   4.460   -15.849 1.00 24.59 ? 603 ARG A NH2 1 
ATOM   454 N N   . LYS A 1 59  ? 11.253  2.171   -8.074  1.00 11.43 ? 604 LYS A N   1 
ATOM   455 C CA  . LYS A 1 59  ? 11.902  1.450   -7.012  1.00 10.93 ? 604 LYS A CA  1 
ATOM   456 C C   . LYS A 1 59  ? 11.042  1.323   -5.747  1.00 9.61  ? 604 LYS A C   1 
ATOM   457 O O   . LYS A 1 59  ? 10.938  0.229   -5.126  1.00 9.30  ? 604 LYS A O   1 
ATOM   458 C CB  . LYS A 1 59  ? 13.235  2.094   -6.689  1.00 11.40 ? 604 LYS A CB  1 
ATOM   459 C CG  . LYS A 1 59  ? 13.968  1.278   -5.659  1.00 18.86 ? 604 LYS A CG  1 
ATOM   460 C CD  . LYS A 1 59  ? 15.414  1.643   -5.673  1.00 29.34 ? 604 LYS A CD  1 
ATOM   461 C CE  . LYS A 1 59  ? 16.223  0.490   -6.226  1.00 30.69 ? 604 LYS A CE  1 
ATOM   462 N NZ  . LYS A 1 59  ? 17.515  0.549   -5.526  1.00 28.51 ? 604 LYS A NZ  1 
ATOM   463 N N   . SER A 1 60  ? 10.392  2.427   -5.392  1.00 11.50 ? 605 SER A N   1 
ATOM   464 C CA  . SER A 1 60  ? 9.554   2.454   -4.203  1.00 10.48 ? 605 SER A CA  1 
ATOM   465 C C   . SER A 1 60  ? 8.314   1.577   -4.425  1.00 10.75 ? 605 SER A C   1 
ATOM   466 O O   . SER A 1 60  ? 7.851   0.862   -3.532  1.00 10.24 ? 605 SER A O   1 
ATOM   467 C CB  . SER A 1 60  ? 9.178   3.899   -3.879  1.00 10.90 ? 605 SER A CB  1 
ATOM   468 O OG  . SER A 1 60  ? 10.247  4.573   -3.234  1.00 11.00 ? 605 SER A OG  1 
ATOM   469 N N   . TYR A 1 61  ? 7.813   1.579   -5.649  1.00 8.88  ? 606 TYR A N   1 
ATOM   470 C CA  . TYR A 1 61  ? 6.704   0.692   -5.982  1.00 10.49 ? 606 TYR A CA  1 
ATOM   471 C C   . TYR A 1 61  ? 7.096   -0.772  -5.846  1.00 10.43 ? 606 TYR A C   1 
ATOM   472 O O   . TYR A 1 61  ? 6.396   -1.566  -5.218  1.00 10.86 ? 606 TYR A O   1 
ATOM   473 C CB  . TYR A 1 61  ? 6.244   0.953   -7.404  1.00 9.34  ? 606 TYR A CB  1 
ATOM   474 C CG  . TYR A 1 61  ? 5.102   0.061   -7.802  1.00 10.51 ? 606 TYR A CG  1 
ATOM   475 C CD1 . TYR A 1 61  ? 3.860   0.198   -7.220  1.00 14.87 ? 606 TYR A CD1 1 
ATOM   476 C CD2 . TYR A 1 61  ? 5.270   -0.910  -8.776  1.00 16.98 ? 606 TYR A CD2 1 
ATOM   477 C CE1 . TYR A 1 61  ? 2.804   -0.628  -7.581  1.00 20.05 ? 606 TYR A CE1 1 
ATOM   478 C CE2 . TYR A 1 61  ? 4.189   -1.734  -9.171  1.00 19.10 ? 606 TYR A CE2 1 
ATOM   479 C CZ  . TYR A 1 61  ? 2.989   -1.595  -8.533  1.00 20.65 ? 606 TYR A CZ  1 
ATOM   480 O OH  . TYR A 1 61  ? 1.903   -2.372  -8.893  1.00 29.28 ? 606 TYR A OH  1 
ATOM   481 N N   . GLN A 1 62  ? 8.270   -1.118  -6.355  1.00 9.95  ? 607 GLN A N   1 
ATOM   482 C CA  . GLN A 1 62  ? 8.779   -2.494  -6.204  1.00 9.75  ? 607 GLN A CA  1 
ATOM   483 C C   . GLN A 1 62  ? 8.830   -2.896  -4.719  1.00 10.35 ? 607 GLN A C   1 
ATOM   484 O O   . GLN A 1 62  ? 8.388   -3.983  -4.315  1.00 11.23 ? 607 GLN A O   1 
ATOM   485 C CB  . GLN A 1 62  ? 10.178  -2.584  -6.833  1.00 11.98 ? 607 GLN A CB  1 
ATOM   486 C CG  . GLN A 1 62  ? 10.812  -3.946  -6.657  1.00 9.39  ? 607 GLN A CG  1 
ATOM   487 C CD  . GLN A 1 62  ? 12.279  -3.900  -6.918  1.00 9.71  ? 607 GLN A CD  1 
ATOM   488 O OE1 . GLN A 1 62  ? 12.732  -3.265  -7.869  1.00 15.23 ? 607 GLN A OE1 1 
ATOM   489 N NE2 . GLN A 1 62  ? 13.017  -4.653  -6.132  1.00 9.40  ? 607 GLN A NE2 1 
ATOM   490 N N   . ARG A 1 63  ? 9.391   -2.029  -3.888  1.00 11.22 ? 608 ARG A N   1 
ATOM   491 C CA  . ARG A 1 63  ? 9.456   -2.311  -2.466  1.00 10.16 ? 608 ARG A CA  1 
ATOM   492 C C   . ARG A 1 63  ? 8.094   -2.563  -1.854  1.00 10.57 ? 608 ARG A C   1 
ATOM   493 O O   . ARG A 1 63  ? 7.966   -3.465  -1.025  1.00 10.89 ? 608 ARG A O   1 
ATOM   494 C CB  . ARG A 1 63  ? 10.229  -1.224  -1.732  1.00 12.37 ? 608 ARG A CB  1 
ATOM   495 C CG  . ARG A 1 63  ? 11.682  -1.198  -2.165  1.00 15.70 ? 608 ARG A CG  1 
ATOM   496 C CD  . ARG A 1 63  ? 12.547  -0.640  -1.037  1.00 26.45 ? 608 ARG A CD  1 
ATOM   497 N NE  . ARG A 1 63  ? 13.962  -0.549  -1.407  1.00 32.56 ? 608 ARG A NE  1 
ATOM   498 C CZ  . ARG A 1 63  ? 14.535  0.568   -1.846  1.00 35.33 ? 608 ARG A CZ  1 
ATOM   499 N NH1 . ARG A 1 63  ? 13.811  1.664   -1.969  1.00 35.19 ? 608 ARG A NH1 1 
ATOM   500 N NH2 . ARG A 1 63  ? 15.823  0.589   -2.183  1.00 37.10 ? 608 ARG A NH2 1 
ATOM   501 N N   . ALA A 1 64  ? 7.097   -1.763  -2.236  1.00 9.76  ? 609 ALA A N   1 
ATOM   502 C CA  . ALA A 1 64  ? 5.722   -1.953  -1.750  1.00 9.38  ? 609 ALA A CA  1 
ATOM   503 C C   . ALA A 1 64  ? 5.135   -3.281  -2.247  1.00 8.56  ? 609 ALA A C   1 
ATOM   504 O O   . ALA A 1 64  ? 4.465   -3.979  -1.497  1.00 10.09 ? 609 ALA A O   1 
ATOM   505 C CB  . ALA A 1 64  ? 4.795   -0.765  -2.163  1.00 8.50  ? 609 ALA A CB  1 
ATOM   506 N N   . LEU A 1 65  ? 5.366   -3.623  -3.505  1.00 9.51  ? 610 LEU A N   1 
ATOM   507 C CA  . LEU A 1 65  ? 4.906   -4.927  -4.037  1.00 11.80 ? 610 LEU A CA  1 
ATOM   508 C C   . LEU A 1 65  ? 5.435   -6.077  -3.212  1.00 13.45 ? 610 LEU A C   1 
ATOM   509 O O   . LEU A 1 65  ? 4.737   -7.066  -2.966  1.00 14.65 ? 610 LEU A O   1 
ATOM   510 C CB  . LEU A 1 65  ? 5.454   -5.141  -5.444  1.00 15.11 ? 610 LEU A CB  1 
ATOM   511 C CG  . LEU A 1 65  ? 4.535   -5.310  -6.639  1.00 20.45 ? 610 LEU A CG  1 
ATOM   512 C CD1 . LEU A 1 65  ? 3.364   -4.340  -6.559  1.00 25.15 ? 610 LEU A CD1 1 
ATOM   513 C CD2 . LEU A 1 65  ? 5.368   -5.095  -7.904  1.00 16.97 ? 610 LEU A CD2 1 
ATOM   514 N N   . LEU A 1 66  ? 6.719   -5.984  -2.873  1.00 12.97 ? 611 LEU A N   1 
ATOM   515 C CA  . LEU A 1 66  ? 7.392   -7.099  -2.229  1.00 14.31 ? 611 LEU A CA  1 
ATOM   516 C C   . LEU A 1 66  ? 6.878   -7.308  -0.829  1.00 15.39 ? 611 LEU A C   1 
ATOM   517 O O   . LEU A 1 66  ? 7.086   -8.398  -0.250  1.00 18.58 ? 611 LEU A O   1 
ATOM   518 C CB  . LEU A 1 66  ? 8.910   -6.903  -2.235  1.00 13.75 ? 611 LEU A CB  1 
ATOM   519 C CG  . LEU A 1 66  ? 9.527   -6.985  -3.630  1.00 15.08 ? 611 LEU A CG  1 
ATOM   520 C CD1 . LEU A 1 66  ? 11.026  -6.778  -3.511  1.00 18.36 ? 611 LEU A CD1 1 
ATOM   521 C CD2 . LEU A 1 66  ? 9.216   -8.312  -4.350  1.00 19.01 ? 611 LEU A CD2 1 
ATOM   522 N N   . ILE A 1 67  ? 6.249   -6.273  -0.269  1.00 13.70 ? 612 ILE A N   1 
ATOM   523 C CA  . ILE A 1 67  ? 5.558   -6.362  1.018   1.00 12.95 ? 612 ILE A CA  1 
ATOM   524 C C   . ILE A 1 67  ? 4.092   -6.773  0.873   1.00 13.81 ? 612 ILE A C   1 
ATOM   525 O O   . ILE A 1 67  ? 3.582   -7.597  1.656   1.00 17.62 ? 612 ILE A O   1 
ATOM   526 C CB  . ILE A 1 67  ? 5.648   -5.035  1.810   1.00 11.72 ? 612 ILE A CB  1 
ATOM   527 C CG1 . ILE A 1 67  ? 7.113   -4.756  2.111   1.00 14.85 ? 612 ILE A CG1 1 
ATOM   528 C CG2 . ILE A 1 67  ? 4.755   -5.066  3.089   1.00 12.66 ? 612 ILE A CG2 1 
ATOM   529 C CD1 . ILE A 1 67  ? 7.411   -3.395  2.770   1.00 17.85 ? 612 ILE A CD1 1 
ATOM   530 N N   . LEU A 1 68  ? 3.409   -6.170  -0.084  1.00 13.16 ? 613 LEU A N   1 
ATOM   531 C CA  . LEU A 1 68  ? 1.940   -6.227  -0.125  1.00 14.85 ? 613 LEU A CA  1 
ATOM   532 C C   . LEU A 1 68  ? 1.371   -7.278  -1.100  1.00 13.11 ? 613 LEU A C   1 
ATOM   533 O O   . LEU A 1 68  ? 0.165   -7.605  -1.079  1.00 15.49 ? 613 LEU A O   1 
ATOM   534 C CB  . LEU A 1 68  ? 1.390   -4.837  -0.475  1.00 13.69 ? 613 LEU A CB  1 
ATOM   535 C CG  . LEU A 1 68  ? 1.447   -3.814  0.645   1.00 19.48 ? 613 LEU A CG  1 
ATOM   536 C CD1 . LEU A 1 68  ? 1.030   -2.467  0.055   1.00 25.37 ? 613 LEU A CD1 1 
ATOM   537 C CD2 . LEU A 1 68  ? 0.546   -4.188  1.836   1.00 25.71 ? 613 LEU A CD2 1 
ATOM   538 N N   . HIS A 1 69  ? 2.222   -7.808  -1.971  1.00 13.96 ? 614 HIS A N   1 
ATOM   539 C CA  . HIS A 1 69  ? 1.768   -8.778  -2.953  1.00 13.29 ? 614 HIS A CA  1 
ATOM   540 C C   . HIS A 1 69  ? 1.214   -9.998  -2.212  1.00 14.57 ? 614 HIS A C   1 
ATOM   541 O O   . HIS A 1 69  ? 1.876   -10.529 -1.319  1.00 13.70 ? 614 HIS A O   1 
ATOM   542 C CB  . HIS A 1 69  ? 2.933   -9.174  -3.891  1.00 12.14 ? 614 HIS A CB  1 
ATOM   543 C CG  . HIS A 1 69  ? 2.512   -10.073 -5.014  1.00 13.61 ? 614 HIS A CG  1 
ATOM   544 N ND1 . HIS A 1 69  ? 2.520   -9.693  -6.344  1.00 14.69 ? 614 HIS A ND1 1 
ATOM   545 C CD2 . HIS A 1 69  ? 2.093   -11.358 -4.994  1.00 11.46 ? 614 HIS A CD2 1 
ATOM   546 C CE1 . HIS A 1 69  ? 2.105   -10.709 -7.085  1.00 9.29  ? 614 HIS A CE1 1 
ATOM   547 N NE2 . HIS A 1 69  ? 1.864   -11.731 -6.289  1.00 14.21 ? 614 HIS A NE2 1 
ATOM   548 N N   . PRO A 1 70  ? -0.003  -10.465 -2.586  1.00 15.45 ? 615 PRO A N   1 
ATOM   549 C CA  . PRO A 1 70  ? -0.655  -11.514 -1.806  1.00 15.70 ? 615 PRO A CA  1 
ATOM   550 C C   . PRO A 1 70  ? 0.215   -12.753 -1.712  1.00 15.16 ? 615 PRO A C   1 
ATOM   551 O O   . PRO A 1 70  ? 0.170   -13.466 -0.708  1.00 15.70 ? 615 PRO A O   1 
ATOM   552 C CB  . PRO A 1 70  ? -1.972  -11.796 -2.598  1.00 14.68 ? 615 PRO A CB  1 
ATOM   553 C CG  . PRO A 1 70  ? -1.751  -11.228 -3.898  1.00 17.08 ? 615 PRO A CG  1 
ATOM   554 C CD  . PRO A 1 70  ? -0.759  -10.144 -3.806  1.00 14.29 ? 615 PRO A CD  1 
ATOM   555 N N   . ASP A 1 71  ? 0.983   -13.028 -2.753  1.00 16.47 ? 616 ASP A N   1 
ATOM   556 C CA  . ASP A 1 71  ? 1.871   -14.188 -2.753  1.00 17.22 ? 616 ASP A CA  1 
ATOM   557 C C   . ASP A 1 71  ? 2.989   -14.029 -1.732  1.00 16.70 ? 616 ASP A C   1 
ATOM   558 O O   . ASP A 1 71  ? 3.372   -14.995 -1.073  1.00 16.92 ? 616 ASP A O   1 
ATOM   559 C CB  . ASP A 1 71  ? 2.476   -14.425 -4.154  1.00 17.99 ? 616 ASP A CB  1 
ATOM   560 C CG  . ASP A 1 71  ? 3.237   -15.746 -4.251  1.00 17.70 ? 616 ASP A CG  1 
ATOM   561 O OD1 . ASP A 1 71  ? 2.641   -16.780 -3.904  1.00 18.49 ? 616 ASP A OD1 1 
ATOM   562 O OD2 . ASP A 1 71  ? 4.416   -15.768 -4.686  1.00 21.60 ? 616 ASP A OD2 1 
ATOM   563 N N   . LYS A 1 72  ? 3.523   -12.815 -1.608  1.00 15.84 ? 617 LYS A N   1 
ATOM   564 C CA  . LYS A 1 72  ? 4.563   -12.531 -0.602  1.00 14.66 ? 617 LYS A CA  1 
ATOM   565 C C   . LYS A 1 72  ? 4.037   -12.631 0.833   1.00 16.57 ? 617 LYS A C   1 
ATOM   566 O O   . LYS A 1 72  ? 4.749   -13.062 1.749   1.00 15.68 ? 617 LYS A O   1 
ATOM   567 C CB  . LYS A 1 72  ? 5.202   -11.140 -0.841  1.00 13.79 ? 617 LYS A CB  1 
ATOM   568 C CG  . LYS A 1 72  ? 6.159   -11.101 -2.017  1.00 18.86 ? 617 LYS A CG  1 
ATOM   569 C CD  . LYS A 1 72  ? 7.575   -11.441 -1.623  1.00 22.67 ? 617 LYS A CD  1 
ATOM   570 C CE  . LYS A 1 72  ? 8.365   -11.879 -2.843  1.00 27.34 ? 617 LYS A CE  1 
ATOM   571 N NZ  . LYS A 1 72  ? 9.618   -12.560 -2.437  1.00 30.52 ? 617 LYS A NZ  1 
ATOM   572 N N   . LEU A 1 73  ? 2.808   -12.185 1.043   1.00 15.39 ? 618 LEU A N   1 
ATOM   573 C CA  . LEU A 1 73  ? 2.241   -12.217 2.382   1.00 17.23 ? 618 LEU A CA  1 
ATOM   574 C C   . LEU A 1 73  ? 2.025   -13.654 2.811   1.00 19.69 ? 618 LEU A C   1 
ATOM   575 O O   . LEU A 1 73  ? 2.250   -14.011 3.987   1.00 18.59 ? 618 LEU A O   1 
ATOM   576 C CB  . LEU A 1 73  ? 0.903   -11.501 2.384   1.00 16.06 ? 618 LEU A CB  1 
ATOM   577 C CG  . LEU A 1 73  ? 1.078   -9.995  2.284   1.00 17.13 ? 618 LEU A CG  1 
ATOM   578 C CD1 . LEU A 1 73  ? -0.185  -9.347  1.727   1.00 21.93 ? 618 LEU A CD1 1 
ATOM   579 C CD2 . LEU A 1 73  ? 1.508   -9.415  3.646   1.00 23.86 ? 618 LEU A CD2 1 
ATOM   580 N N   . GLN A 1 74  ? 1.478   -14.436 1.878   1.00 21.33 ? 619 GLN A N   1 
ATOM   581 C CA  . GLN A 1 74  ? 1.238   -15.862 2.112   1.00 24.69 ? 619 GLN A CA  1 
ATOM   582 C C   . GLN A 1 74  ? 2.587   -16.473 2.445   1.00 24.87 ? 619 GLN A C   1 
ATOM   583 O O   . GLN A 1 74  ? 2.747   -17.118 3.475   1.00 26.79 ? 619 GLN A O   1 
ATOM   584 C CB  . GLN A 1 74  ? 0.628   -16.536 0.866   1.00 25.42 ? 619 GLN A CB  1 
ATOM   585 C CG  . GLN A 1 74  ? 0.796   -18.054 0.810   1.00 31.82 ? 619 GLN A CG  1 
ATOM   586 C CD  . GLN A 1 74  ? -0.100  -18.763 1.792   1.00 39.29 ? 619 GLN A CD  1 
ATOM   587 O OE1 . GLN A 1 74  ? 0.293   -19.775 2.379   1.00 43.62 ? 619 GLN A OE1 1 
ATOM   588 N NE2 . GLN A 1 74  ? -1.312  -18.233 1.989   1.00 43.13 ? 619 GLN A NE2 1 
ATOM   589 N N   . GLN A 1 75  ? 3.578   -16.201 1.614   1.00 24.86 ? 620 GLN A N   1 
ATOM   590 C CA  . GLN A 1 75  ? 4.922   -16.704 1.886   1.00 26.91 ? 620 GLN A CA  1 
ATOM   591 C C   . GLN A 1 75  ? 5.614   -16.207 3.174   1.00 26.24 ? 620 GLN A C   1 
ATOM   592 O O   . GLN A 1 75  ? 6.498   -16.881 3.690   1.00 29.21 ? 620 GLN A O   1 
ATOM   593 C CB  . GLN A 1 75  ? 5.821   -16.669 0.629   1.00 27.26 ? 620 GLN A CB  1 
ATOM   594 C CG  . GLN A 1 75  ? 5.277   -17.554 -0.540  1.00 32.50 ? 620 GLN A CG  1 
ATOM   595 C CD  . GLN A 1 75  ? 5.971   -17.329 -1.907  1.00 41.94 ? 620 GLN A CD  1 
ATOM   596 O OE1 . GLN A 1 75  ? 7.063   -16.740 -1.989  1.00 45.46 ? 620 GLN A OE1 1 
ATOM   597 N NE2 . GLN A 1 75  ? 5.324   -17.807 -2.989  1.00 42.21 ? 620 GLN A NE2 1 
ATOM   598 N N   . LYS A 1 76  ? 5.143   -15.102 3.751   1.00 26.02 ? 621 LYS A N   1 
ATOM   599 C CA  . LYS A 1 76  ? 5.714   -14.524 4.992   1.00 23.35 ? 621 LYS A CA  1 
ATOM   600 C C   . LYS A 1 76  ? 4.900   -14.967 6.235   1.00 22.41 ? 621 LYS A C   1 
ATOM   601 O O   . LYS A 1 76  ? 5.177   -14.527 7.356   1.00 21.76 ? 621 LYS A O   1 
ATOM   602 C CB  . LYS A 1 76  ? 5.688   -12.989 4.944   1.00 26.51 ? 621 LYS A CB  1 
ATOM   603 C CG  . LYS A 1 76  ? 6.822   -12.287 4.160   1.00 28.70 ? 621 LYS A CG  1 
ATOM   604 C CD  . LYS A 1 76  ? 8.173   -12.398 4.873   1.00 31.61 ? 621 LYS A CD  1 
ATOM   605 C CE  . LYS A 1 76  ? 9.215   -11.399 4.341   1.00 31.69 ? 621 LYS A CE  1 
ATOM   606 N NZ  . LYS A 1 76  ? 9.172   -11.394 2.852   1.00 32.31 ? 621 LYS A NZ  1 
ATOM   607 N N   . GLY A 1 77  ? 3.823   -15.707 5.990   1.00 20.45 ? 622 GLY A N   1 
ATOM   608 C CA  . GLY A 1 77  ? 2.949   -16.219 7.042   1.00 19.61 ? 622 GLY A CA  1 
ATOM   609 C C   . GLY A 1 77  ? 2.045   -15.163 7.685   1.00 17.52 ? 622 GLY A C   1 
ATOM   610 O O   . GLY A 1 77  ? 1.719   -15.237 8.868   1.00 18.67 ? 622 GLY A O   1 
ATOM   611 N N   . ALA A 1 78  ? 1.607   -14.192 6.898   1.00 14.95 ? 623 ALA A N   1 
ATOM   612 C CA  . ALA A 1 78  ? 0.707   -13.155 7.407   1.00 12.11 ? 623 ALA A CA  1 
ATOM   613 C C   . ALA A 1 78  ? -0.620  -13.731 7.890   1.00 10.61 ? 623 ALA A C   1 
ATOM   614 O O   . ALA A 1 78  ? -1.063  -14.777 7.407   1.00 12.62 ? 623 ALA A O   1 
ATOM   615 C CB  . ALA A 1 78  ? 0.442   -12.139 6.318   1.00 10.27 ? 623 ALA A CB  1 
ATOM   616 N N   . SER A 1 79  ? -1.277  -12.987 8.780   1.00 9.87  ? 624 SER A N   1 
ATOM   617 C CA  . SER A 1 79  ? -2.593  -13.361 9.315   1.00 9.93  ? 624 SER A CA  1 
ATOM   618 C C   . SER A 1 79  ? -3.694  -13.079 8.267   1.00 10.81 ? 624 SER A C   1 
ATOM   619 O O   . SER A 1 79  ? -3.438  -12.396 7.267   1.00 11.26 ? 624 SER A O   1 
ATOM   620 C CB  . SER A 1 79  ? -2.866  -12.582 10.608  1.00 10.21 ? 624 SER A CB  1 
ATOM   621 O OG  . SER A 1 79  ? -3.266  -11.229 10.315  1.00 13.86 ? 624 SER A OG  1 
ATOM   622 N N   . ALA A 1 80  ? -4.862  -13.697 8.446   1.00 10.60 ? 625 ALA A N   1 
ATOM   623 C CA  . ALA A 1 80  ? -6.029  -13.481 7.546   1.00 11.74 ? 625 ALA A CA  1 
ATOM   624 C C   . ALA A 1 80  ? -6.376  -11.982 7.445   1.00 11.33 ? 625 ALA A C   1 
ATOM   625 O O   . ALA A 1 80  ? -6.673  -11.467 6.359   1.00 11.74 ? 625 ALA A O   1 
ATOM   626 C CB  . ALA A 1 80  ? -7.228  -14.240 8.078   1.00 10.34 ? 625 ALA A CB  1 
ATOM   627 N N   . ASN A 1 81  ? -6.336  -11.277 8.566   1.00 10.61 ? 626 ASN A N   1 
ATOM   628 C CA  . ASN A 1 81  ? -6.688  -9.847  8.562   1.00 9.39  ? 626 ASN A CA  1 
ATOM   629 C C   . ASN A 1 81  ? -5.595  -9.016  7.960   1.00 9.12  ? 626 ASN A C   1 
ATOM   630 O O   . ASN A 1 81  ? -5.880  -8.016  7.284   1.00 10.37 ? 626 ASN A O   1 
ATOM   631 C CB  . ASN A 1 81  ? -7.025  -9.363  9.988   1.00 8.91  ? 626 ASN A CB  1 
ATOM   632 C CG  . ASN A 1 81  ? -8.350  -9.944  10.489  1.00 13.24 ? 626 ASN A CG  1 
ATOM   633 O OD1 . ASN A 1 81  ? -9.084  -10.557 9.712   1.00 12.60 ? 626 ASN A OD1 1 
ATOM   634 N ND2 . ASN A 1 81  ? -8.650  -9.750  11.782  1.00 12.97 ? 626 ASN A ND2 1 
ATOM   635 N N   . GLN A 1 82  ? -4.335  -9.435  8.155   1.00 9.54  ? 627 GLN A N   1 
ATOM   636 C CA  . GLN A 1 82  ? -3.245  -8.741  7.471   1.00 9.33  ? 627 GLN A CA  1 
ATOM   637 C C   . GLN A 1 82  ? -3.424  -8.868  5.950   1.00 8.92  ? 627 GLN A C   1 
ATOM   638 O O   . GLN A 1 82  ? -3.272  -7.890  5.210   1.00 10.27 ? 627 GLN A O   1 
ATOM   639 C CB  . GLN A 1 82  ? -1.857  -9.251  7.918   1.00 10.62 ? 627 GLN A CB  1 
ATOM   640 C CG  . GLN A 1 82  ? -1.467  -8.694  9.314   1.00 12.51 ? 627 GLN A CG  1 
ATOM   641 C CD  . GLN A 1 82  ? -0.149  -9.251  9.791   1.00 8.80  ? 627 GLN A CD  1 
ATOM   642 O OE1 . GLN A 1 82  ? 0.217   -10.348 9.406   1.00 14.36 ? 627 GLN A OE1 1 
ATOM   643 N NE2 . GLN A 1 82  ? 0.571   -8.507  10.643  1.00 10.95 ? 627 GLN A NE2 1 
ATOM   644 N N   . LYS A 1 83  ? -3.762  -10.063 5.500   1.00 8.16  ? 628 LYS A N   1 
ATOM   645 C CA  . LYS A 1 83  ? -3.962  -10.312 4.086   1.00 9.36  ? 628 LYS A CA  1 
ATOM   646 C C   . LYS A 1 83  ? -5.123  -9.502  3.543   1.00 9.96  ? 628 LYS A C   1 
ATOM   647 O O   . LYS A 1 83  ? -5.055  -8.954  2.442   1.00 10.16 ? 628 LYS A O   1 
ATOM   648 C CB  . LYS A 1 83  ? -4.161  -11.804 3.821   1.00 8.29  ? 628 LYS A CB  1 
ATOM   649 C CG  . LYS A 1 83  ? -2.803  -12.518 3.926   1.00 13.11 ? 628 LYS A CG  1 
ATOM   650 C CD  . LYS A 1 83  ? -2.886  -13.989 3.638   1.00 17.27 ? 628 LYS A CD  1 
ATOM   651 C CE  . LYS A 1 83  ? -3.411  -14.764 4.817   1.00 22.74 ? 628 LYS A CE  1 
ATOM   652 N NZ  . LYS A 1 83  ? -3.178  -16.203 4.528   1.00 28.01 ? 628 LYS A NZ  1 
ATOM   653 N N   . TYR A 1 84  ? -6.216  -9.485  4.270   1.00 11.27 ? 629 TYR A N   1 
ATOM   654 C CA  . TYR A 1 84  ? -7.336  -8.618  3.914   1.00 11.92 ? 629 TYR A CA  1 
ATOM   655 C C   . TYR A 1 84  ? -6.944  -7.135  3.778   1.00 12.25 ? 629 TYR A C   1 
ATOM   656 O O   . TYR A 1 84  ? -7.220  -6.506  2.741   1.00 11.10 ? 629 TYR A O   1 
ATOM   657 C CB  . TYR A 1 84  ? -8.482  -8.787  4.927   1.00 10.37 ? 629 TYR A CB  1 
ATOM   658 C CG  . TYR A 1 84  ? -9.695  -7.960  4.589   1.00 10.37 ? 629 TYR A CG  1 
ATOM   659 C CD1 . TYR A 1 84  ? -10.707 -8.472  3.759   1.00 13.64 ? 629 TYR A CD1 1 
ATOM   660 C CD2 . TYR A 1 84  ? -9.772  -6.629  4.957   1.00 9.77  ? 629 TYR A CD2 1 
ATOM   661 C CE1 . TYR A 1 84  ? -11.831 -7.694  3.450   1.00 14.93 ? 629 TYR A CE1 1 
ATOM   662 C CE2 . TYR A 1 84  ? -10.881 -5.867  4.675   1.00 12.16 ? 629 TYR A CE2 1 
ATOM   663 C CZ  . TYR A 1 84  ? -11.895 -6.383  3.896   1.00 14.17 ? 629 TYR A CZ  1 
ATOM   664 O OH  . TYR A 1 84  ? -12.971 -5.579  3.555   1.00 15.10 ? 629 TYR A OH  1 
ATOM   665 N N   . MET A 1 85  ? -6.247  -6.580  4.773   1.00 11.18 ? 630 MET A N   1 
ATOM   666 C CA  . MET A 1 85  ? -5.843  -5.187  4.735   1.00 11.88 ? 630 MET A CA  1 
ATOM   667 C C   . MET A 1 85  ? -4.951  -4.955  3.527   1.00 10.96 ? 630 MET A C   1 
ATOM   668 O O   . MET A 1 85  ? -5.122  -3.971  2.789   1.00 9.80  ? 630 MET A O   1 
ATOM   669 C CB  . MET A 1 85  ? -5.076  -4.851  6.028   1.00 13.33 ? 630 MET A CB  1 
ATOM   670 C CG  . MET A 1 85  ? -5.308  -3.480  6.536   1.00 23.12 ? 630 MET A CG  1 
ATOM   671 S SD  . MET A 1 85  ? -4.340  -3.252  8.028   1.00 31.36 ? 630 MET A SD  1 
ATOM   672 C CE  . MET A 1 85  ? -2.927  -2.470  7.261   1.00 26.29 ? 630 MET A CE  1 
ATOM   673 N N   . ALA A 1 86  ? -3.998  -5.866  3.322   1.00 11.64 ? 631 ALA A N   1 
ATOM   674 C CA  . ALA A 1 86  ? -3.045  -5.740  2.217   1.00 11.69 ? 631 ALA A CA  1 
ATOM   675 C C   . ALA A 1 86  ? -3.766  -5.763  0.869   1.00 12.98 ? 631 ALA A C   1 
ATOM   676 O O   . ALA A 1 86  ? -3.390  -5.067  -0.039  1.00 10.36 ? 631 ALA A O   1 
ATOM   677 C CB  . ALA A 1 86  ? -2.025  -6.856  2.265   1.00 14.06 ? 631 ALA A CB  1 
ATOM   678 N N   . GLU A 1 87  ? -4.763  -6.628  0.733   1.00 12.74 ? 632 GLU A N   1 
ATOM   679 C CA  . GLU A 1 87  ? -5.474  -6.735  -0.534  1.00 12.25 ? 632 GLU A CA  1 
ATOM   680 C C   . GLU A 1 87  ? -6.121  -5.383  -0.873  1.00 12.92 ? 632 GLU A C   1 
ATOM   681 O O   . GLU A 1 87  ? -6.063  -4.911  -2.032  1.00 12.39 ? 632 GLU A O   1 
ATOM   682 C CB  . GLU A 1 87  ? -6.538  -7.832  -0.439  1.00 15.78 ? 632 GLU A CB  1 
ATOM   683 C CG  . GLU A 1 87  ? -7.461  -7.951  -1.643  1.00 16.92 ? 632 GLU A CG  1 
ATOM   684 C CD  . GLU A 1 87  ? -8.575  -8.990  -1.422  1.00 26.18 ? 632 GLU A CD  1 
ATOM   685 O OE1 . GLU A 1 87  ? -9.749  -8.583  -1.342  1.00 30.21 ? 632 GLU A OE1 1 
ATOM   686 O OE2 . GLU A 1 87  ? -8.284  -10.193 -1.242  1.00 32.47 ? 632 GLU A OE2 1 
ATOM   687 N N   . LYS A 1 88  ? -6.674  -4.720  0.141   1.00 12.04 ? 633 LYS A N   1 
ATOM   688 C CA  . LYS A 1 88  ? -7.281  -3.407  -0.125  1.00 10.36 ? 633 LYS A CA  1 
ATOM   689 C C   . LYS A 1 88  ? -6.235  -2.379  -0.492  1.00 11.49 ? 633 LYS A C   1 
ATOM   690 O O   . LYS A 1 88  ? -6.442  -1.599  -1.394  1.00 12.33 ? 633 LYS A O   1 
ATOM   691 C CB  . LYS A 1 88  ? -8.089  -2.922  1.046   1.00 9.72  ? 633 LYS A CB  1 
ATOM   692 C CG  . LYS A 1 88  ? -9.237  -3.836  1.394   1.00 12.97 ? 633 LYS A CG  1 
ATOM   693 C CD  . LYS A 1 88  ? -10.159 -4.042  0.226   1.00 15.72 ? 633 LYS A CD  1 
ATOM   694 C CE  . LYS A 1 88  ? -11.175 -5.132  0.578   1.00 19.80 ? 633 LYS A CE  1 
ATOM   695 N NZ  . LYS A 1 88  ? -12.030 -5.455  -0.592  1.00 26.72 ? 633 LYS A NZ  1 
ATOM   696 N N   . VAL A 1 89  ? -5.109  -2.362  0.232   1.00 9.85  ? 634 VAL A N   1 
ATOM   697 C CA  . VAL A 1 89  ? -4.072  -1.380  -0.057  1.00 9.94  ? 634 VAL A CA  1 
ATOM   698 C C   . VAL A 1 89  ? -3.422  -1.649  -1.423  1.00 11.58 ? 634 VAL A C   1 
ATOM   699 O O   . VAL A 1 89  ? -3.155  -0.728  -2.229  1.00 11.98 ? 634 VAL A O   1 
ATOM   700 C CB  . VAL A 1 89  ? -3.022  -1.350  1.067   1.00 9.17  ? 634 VAL A CB  1 
ATOM   701 C CG1 . VAL A 1 89  ? -1.878  -0.436  0.690   1.00 11.40 ? 634 VAL A CG1 1 
ATOM   702 C CG2 . VAL A 1 89  ? -3.695  -0.884  2.387   1.00 10.42 ? 634 VAL A CG2 1 
ATOM   703 N N   . PHE A 1 90  ? -3.237  -2.927  -1.711  1.00 11.12 ? 635 PHE A N   1 
ATOM   704 C CA  . PHE A 1 90  ? -2.606  -3.351  -2.952  1.00 12.48 ? 635 PHE A CA  1 
ATOM   705 C C   . PHE A 1 90  ? -3.473  -2.964  -4.136  1.00 12.65 ? 635 PHE A C   1 
ATOM   706 O O   . PHE A 1 90  ? -2.952  -2.552  -5.153  1.00 12.95 ? 635 PHE A O   1 
ATOM   707 C CB  . PHE A 1 90  ? -2.404  -4.876  -2.920  1.00 13.09 ? 635 PHE A CB  1 
ATOM   708 C CG  . PHE A 1 90  ? -1.577  -5.390  -4.045  1.00 17.31 ? 635 PHE A CG  1 
ATOM   709 C CD1 . PHE A 1 90  ? -0.237  -5.029  -4.160  1.00 23.53 ? 635 PHE A CD1 1 
ATOM   710 C CD2 . PHE A 1 90  ? -2.128  -6.194  -5.008  1.00 18.00 ? 635 PHE A CD2 1 
ATOM   711 C CE1 . PHE A 1 90  ? 0.527   -5.512  -5.186  1.00 27.39 ? 635 PHE A CE1 1 
ATOM   712 C CE2 . PHE A 1 90  ? -1.339  -6.662  -6.080  1.00 19.49 ? 635 PHE A CE2 1 
ATOM   713 C CZ  . PHE A 1 90  ? -0.048  -6.308  -6.165  1.00 20.31 ? 635 PHE A CZ  1 
ATOM   714 N N   . GLU A 1 91  ? -4.788  -3.149  -4.019  1.00 12.98 ? 636 GLU A N   1 
ATOM   715 C CA  . GLU A 1 91  ? -5.719  -2.641  -5.069  1.00 13.16 ? 636 GLU A CA  1 
ATOM   716 C C   . GLU A 1 91  ? -5.498  -1.159  -5.372  1.00 12.02 ? 636 GLU A C   1 
ATOM   717 O O   . GLU A 1 91  ? -5.428  -0.767  -6.551  1.00 10.63 ? 636 GLU A O   1 
ATOM   718 C CB  . GLU A 1 91  ? -7.179  -2.854  -4.676  1.00 13.30 ? 636 GLU A CB  1 
ATOM   719 C CG  . GLU A 1 91  ? -7.599  -4.294  -4.669  1.00 22.36 ? 636 GLU A CG  1 
ATOM   720 C CD  . GLU A 1 91  ? -9.075  -4.454  -4.278  1.00 28.87 ? 636 GLU A CD  1 
ATOM   721 O OE1 . GLU A 1 91  ? -9.715  -3.467  -3.803  1.00 27.10 ? 636 GLU A OE1 1 
ATOM   722 O OE2 . GLU A 1 91  ? -9.595  -5.572  -4.469  1.00 32.91 ? 636 GLU A OE2 1 
ATOM   723 N N   . LEU A 1 92  ? -5.360  -0.338  -4.321  1.00 10.86 ? 637 LEU A N   1 
ATOM   724 C CA  . LEU A 1 92  ? -5.140  1.110   -4.486  1.00 10.13 ? 637 LEU A CA  1 
ATOM   725 C C   . LEU A 1 92  ? -3.822  1.363   -5.160  1.00 10.50 ? 637 LEU A C   1 
ATOM   726 O O   . LEU A 1 92  ? -3.753  2.161   -6.089  1.00 11.45 ? 637 LEU A O   1 
ATOM   727 C CB  . LEU A 1 92  ? -5.197  1.839   -3.149  1.00 10.28 ? 637 LEU A CB  1 
ATOM   728 C CG  . LEU A 1 92  ? -6.579  1.873   -2.487  1.00 9.50  ? 637 LEU A CG  1 
ATOM   729 C CD1 . LEU A 1 92  ? -6.449  2.116   -0.991  1.00 11.39 ? 637 LEU A CD1 1 
ATOM   730 C CD2 . LEU A 1 92  ? -7.486  2.919   -3.139  1.00 15.37 ? 637 LEU A CD2 1 
ATOM   731 N N   . LEU A 1 93  ? -2.792  0.636   -4.730  1.00 9.36  ? 638 LEU A N   1 
ATOM   732 C CA  . LEU A 1 93  ? -1.444  0.806   -5.287  1.00 10.64 ? 638 LEU A CA  1 
ATOM   733 C C   . LEU A 1 93  ? -1.443  0.463   -6.778  1.00 10.65 ? 638 LEU A C   1 
ATOM   734 O O   . LEU A 1 93  ? -0.891  1.219   -7.599  1.00 10.44 ? 638 LEU A O   1 
ATOM   735 C CB  . LEU A 1 93  ? -0.423  -0.040  -4.516  1.00 9.43  ? 638 LEU A CB  1 
ATOM   736 C CG  . LEU A 1 93  ? -0.046  0.551   -3.159  1.00 16.56 ? 638 LEU A CG  1 
ATOM   737 C CD1 . LEU A 1 93  ? 0.988   -0.339  -2.473  1.00 17.38 ? 638 LEU A CD1 1 
ATOM   738 C CD2 . LEU A 1 93  ? 0.540   1.964   -3.264  1.00 17.60 ? 638 LEU A CD2 1 
ATOM   739 N N   . GLN A 1 94  ? -2.083  -0.652  -7.146  1.00 10.94 ? 639 GLN A N   1 
ATOM   740 C CA  . GLN A 1 94  ? -2.066  -1.058  -8.557  1.00 11.65 ? 639 GLN A CA  1 
ATOM   741 C C   . GLN A 1 94  ? -2.746  -0.033  -9.453  1.00 11.55 ? 639 GLN A C   1 
ATOM   742 O O   . GLN A 1 94  ? -2.316  0.193   -10.584 1.00 10.57 ? 639 GLN A O   1 
ATOM   743 C CB  . GLN A 1 94  ? -2.735  -2.420  -8.733  1.00 12.84 ? 639 GLN A CB  1 
ATOM   744 C CG  . GLN A 1 94  ? -1.940  -3.551  -8.200  1.00 14.57 ? 639 GLN A CG  1 
ATOM   745 C CD  . GLN A 1 94  ? -2.000  -4.750  -9.125  1.00 29.11 ? 639 GLN A CD  1 
ATOM   746 O OE1 . GLN A 1 94  ? -2.915  -5.572  -9.040  1.00 30.97 ? 639 GLN A OE1 1 
ATOM   747 N NE2 . GLN A 1 94  ? -1.019  -4.844  -10.037 1.00 28.35 ? 639 GLN A NE2 1 
ATOM   748 N N   . GLU A 1 95  ? -3.861  0.509   -8.978  1.00 9.80  ? 640 GLU A N   1 
ATOM   749 C CA  . GLU A 1 95  ? -4.664  1.476   -9.745  1.00 10.72 ? 640 GLU A CA  1 
ATOM   750 C C   . GLU A 1 95  ? -3.791  2.709   -9.918  1.00 9.71  ? 640 GLU A C   1 
ATOM   751 O O   . GLU A 1 95  ? -3.779  3.323   -10.988 1.00 9.74  ? 640 GLU A O   1 
ATOM   752 C CB  . GLU A 1 95  ? -5.948  1.805   -8.943  1.00 11.49 ? 640 GLU A CB  1 
ATOM   753 C CG  . GLU A 1 95  ? -6.849  2.983   -9.479  1.00 19.44 ? 640 GLU A CG  1 
ATOM   754 C CD  . GLU A 1 95  ? -7.814  3.732   -8.441  1.00 30.51 ? 640 GLU A CD  1 
ATOM   755 O OE1 . GLU A 1 95  ? -7.869  3.517   -7.160  1.00 22.94 ? 640 GLU A OE1 1 
ATOM   756 O OE2 . GLU A 1 95  ? -8.543  4.619   -8.974  1.00 34.51 ? 640 GLU A OE2 1 
ATOM   757 N N   . ALA A 1 96  ? -3.043  3.070   -8.855  1.00 8.15  ? 641 ALA A N   1 
ATOM   758 C CA  . ALA A 1 96  ? -2.213  4.272   -8.939  1.00 9.42  ? 641 ALA A CA  1 
ATOM   759 C C   . ALA A 1 96  ? -0.983  4.088   -9.813  1.00 9.56  ? 641 ALA A C   1 
ATOM   760 O O   . ALA A 1 96  ? -0.579  5.017   -10.520 1.00 10.19 ? 641 ALA A O   1 
ATOM   761 C CB  . ALA A 1 96  ? -1.819  4.756   -7.516  1.00 8.47  ? 641 ALA A CB  1 
ATOM   762 N N   . TRP A 1 97  ? -0.392  2.896   -9.776  1.00 9.44  ? 642 TRP A N   1 
ATOM   763 C CA  . TRP A 1 97  ? 0.728   2.509   -10.649 1.00 10.30 ? 642 TRP A CA  1 
ATOM   764 C C   . TRP A 1 97  ? 0.357   2.604   -12.123 1.00 11.23 ? 642 TRP A C   1 
ATOM   765 O O   . TRP A 1 97  ? 1.090   3.171   -12.961 1.00 10.65 ? 642 TRP A O   1 
ATOM   766 C CB  . TRP A 1 97  ? 1.118   1.071   -10.300 1.00 10.64 ? 642 TRP A CB  1 
ATOM   767 C CG  . TRP A 1 97  ? 2.158   0.429   -11.196 1.00 12.92 ? 642 TRP A CG  1 
ATOM   768 C CD1 . TRP A 1 97  ? 1.976   -0.651  -12.016 1.00 13.22 ? 642 TRP A CD1 1 
ATOM   769 C CD2 . TRP A 1 97  ? 3.552   0.775   -11.301 1.00 12.90 ? 642 TRP A CD2 1 
ATOM   770 N NE1 . TRP A 1 97  ? 3.158   -0.983  -12.642 1.00 14.55 ? 642 TRP A NE1 1 
ATOM   771 C CE2 . TRP A 1 97  ? 4.139   -0.136  -12.211 1.00 13.82 ? 642 TRP A CE2 1 
ATOM   772 C CE3 . TRP A 1 97  ? 4.361   1.757   -10.709 1.00 13.45 ? 642 TRP A CE3 1 
ATOM   773 C CZ2 . TRP A 1 97  ? 5.501   -0.099  -12.540 1.00 15.23 ? 642 TRP A CZ2 1 
ATOM   774 C CZ3 . TRP A 1 97  ? 5.714   1.813   -11.058 1.00 13.09 ? 642 TRP A CZ3 1 
ATOM   775 C CH2 . TRP A 1 97  ? 6.260   0.892   -11.971 1.00 15.02 ? 642 TRP A CH2 1 
ATOM   776 N N   . ASP A 1 98  ? -0.839  2.132   -12.450 1.00 10.93 ? 643 ASP A N   1 
ATOM   777 C CA  . ASP A 1 98  ? -1.250  2.231   -13.840 1.00 13.49 ? 643 ASP A CA  1 
ATOM   778 C C   . ASP A 1 98  ? -1.437  3.689   -14.300 1.00 13.27 ? 643 ASP A C   1 
ATOM   779 O O   . ASP A 1 98  ? -1.073  4.028   -15.411 1.00 12.47 ? 643 ASP A O   1 
ATOM   780 C CB  . ASP A 1 98  ? -2.512  1.398   -14.070 1.00 12.85 ? 643 ASP A CB  1 
ATOM   781 C CG  . ASP A 1 98  ? -2.915  1.396   -15.517 1.00 23.07 ? 643 ASP A CG  1 
ATOM   782 O OD1 . ASP A 1 98  ? -2.372  0.564   -16.291 1.00 32.65 ? 643 ASP A OD1 1 
ATOM   783 O OD2 . ASP A 1 98  ? -3.716  2.270   -15.876 1.00 25.14 ? 643 ASP A OD2 1 
ATOM   784 N N   . HIS A 1 99  ? -1.998  4.540   -13.440 1.00 12.28 ? 644 HIS A N   1 
ATOM   785 C CA  . HIS A 1 99  ? -2.103  5.976   -13.730 1.00 13.89 ? 644 HIS A CA  1 
ATOM   786 C C   . HIS A 1 99  ? -0.733  6.647   -13.868 1.00 12.72 ? 644 HIS A C   1 
ATOM   787 O O   . HIS A 1 99  ? -0.501  7.402   -14.803 1.00 12.87 ? 644 HIS A O   1 
ATOM   788 C CB  . HIS A 1 99  ? -2.927  6.660   -12.625 1.00 15.20 ? 644 HIS A CB  1 
ATOM   789 C CG  . HIS A 1 99  ? -3.131  8.128   -12.821 1.00 20.51 ? 644 HIS A CG  1 
ATOM   790 N ND1 . HIS A 1 99  ? -4.128  8.638   -13.631 1.00 29.18 ? 644 HIS A ND1 1 
ATOM   791 C CD2 . HIS A 1 99  ? -2.521  9.197   -12.251 1.00 26.96 ? 644 HIS A CD2 1 
ATOM   792 C CE1 . HIS A 1 99  ? -4.098  9.959   -13.576 1.00 30.28 ? 644 HIS A CE1 1 
ATOM   793 N NE2 . HIS A 1 99  ? -3.134  10.322  -12.746 1.00 29.73 ? 644 HIS A NE2 1 
ATOM   794 N N   . PHE A 1 100 ? 0.179   6.362   -12.947 1.00 10.61 ? 645 PHE A N   1 
ATOM   795 C CA  . PHE A 1 100 ? 1.550   6.878   -13.016 1.00 11.00 ? 645 PHE A CA  1 
ATOM   796 C C   . PHE A 1 100 ? 2.199   6.607   -14.380 1.00 13.07 ? 645 PHE A C   1 
ATOM   797 O O   . PHE A 1 100 ? 2.849   7.505   -14.974 1.00 12.11 ? 645 PHE A O   1 
ATOM   798 C CB  . PHE A 1 100 ? 2.401   6.272   -11.872 1.00 10.77 ? 645 PHE A CB  1 
ATOM   799 C CG  . PHE A 1 100 ? 3.887   6.514   -12.016 1.00 6.57  ? 645 PHE A CG  1 
ATOM   800 C CD1 . PHE A 1 100 ? 4.415   7.791   -11.851 1.00 14.90 ? 645 PHE A CD1 1 
ATOM   801 C CD2 . PHE A 1 100 ? 4.762   5.460   -12.376 1.00 11.08 ? 645 PHE A CD2 1 
ATOM   802 C CE1 . PHE A 1 100 ? 5.813   8.011   -12.025 1.00 14.12 ? 645 PHE A CE1 1 
ATOM   803 C CE2 . PHE A 1 100 ? 6.127   5.688   -12.585 1.00 15.55 ? 645 PHE A CE2 1 
ATOM   804 C CZ  . PHE A 1 100 ? 6.647   6.973   -12.418 1.00 14.95 ? 645 PHE A CZ  1 
ATOM   805 N N   . ASN A 1 101 ? 2.057   5.379   -14.866 1.00 11.44 ? 646 ASN A N   1 
ATOM   806 C CA  . ASN A 1 101 ? 2.747   4.942   -16.075 1.00 14.00 ? 646 ASN A CA  1 
ATOM   807 C C   . ASN A 1 101 ? 2.128   5.491   -17.352 1.00 14.36 ? 646 ASN A C   1 
ATOM   808 O O   . ASN A 1 101 ? 2.664   5.298   -18.431 1.00 14.45 ? 646 ASN A O   1 
ATOM   809 C CB  . ASN A 1 101 ? 2.863   3.422   -16.137 1.00 14.51 ? 646 ASN A CB  1 
ATOM   810 C CG  . ASN A 1 101 ? 4.012   2.895   -15.308 1.00 18.25 ? 646 ASN A CG  1 
ATOM   811 O OD1 . ASN A 1 101 ? 5.176   3.220   -15.557 1.00 22.45 ? 646 ASN A OD1 1 
ATOM   812 N ND2 . ASN A 1 101 ? 3.692   2.129   -14.282 1.00 18.37 ? 646 ASN A ND2 1 
ATOM   813 N N   . THR A 1 102 ? 1.032   6.233   -17.219 1.00 15.18 ? 647 THR A N   1 
ATOM   814 C CA  . THR A 1 102 ? 0.377   6.852   -18.370 1.00 13.50 ? 647 THR A CA  1 
ATOM   815 C C   . THR A 1 102 ? 0.184   8.354   -18.141 1.00 15.94 ? 647 THR A C   1 
ATOM   816 O O   . THR A 1 102 ? 0.881   9.153   -18.747 1.00 16.57 ? 647 THR A O   1 
ATOM   817 C CB  . THR A 1 102 ? -0.964  6.183   -18.707 1.00 14.71 ? 647 THR A CB  1 
ATOM   818 O OG1 . THR A 1 102 ? -1.819  6.262   -17.554 1.00 15.58 ? 647 THR A OG1 1 
ATOM   819 C CG2 . THR A 1 102 ? -0.764  4.703   -19.054 1.00 12.19 ? 647 THR A CG2 1 
ATOM   820 N N   . LEU A 1 103 ? -0.733  8.734   -17.250 1.00 19.65 ? 648 LEU A N   1 
ATOM   821 C CA  . LEU A 1 103 ? -1.097  10.149  -17.022 1.00 21.81 ? 648 LEU A CA  1 
ATOM   822 C C   . LEU A 1 103 ? -0.164  10.935  -16.055 1.00 24.12 ? 648 LEU A C   1 
ATOM   823 O O   . LEU A 1 103 ? 0.137   12.110  -16.282 1.00 23.07 ? 648 LEU A O   1 
ATOM   824 C CB  . LEU A 1 103 ? -2.551  10.229  -16.529 1.00 23.72 ? 648 LEU A CB  1 
ATOM   825 C CG  . LEU A 1 103 ? -3.533  9.724   -17.588 1.00 21.72 ? 648 LEU A CG  1 
ATOM   826 C CD1 . LEU A 1 103 ? -4.960  9.654   -17.108 1.00 25.86 ? 648 LEU A CD1 1 
ATOM   827 C CD2 . LEU A 1 103 ? -3.430  10.626  -18.783 1.00 25.12 ? 648 LEU A CD2 1 
ATOM   828 N N   . GLY A 1 104 ? 0.296   10.296  -14.988 1.00 26.13 ? 649 GLY A N   1 
ATOM   829 C CA  . GLY A 1 104 ? 1.025   11.004  -13.921 1.00 31.12 ? 649 GLY A CA  1 
ATOM   830 C C   . GLY A 1 104 ? 0.124   11.925  -13.106 1.00 34.77 ? 649 GLY A C   1 
ATOM   831 O O   . GLY A 1 104 ? -1.095  11.808  -13.162 1.00 37.46 ? 649 GLY A O   1 
ATOM   832 N N   . PRO A 1 105 ? 0.710   12.884  -12.367 1.00 35.96 ? 650 PRO A N   1 
ATOM   833 C CA  . PRO A 1 105 ? -0.135  13.731  -11.521 1.00 36.70 ? 650 PRO A CA  1 
ATOM   834 C C   . PRO A 1 105 ? -0.280  15.179  -12.022 1.00 37.85 ? 650 PRO A C   1 
ATOM   835 O O   . PRO A 1 105 ? 0.324   15.561  -13.036 1.00 38.71 ? 650 PRO A O   1 
ATOM   836 C CB  . PRO A 1 105 ? 0.592   13.703  -10.175 1.00 36.94 ? 650 PRO A CB  1 
ATOM   837 C CG  . PRO A 1 105 ? 2.035   13.369  -10.513 1.00 37.82 ? 650 PRO A CG  1 
ATOM   838 C CD  . PRO A 1 105 ? 2.120   12.926  -11.951 1.00 36.28 ? 650 PRO A CD  1 
HETATM 839 O O   . HOH B 2 .   ? -10.031 9.838   -3.204  1.00 22.36 ? 1   HOH A O   1 
HETATM 840 O O   . HOH B 2 .   ? -2.702  -0.747  -18.731 1.00 12.35 ? 2   HOH A O   1 
HETATM 841 O O   . HOH B 2 .   ? -1.397  9.550   5.816   1.00 16.28 ? 3   HOH A O   1 
HETATM 842 O O   . HOH B 2 .   ? 11.738  -1.295  -9.843  1.00 8.68  ? 4   HOH A O   1 
HETATM 843 O O   . HOH B 2 .   ? 7.274   13.925  2.093   1.00 11.29 ? 5   HOH A O   1 
HETATM 844 O O   . HOH B 2 .   ? 2.436   10.627  -8.050  1.00 13.25 ? 6   HOH A O   1 
HETATM 845 O O   . HOH B 2 .   ? 15.259  15.126  -4.744  1.00 15.27 ? 7   HOH A O   1 
HETATM 846 O O   . HOH B 2 .   ? 10.104  15.391  0.988   1.00 15.51 ? 8   HOH A O   1 
HETATM 847 O O   . HOH B 2 .   ? 10.640  1.807   1.404   1.00 20.42 ? 9   HOH A O   1 
HETATM 848 O O   . HOH B 2 .   ? -12.694 10.179  0.856   1.00 22.85 ? 10  HOH A O   1 
HETATM 849 O O   . HOH B 2 .   ? -5.401  -15.341 10.814  1.00 16.98 ? 11  HOH A O   1 
HETATM 850 O O   . HOH B 2 .   ? -16.098 -5.312  4.233   1.00 22.28 ? 12  HOH A O   1 
HETATM 851 O O   . HOH B 2 .   ? 13.722  11.226  -6.046  1.00 17.30 ? 13  HOH A O   1 
HETATM 852 O O   . HOH B 2 .   ? -3.364  -10.236 0.532   1.00 14.48 ? 14  HOH A O   1 
HETATM 853 O O   . HOH B 2 .   ? -2.509  -8.404  -1.299  1.00 13.52 ? 15  HOH A O   1 
HETATM 854 O O   . HOH B 2 .   ? -5.514  4.322   -6.029  1.00 12.92 ? 16  HOH A O   1 
HETATM 855 O O   . HOH B 2 .   ? 6.567   6.066   2.945   1.00 10.19 ? 17  HOH A O   1 
HETATM 856 O O   . HOH B 2 .   ? 5.017   -9.442  3.157   1.00 21.38 ? 18  HOH A O   1 
HETATM 857 O O   . HOH B 2 .   ? -3.708  -9.982  12.520  1.00 16.21 ? 19  HOH A O   1 
HETATM 858 O O   . HOH B 2 .   ? -16.846 -8.729  6.133   1.00 20.50 ? 20  HOH A O   1 
HETATM 859 O O   . HOH B 2 .   ? -9.525  13.578  2.727   1.00 23.72 ? 21  HOH A O   1 
HETATM 860 O O   . HOH B 2 .   ? 7.670   9.448   4.176   1.00 15.87 ? 22  HOH A O   1 
HETATM 861 O O   . HOH B 2 .   ? 3.067   -17.237 10.426  1.00 20.77 ? 23  HOH A O   1 
HETATM 862 O O   . HOH B 2 .   ? 15.196  7.816   -4.344  1.00 21.18 ? 24  HOH A O   1 
HETATM 863 O O   . HOH B 2 .   ? 9.734   -16.491 -2.893  1.00 27.87 ? 25  HOH A O   1 
HETATM 864 O O   . HOH B 2 .   ? -5.492  -6.440  -4.376  1.00 19.41 ? 26  HOH A O   1 
HETATM 865 O O   . HOH B 2 .   ? 14.394  8.001   -13.720 1.00 15.04 ? 27  HOH A O   1 
HETATM 866 O O   . HOH B 2 .   ? -10.808 2.009   11.951  1.00 22.92 ? 28  HOH A O   1 
HETATM 867 O O   . HOH B 2 .   ? 16.660  15.237  -2.481  1.00 24.37 ? 29  HOH A O   1 
HETATM 868 O O   . HOH B 2 .   ? 2.500   12.996  0.874   1.00 13.97 ? 30  HOH A O   1 
HETATM 869 O O   . HOH B 2 .   ? -7.829  -12.828 4.304   1.00 17.19 ? 31  HOH A O   1 
HETATM 870 O O   . HOH B 2 .   ? 16.704  6.765   -9.512  1.00 20.27 ? 32  HOH A O   1 
HETATM 871 O O   . HOH B 2 .   ? -9.146  -0.958  -2.033  1.00 18.15 ? 33  HOH A O   1 
HETATM 872 O O   . HOH B 2 .   ? 1.514   0.297   -15.553 1.00 23.77 ? 34  HOH A O   1 
HETATM 873 O O   . HOH B 2 .   ? -13.161 -14.355 14.188  1.00 16.63 ? 35  HOH A O   1 
HETATM 874 O O   . HOH B 2 .   ? -4.197  -8.702  -3.361  1.00 17.61 ? 36  HOH A O   1 
HETATM 875 O O   . HOH B 2 .   ? 5.144   11.511  -12.873 1.00 24.56 ? 37  HOH A O   1 
HETATM 876 O O   . HOH B 2 .   ? -9.761  -12.406 -1.774  1.00 21.93 ? 38  HOH A O   1 
HETATM 877 O O   . HOH B 2 .   ? -16.345 0.081   7.626   1.00 21.46 ? 39  HOH A O   1 
HETATM 878 O O   . HOH B 2 .   ? 1.417   11.616  -19.397 1.00 22.11 ? 40  HOH A O   1 
HETATM 879 O O   . HOH B 2 .   ? -5.722  -10.840 -2.116  1.00 20.49 ? 41  HOH A O   1 
HETATM 880 O O   . HOH B 2 .   ? -5.341  -16.794 6.144   1.00 21.35 ? 42  HOH A O   1 
HETATM 881 O O   . HOH B 2 .   ? -16.358 -9.284  15.190  1.00 38.70 ? 43  HOH A O   1 
HETATM 882 O O   . HOH B 2 .   ? 15.006  13.535  -8.810  1.00 20.24 ? 44  HOH A O   1 
HETATM 883 O O   . HOH B 2 .   ? -7.253  -11.914 1.470   1.00 31.93 ? 45  HOH A O   1 
HETATM 884 O O   . HOH B 2 .   ? -13.356 5.960   7.226   1.00 23.75 ? 46  HOH A O   1 
HETATM 885 O O   . HOH B 2 .   ? -3.220  -18.549 -0.193  1.00 28.60 ? 47  HOH A O   1 
HETATM 886 O O   . HOH B 2 .   ? -11.619 7.115   0.918   1.00 24.98 ? 48  HOH A O   1 
HETATM 887 O O   . HOH B 2 .   ? -14.673 2.426   12.991  1.00 31.09 ? 49  HOH A O   1 
HETATM 888 O O   . HOH B 2 .   ? 13.013  0.912   -12.975 1.00 25.12 ? 50  HOH A O   1 
HETATM 889 O O   . HOH B 2 .   ? 16.639  7.717   -2.085  1.00 25.07 ? 51  HOH A O   1 
HETATM 890 O O   . HOH B 2 .   ? -15.945 -10.938 7.839   1.00 18.69 ? 52  HOH A O   1 
HETATM 891 O O   . HOH B 2 .   ? 0.435   -12.182 12.271  1.00 38.61 ? 53  HOH A O   1 
HETATM 892 O O   . HOH B 2 .   ? -14.426 -6.088  1.098   1.00 22.02 ? 54  HOH A O   1 
HETATM 893 O O   . HOH B 2 .   ? -17.043 -1.539  5.098   1.00 24.38 ? 55  HOH A O   1 
HETATM 894 O O   . HOH B 2 .   ? -6.571  -1.998  -8.501  1.00 23.11 ? 56  HOH A O   1 
HETATM 895 O O   . HOH B 2 .   ? -1.103  3.696   12.074  1.00 30.66 ? 57  HOH A O   1 
HETATM 896 O O   . HOH B 2 .   ? -3.520  12.926  -8.794  1.00 27.77 ? 58  HOH A O   1 
HETATM 897 O O   . HOH B 2 .   ? 16.936  12.047  -2.765  1.00 23.41 ? 59  HOH A O   1 
HETATM 898 O O   . HOH B 2 .   ? -4.113  5.095   -16.933 1.00 29.25 ? 60  HOH A O   1 
HETATM 899 O O   . HOH B 2 .   ? -0.662  -16.611 5.365   1.00 23.64 ? 61  HOH A O   1 
HETATM 900 O O   . HOH B 2 .   ? 15.979  4.886   -7.863  1.00 29.22 ? 62  HOH A O   1 
HETATM 901 O O   . HOH B 2 .   ? -1.514  -1.991  -12.254 1.00 22.86 ? 63  HOH A O   1 
HETATM 902 O O   . HOH B 2 .   ? 3.049   -9.645  11.798  1.00 30.61 ? 64  HOH A O   1 
HETATM 903 O O   . HOH B 2 .   ? 6.869   0.943   -15.545 1.00 34.94 ? 65  HOH A O   1 
HETATM 904 O O   . HOH B 2 .   ? 7.245   -9.452  2.374   1.00 32.82 ? 66  HOH A O   1 
HETATM 905 O O   . HOH B 2 .   ? -2.779  -14.510 -0.272  1.00 29.08 ? 67  HOH A O   1 
HETATM 906 O O   . HOH B 2 .   ? 4.520   -0.985  17.059  1.00 27.09 ? 68  HOH A O   1 
HETATM 907 O O   . HOH B 2 .   ? -0.556  -1.367  -15.180 1.00 23.55 ? 69  HOH A O   1 
HETATM 908 O O   . HOH B 2 .   ? 6.866   2.182   7.845   1.00 35.27 ? 70  HOH A O   1 
HETATM 909 O O   . HOH B 2 .   ? 8.754   -8.006  4.168   1.00 34.29 ? 71  HOH A O   1 
HETATM 910 O O   . HOH B 2 .   ? 5.336   -8.050  5.721   1.00 32.57 ? 72  HOH A O   1 
HETATM 911 O O   . HOH B 2 .   ? -7.524  -7.747  -5.402  1.00 30.07 ? 73  HOH A O   1 
HETATM 912 O O   . HOH B 2 .   ? -7.432  -10.265 -4.679  1.00 24.81 ? 74  HOH A O   1 
HETATM 913 O O   . HOH B 2 .   ? 11.585  2.515   -1.146  1.00 34.68 ? 75  HOH A O   1 
HETATM 914 O O   . HOH B 2 .   ? 13.984  7.066   0.747   1.00 30.94 ? 76  HOH A O   1 
HETATM 915 O O   . HOH B 2 .   ? 11.154  -0.912  2.373   1.00 28.75 ? 77  HOH A O   1 
HETATM 916 O O   . HOH B 2 .   ? 15.709  10.926  2.661   1.00 33.60 ? 78  HOH A O   1 
HETATM 917 O O   . HOH B 2 .   ? 12.760  3.067   -14.626 1.00 43.15 ? 79  HOH A O   1 
HETATM 918 O O   . HOH B 2 .   ? 3.639   11.966  -16.495 1.00 38.88 ? 80  HOH A O   1 
HETATM 919 O O   . HOH B 2 .   ? -3.908  6.101   8.865   1.00 26.59 ? 81  HOH A O   1 
HETATM 920 O O   . HOH B 2 .   ? 5.336   -8.101  11.266  1.00 29.04 ? 82  HOH A O   1 
HETATM 921 O O   . HOH B 2 .   ? 12.308  5.697   -3.993  1.00 24.17 ? 83  HOH A O   1 
HETATM 922 O O   . HOH B 2 .   ? 13.888  -1.237  2.049   1.00 32.80 ? 84  HOH A O   1 
HETATM 923 O O   . HOH B 2 .   ? 4.378   11.332  4.467   1.00 32.80 ? 85  HOH A O   1 
HETATM 924 O O   . HOH B 2 .   ? -3.281  8.751   7.698   1.00 28.85 ? 86  HOH A O   1 
HETATM 925 O O   . HOH B 2 .   ? 3.799   1.371   10.292  1.00 35.60 ? 87  HOH A O   1 
HETATM 926 O O   . HOH B 2 .   ? 8.891   -1.047  -14.048 1.00 19.41 ? 88  HOH A O   1 
HETATM 927 O O   . HOH B 2 .   ? -4.608  -12.497 -0.297  1.00 21.61 ? 89  HOH A O   1 
HETATM 928 O O   . HOH B 2 .   ? 18.159  4.931   -13.974 1.00 23.00 ? 90  HOH A O   1 
HETATM 929 O O   . HOH B 2 .   ? -11.881 -1.505  2.353   1.00 34.78 ? 91  HOH A O   1 
HETATM 930 O O   . HOH B 2 .   ? -10.649 -6.490  -2.510  1.00 33.16 ? 92  HOH A O   1 
HETATM 931 O O   . HOH B 2 .   ? -12.800 6.434   9.961   1.00 30.29 ? 93  HOH A O   1 
HETATM 932 O O   . HOH B 2 .   ? -10.457 4.844   10.986  1.00 29.48 ? 94  HOH A O   1 
HETATM 933 O O   . HOH B 2 .   ? -3.564  -19.634 4.353   1.00 40.71 ? 95  HOH A O   1 
HETATM 934 O O   . HOH B 2 .   ? 12.733  8.493   5.562   1.00 25.25 ? 96  HOH A O   1 
HETATM 935 O O   . HOH B 2 .   ? -10.850 -10.449 18.299  1.00 31.03 ? 97  HOH A O   1 
HETATM 936 O O   . HOH B 2 .   ? 0.099   -14.162 13.927  1.00 31.44 ? 98  HOH A O   1 
HETATM 937 O O   . HOH B 2 .   ? -5.638  6.306   -15.138 1.00 38.11 ? 99  HOH A O   1 
HETATM 938 O O   . HOH B 2 .   ? 7.692   -19.176 -3.701  1.00 34.89 ? 100 HOH A O   1 
HETATM 939 O O   . HOH B 2 .   ? 1.819   12.528  6.387   1.00 30.12 ? 101 HOH A O   1 
HETATM 940 O O   . HOH B 2 .   ? 10.959  -9.924  -0.935  1.00 33.19 ? 102 HOH A O   1 
HETATM 941 O O   . HOH B 2 .   ? -2.215  -18.141 8.747   1.00 40.99 ? 103 HOH A O   1 
HETATM 942 O O   . HOH B 2 .   ? 4.408   -12.597 9.410   1.00 32.20 ? 104 HOH A O   1 
# 
loop_
_pdbx_poly_seq_scheme.asym_id 
_pdbx_poly_seq_scheme.entity_id 
_pdbx_poly_seq_scheme.seq_id 
_pdbx_poly_seq_scheme.mon_id 
_pdbx_poly_seq_scheme.ndb_seq_num 
_pdbx_poly_seq_scheme.pdb_seq_num 
_pdbx_poly_seq_scheme.auth_seq_num 
_pdbx_poly_seq_scheme.pdb_mon_id 
_pdbx_poly_seq_scheme.auth_mon_id 
_pdbx_poly_seq_scheme.pdb_strand_id 
_pdbx_poly_seq_scheme.pdb_ins_code 
_pdbx_poly_seq_scheme.hetero 
A 1 1   GLY 1   546 546 GLY GLY A . n 
A 1 2   PRO 2   547 547 PRO PRO A . n 
A 1 3   LEU 3   548 548 LEU LEU A . n 
A 1 4   GLY 4   549 549 GLY GLY A . n 
A 1 5   SER 5   550 550 SER SER A . n 
A 1 6   GLU 6   551 551 GLU GLU A . n 
A 1 7   GLU 7   552 552 GLU GLU A . n 
A 1 8   ILE 8   553 553 ILE ILE A . n 
A 1 9   LYS 9   554 554 LYS LYS A . n 
A 1 10  ASN 10  555 555 ASN ASN A . n 
A 1 11  ILE 11  556 556 ILE ILE A . n 
A 1 12  ASP 12  557 557 ASP ASP A . n 
A 1 13  ALA 13  558 558 ALA ALA A . n 
A 1 14  LYS 14  559 559 LYS LYS A . n 
A 1 15  ILE 15  560 560 ILE ILE A . n 
A 1 16  ARG 16  561 561 ARG ARG A . n 
A 1 17  LYS 17  562 562 LYS LYS A . n 
A 1 18  TRP 18  563 563 TRP TRP A . n 
A 1 19  SER 19  564 564 SER SER A . n 
A 1 20  SER 20  565 565 SER SER A . n 
A 1 21  GLY 21  566 566 GLY GLY A . n 
A 1 22  LYS 22  567 567 LYS LYS A . n 
A 1 23  SER 23  568 568 SER SER A . n 
A 1 24  GLY 24  569 569 GLY GLY A . n 
A 1 25  ASN 25  570 570 ASN ASN A . n 
A 1 26  ILE 26  571 571 ILE ILE A . n 
A 1 27  ARG 27  572 572 ARG ARG A . n 
A 1 28  SER 28  573 573 SER SER A . n 
A 1 29  LEU 29  574 574 LEU LEU A . n 
A 1 30  LEU 30  575 575 LEU LEU A . n 
A 1 31  SER 31  576 576 SER SER A . n 
A 1 32  THR 32  577 577 THR THR A . n 
A 1 33  LEU 33  578 578 LEU LEU A . n 
A 1 34  GLN 34  579 579 GLN GLN A . n 
A 1 35  TYR 35  580 580 TYR TYR A . n 
A 1 36  ILE 36  581 581 ILE ILE A . n 
A 1 37  LEU 37  582 582 LEU LEU A . n 
A 1 38  TRP 38  583 583 TRP TRP A . n 
A 1 39  SER 39  584 584 SER SER A . n 
A 1 40  GLY 40  585 585 GLY GLY A . n 
A 1 41  SER 41  586 586 SER SER A . n 
A 1 42  GLY 42  587 587 GLY GLY A . n 
A 1 43  TRP 43  588 588 TRP TRP A . n 
A 1 44  LYS 44  589 589 LYS LYS A . n 
A 1 45  PRO 45  590 590 PRO PRO A . n 
A 1 46  VAL 46  591 591 VAL VAL A . n 
A 1 47  PRO 47  592 592 PRO PRO A . n 
A 1 48  LEU 48  593 593 LEU LEU A . n 
A 1 49  MET 49  594 594 MET MET A . n 
A 1 50  ASP 50  595 595 ASP ASP A . n 
A 1 51  MET 51  596 596 MET MET A . n 
A 1 52  ILE 52  597 597 ILE ILE A . n 
A 1 53  GLU 53  598 598 GLU GLU A . n 
A 1 54  GLY 54  599 599 GLY GLY A . n 
A 1 55  ASN 55  600 600 ASN ASN A . n 
A 1 56  ALA 56  601 601 ALA ALA A . n 
A 1 57  VAL 57  602 602 VAL VAL A . n 
A 1 58  ARG 58  603 603 ARG ARG A . n 
A 1 59  LYS 59  604 604 LYS LYS A . n 
A 1 60  SER 60  605 605 SER SER A . n 
A 1 61  TYR 61  606 606 TYR TYR A . n 
A 1 62  GLN 62  607 607 GLN GLN A . n 
A 1 63  ARG 63  608 608 ARG ARG A . n 
A 1 64  ALA 64  609 609 ALA ALA A . n 
A 1 65  LEU 65  610 610 LEU LEU A . n 
A 1 66  LEU 66  611 611 LEU LEU A . n 
A 1 67  ILE 67  612 612 ILE ILE A . n 
A 1 68  LEU 68  613 613 LEU LEU A . n 
A 1 69  HIS 69  614 614 HIS HIS A . n 
A 1 70  PRO 70  615 615 PRO PRO A . n 
A 1 71  ASP 71  616 616 ASP ASP A . n 
A 1 72  LYS 72  617 617 LYS LYS A . n 
A 1 73  LEU 73  618 618 LEU LEU A . n 
A 1 74  GLN 74  619 619 GLN GLN A . n 
A 1 75  GLN 75  620 620 GLN GLN A . n 
A 1 76  LYS 76  621 621 LYS LYS A . n 
A 1 77  GLY 77  622 622 GLY GLY A . n 
A 1 78  ALA 78  623 623 ALA ALA A . n 
A 1 79  SER 79  624 624 SER SER A . n 
A 1 80  ALA 80  625 625 ALA ALA A . n 
A 1 81  ASN 81  626 626 ASN ASN A . n 
A 1 82  GLN 82  627 627 GLN GLN A . n 
A 1 83  LYS 83  628 628 LYS LYS A . n 
A 1 84  TYR 84  629 629 TYR TYR A . n 
A 1 85  MET 85  630 630 MET MET A . n 
A 1 86  ALA 86  631 631 ALA ALA A . n 
A 1 87  GLU 87  632 632 GLU GLU A . n 
A 1 88  LYS 88  633 633 LYS LYS A . n 
A 1 89  VAL 89  634 634 VAL VAL A . n 
A 1 90  PHE 90  635 635 PHE PHE A . n 
A 1 91  GLU 91  636 636 GLU GLU A . n 
A 1 92  LEU 92  637 637 LEU LEU A . n 
A 1 93  LEU 93  638 638 LEU LEU A . n 
A 1 94  GLN 94  639 639 GLN GLN A . n 
A 1 95  GLU 95  640 640 GLU GLU A . n 
A 1 96  ALA 96  641 641 ALA ALA A . n 
A 1 97  TRP 97  642 642 TRP TRP A . n 
A 1 98  ASP 98  643 643 ASP ASP A . n 
A 1 99  HIS 99  644 644 HIS HIS A . n 
A 1 100 PHE 100 645 645 PHE PHE A . n 
A 1 101 ASN 101 646 646 ASN ASN A . n 
A 1 102 THR 102 647 647 THR THR A . n 
A 1 103 LEU 103 648 648 LEU LEU A . n 
A 1 104 GLY 104 649 649 GLY GLY A . n 
A 1 105 PRO 105 650 650 PRO PRO A . n 
A 1 106 VAL 106 651 ?   ?   ?   A . n 
# 
loop_
_pdbx_nonpoly_scheme.asym_id 
_pdbx_nonpoly_scheme.entity_id 
_pdbx_nonpoly_scheme.mon_id 
_pdbx_nonpoly_scheme.ndb_seq_num 
_pdbx_nonpoly_scheme.pdb_seq_num 
_pdbx_nonpoly_scheme.auth_seq_num 
_pdbx_nonpoly_scheme.pdb_mon_id 
_pdbx_nonpoly_scheme.auth_mon_id 
_pdbx_nonpoly_scheme.pdb_strand_id 
_pdbx_nonpoly_scheme.pdb_ins_code 
B 2 HOH 1   1   1   HOH HOH A . 
B 2 HOH 2   2   2   HOH HOH A . 
B 2 HOH 3   3   3   HOH HOH A . 
B 2 HOH 4   4   4   HOH HOH A . 
B 2 HOH 5   5   5   HOH HOH A . 
B 2 HOH 6   6   6   HOH HOH A . 
B 2 HOH 7   7   7   HOH HOH A . 
B 2 HOH 8   8   8   HOH HOH A . 
B 2 HOH 9   9   9   HOH HOH A . 
B 2 HOH 10  10  10  HOH HOH A . 
B 2 HOH 11  11  11  HOH HOH A . 
B 2 HOH 12  12  12  HOH HOH A . 
B 2 HOH 13  13  13  HOH HOH A . 
B 2 HOH 14  14  14  HOH HOH A . 
B 2 HOH 15  15  15  HOH HOH A . 
B 2 HOH 16  16  16  HOH HOH A . 
B 2 HOH 17  17  17  HOH HOH A . 
B 2 HOH 18  18  18  HOH HOH A . 
B 2 HOH 19  19  19  HOH HOH A . 
B 2 HOH 20  20  20  HOH HOH A . 
B 2 HOH 21  21  21  HOH HOH A . 
B 2 HOH 22  22  22  HOH HOH A . 
B 2 HOH 23  23  23  HOH HOH A . 
B 2 HOH 24  24  24  HOH HOH A . 
B 2 HOH 25  25  25  HOH HOH A . 
B 2 HOH 26  26  26  HOH HOH A . 
B 2 HOH 27  27  27  HOH HOH A . 
B 2 HOH 28  28  28  HOH HOH A . 
B 2 HOH 29  29  29  HOH HOH A . 
B 2 HOH 30  30  30  HOH HOH A . 
B 2 HOH 31  31  31  HOH HOH A . 
B 2 HOH 32  32  32  HOH HOH A . 
B 2 HOH 33  33  33  HOH HOH A . 
B 2 HOH 34  34  34  HOH HOH A . 
B 2 HOH 35  35  35  HOH HOH A . 
B 2 HOH 36  36  36  HOH HOH A . 
B 2 HOH 37  37  37  HOH HOH A . 
B 2 HOH 38  38  38  HOH HOH A . 
B 2 HOH 39  39  39  HOH HOH A . 
B 2 HOH 40  40  40  HOH HOH A . 
B 2 HOH 41  41  41  HOH HOH A . 
B 2 HOH 42  42  42  HOH HOH A . 
B 2 HOH 43  43  43  HOH HOH A . 
B 2 HOH 44  44  44  HOH HOH A . 
B 2 HOH 45  45  45  HOH HOH A . 
B 2 HOH 46  46  46  HOH HOH A . 
B 2 HOH 47  47  47  HOH HOH A . 
B 2 HOH 48  48  48  HOH HOH A . 
B 2 HOH 49  49  49  HOH HOH A . 
B 2 HOH 50  50  50  HOH HOH A . 
B 2 HOH 51  51  51  HOH HOH A . 
B 2 HOH 52  52  52  HOH HOH A . 
B 2 HOH 53  53  53  HOH HOH A . 
B 2 HOH 54  54  54  HOH HOH A . 
B 2 HOH 55  55  55  HOH HOH A . 
B 2 HOH 56  56  56  HOH HOH A . 
B 2 HOH 57  57  57  HOH HOH A . 
B 2 HOH 58  58  58  HOH HOH A . 
B 2 HOH 59  59  59  HOH HOH A . 
B 2 HOH 60  60  60  HOH HOH A . 
B 2 HOH 61  61  61  HOH HOH A . 
B 2 HOH 62  62  62  HOH HOH A . 
B 2 HOH 63  63  63  HOH HOH A . 
B 2 HOH 64  64  64  HOH HOH A . 
B 2 HOH 65  65  65  HOH HOH A . 
B 2 HOH 66  66  66  HOH HOH A . 
B 2 HOH 67  67  67  HOH HOH A . 
B 2 HOH 68  68  68  HOH HOH A . 
B 2 HOH 69  69  69  HOH HOH A . 
B 2 HOH 70  70  70  HOH HOH A . 
B 2 HOH 71  71  71  HOH HOH A . 
B 2 HOH 72  72  72  HOH HOH A . 
B 2 HOH 73  73  73  HOH HOH A . 
B 2 HOH 74  74  74  HOH HOH A . 
B 2 HOH 75  75  75  HOH HOH A . 
B 2 HOH 76  76  76  HOH HOH A . 
B 2 HOH 77  77  77  HOH HOH A . 
B 2 HOH 78  78  78  HOH HOH A . 
B 2 HOH 79  79  79  HOH HOH A . 
B 2 HOH 80  80  80  HOH HOH A . 
B 2 HOH 81  81  81  HOH HOH A . 
B 2 HOH 82  82  82  HOH HOH A . 
B 2 HOH 83  83  83  HOH HOH A . 
B 2 HOH 84  84  84  HOH HOH A . 
B 2 HOH 85  85  85  HOH HOH A . 
B 2 HOH 86  86  86  HOH HOH A . 
B 2 HOH 87  87  87  HOH HOH A . 
B 2 HOH 88  88  88  HOH HOH A . 
B 2 HOH 89  89  89  HOH HOH A . 
B 2 HOH 90  90  90  HOH HOH A . 
B 2 HOH 91  91  91  HOH HOH A . 
B 2 HOH 92  92  92  HOH HOH A . 
B 2 HOH 93  93  93  HOH HOH A . 
B 2 HOH 94  94  94  HOH HOH A . 
B 2 HOH 95  95  95  HOH HOH A . 
B 2 HOH 96  96  96  HOH HOH A . 
B 2 HOH 97  97  97  HOH HOH A . 
B 2 HOH 98  98  98  HOH HOH A . 
B 2 HOH 99  99  99  HOH HOH A . 
B 2 HOH 100 100 100 HOH HOH A . 
B 2 HOH 101 101 101 HOH HOH A . 
B 2 HOH 102 102 102 HOH HOH A . 
B 2 HOH 103 103 103 HOH HOH A . 
B 2 HOH 104 104 104 HOH HOH A . 
# 
_pdbx_struct_assembly.id                   1 
_pdbx_struct_assembly.details              author_and_software_defined_assembly 
_pdbx_struct_assembly.method_details       PISA 
_pdbx_struct_assembly.oligomeric_details   monomeric 
_pdbx_struct_assembly.oligomeric_count     1 
# 
_pdbx_struct_assembly_gen.assembly_id       1 
_pdbx_struct_assembly_gen.oper_expression   1 
_pdbx_struct_assembly_gen.asym_id_list      A,B 
# 
_pdbx_struct_oper_list.id                   1 
_pdbx_struct_oper_list.type                 'identity operation' 
_pdbx_struct_oper_list.name                 1_555 
_pdbx_struct_oper_list.symmetry_operation   x,y,z 
_pdbx_struct_oper_list.matrix[1][1]         1.0000000000 
_pdbx_struct_oper_list.matrix[1][2]         0.0000000000 
_pdbx_struct_oper_list.matrix[1][3]         0.0000000000 
_pdbx_struct_oper_list.vector[1]            0.0000000000 
_pdbx_struct_oper_list.matrix[2][1]         0.0000000000 
_pdbx_struct_oper_list.matrix[2][2]         1.0000000000 
_pdbx_struct_oper_list.matrix[2][3]         0.0000000000 
_pdbx_struct_oper_list.vector[2]            0.0000000000 
_pdbx_struct_oper_list.matrix[3][1]         0.0000000000 
_pdbx_struct_oper_list.matrix[3][2]         0.0000000000 
_pdbx_struct_oper_list.matrix[3][3]         1.0000000000 
_pdbx_struct_oper_list.vector[3]            0.0000000000 
# 
loop_
_pdbx_audit_revision_history.ordinal 
_pdbx_audit_revision_history.data_content_type 
_pdbx_audit_revision_history.major_revision 
_pdbx_audit_revision_history.minor_revision 
_pdbx_audit_revision_history.revision_date 
1 'Structure model' 1 0 2010-10-13 
2 'Structure model' 1 1 2011-07-13 
3 'Structure model' 1 2 2023-11-01 
# 
_pdbx_audit_revision_details.ordinal             1 
_pdbx_audit_revision_details.revision_ordinal    1 
_pdbx_audit_revision_details.data_content_type   'Structure model' 
_pdbx_audit_revision_details.provider            repository 
_pdbx_audit_revision_details.type                'Initial release' 
_pdbx_audit_revision_details.description         ? 
_pdbx_audit_revision_details.details             ? 
# 
loop_
_pdbx_audit_revision_group.ordinal 
_pdbx_audit_revision_group.revision_ordinal 
_pdbx_audit_revision_group.data_content_type 
_pdbx_audit_revision_group.group 
1 2 'Structure model' 'Version format compliance' 
2 3 'Structure model' 'Data collection'           
3 3 'Structure model' 'Database references'       
4 3 'Structure model' 'Refinement description'    
# 
loop_
_pdbx_audit_revision_category.ordinal 
_pdbx_audit_revision_category.revision_ordinal 
_pdbx_audit_revision_category.data_content_type 
_pdbx_audit_revision_category.category 
1 3 'Structure model' chem_comp_atom                
2 3 'Structure model' chem_comp_bond                
3 3 'Structure model' database_2                    
4 3 'Structure model' pdbx_initial_refinement_model 
5 3 'Structure model' struct_ref_seq_dif            
# 
loop_
_pdbx_audit_revision_item.ordinal 
_pdbx_audit_revision_item.revision_ordinal 
_pdbx_audit_revision_item.data_content_type 
_pdbx_audit_revision_item.item 
1 3 'Structure model' '_database_2.pdbx_DOI'                
2 3 'Structure model' '_database_2.pdbx_database_accession' 
3 3 'Structure model' '_struct_ref_seq_dif.details'         
# 
loop_
_software.name 
_software.classification 
_software.version 
_software.citation_id 
_software.pdbx_ordinal 
HKL-2000 'data collection' .        ? 1 
PHASER   phasing           .        ? 2 
REFMAC   refinement        5.5.0109 ? 3 
HKL-2000 'data reduction'  .        ? 4 
HKL-2000 'data scaling'    .        ? 5 
# 
loop_
_pdbx_validate_close_contact.id 
_pdbx_validate_close_contact.PDB_model_num 
_pdbx_validate_close_contact.auth_atom_id_1 
_pdbx_validate_close_contact.auth_asym_id_1 
_pdbx_validate_close_contact.auth_comp_id_1 
_pdbx_validate_close_contact.auth_seq_id_1 
_pdbx_validate_close_contact.PDB_ins_code_1 
_pdbx_validate_close_contact.label_alt_id_1 
_pdbx_validate_close_contact.auth_atom_id_2 
_pdbx_validate_close_contact.auth_asym_id_2 
_pdbx_validate_close_contact.auth_comp_id_2 
_pdbx_validate_close_contact.auth_seq_id_2 
_pdbx_validate_close_contact.PDB_ins_code_2 
_pdbx_validate_close_contact.label_alt_id_2 
_pdbx_validate_close_contact.dist 
1 1 ND2 A ASN 600 ? B O   A HOH 90  ? ? 1.78 
2 1 N   A GLY 546 ? ? OE2 A GLU 552 ? ? 1.89 
# 
_pdbx_validate_torsion.id              1 
_pdbx_validate_torsion.PDB_model_num   1 
_pdbx_validate_torsion.auth_comp_id    THR 
_pdbx_validate_torsion.auth_asym_id    A 
_pdbx_validate_torsion.auth_seq_id     647 
_pdbx_validate_torsion.PDB_ins_code    ? 
_pdbx_validate_torsion.label_alt_id    ? 
_pdbx_validate_torsion.phi             -127.08 
_pdbx_validate_torsion.psi             -71.52 
# 
_pdbx_unobs_or_zero_occ_residues.id               1 
_pdbx_unobs_or_zero_occ_residues.PDB_model_num    1 
_pdbx_unobs_or_zero_occ_residues.polymer_flag     Y 
_pdbx_unobs_or_zero_occ_residues.occupancy_flag   1 
_pdbx_unobs_or_zero_occ_residues.auth_asym_id     A 
_pdbx_unobs_or_zero_occ_residues.auth_comp_id     VAL 
_pdbx_unobs_or_zero_occ_residues.auth_seq_id      651 
_pdbx_unobs_or_zero_occ_residues.PDB_ins_code     ? 
_pdbx_unobs_or_zero_occ_residues.label_asym_id    A 
_pdbx_unobs_or_zero_occ_residues.label_comp_id    VAL 
_pdbx_unobs_or_zero_occ_residues.label_seq_id     106 
# 
loop_
_chem_comp_atom.comp_id 
_chem_comp_atom.atom_id 
_chem_comp_atom.type_symbol 
_chem_comp_atom.pdbx_aromatic_flag 
_chem_comp_atom.pdbx_stereo_config 
_chem_comp_atom.pdbx_ordinal 
ALA N    N N N 1   
ALA CA   C N S 2   
ALA C    C N N 3   
ALA O    O N N 4   
ALA CB   C N N 5   
ALA OXT  O N N 6   
ALA H    H N N 7   
ALA H2   H N N 8   
ALA HA   H N N 9   
ALA HB1  H N N 10  
ALA HB2  H N N 11  
ALA HB3  H N N 12  
ALA HXT  H N N 13  
ARG N    N N N 14  
ARG CA   C N S 15  
ARG C    C N N 16  
ARG O    O N N 17  
ARG CB   C N N 18  
ARG CG   C N N 19  
ARG CD   C N N 20  
ARG NE   N N N 21  
ARG CZ   C N N 22  
ARG NH1  N N N 23  
ARG NH2  N N N 24  
ARG OXT  O N N 25  
ARG H    H N N 26  
ARG H2   H N N 27  
ARG HA   H N N 28  
ARG HB2  H N N 29  
ARG HB3  H N N 30  
ARG HG2  H N N 31  
ARG HG3  H N N 32  
ARG HD2  H N N 33  
ARG HD3  H N N 34  
ARG HE   H N N 35  
ARG HH11 H N N 36  
ARG HH12 H N N 37  
ARG HH21 H N N 38  
ARG HH22 H N N 39  
ARG HXT  H N N 40  
ASN N    N N N 41  
ASN CA   C N S 42  
ASN C    C N N 43  
ASN O    O N N 44  
ASN CB   C N N 45  
ASN CG   C N N 46  
ASN OD1  O N N 47  
ASN ND2  N N N 48  
ASN OXT  O N N 49  
ASN H    H N N 50  
ASN H2   H N N 51  
ASN HA   H N N 52  
ASN HB2  H N N 53  
ASN HB3  H N N 54  
ASN HD21 H N N 55  
ASN HD22 H N N 56  
ASN HXT  H N N 57  
ASP N    N N N 58  
ASP CA   C N S 59  
ASP C    C N N 60  
ASP O    O N N 61  
ASP CB   C N N 62  
ASP CG   C N N 63  
ASP OD1  O N N 64  
ASP OD2  O N N 65  
ASP OXT  O N N 66  
ASP H    H N N 67  
ASP H2   H N N 68  
ASP HA   H N N 69  
ASP HB2  H N N 70  
ASP HB3  H N N 71  
ASP HD2  H N N 72  
ASP HXT  H N N 73  
GLN N    N N N 74  
GLN CA   C N S 75  
GLN C    C N N 76  
GLN O    O N N 77  
GLN CB   C N N 78  
GLN CG   C N N 79  
GLN CD   C N N 80  
GLN OE1  O N N 81  
GLN NE2  N N N 82  
GLN OXT  O N N 83  
GLN H    H N N 84  
GLN H2   H N N 85  
GLN HA   H N N 86  
GLN HB2  H N N 87  
GLN HB3  H N N 88  
GLN HG2  H N N 89  
GLN HG3  H N N 90  
GLN HE21 H N N 91  
GLN HE22 H N N 92  
GLN HXT  H N N 93  
GLU N    N N N 94  
GLU CA   C N S 95  
GLU C    C N N 96  
GLU O    O N N 97  
GLU CB   C N N 98  
GLU CG   C N N 99  
GLU CD   C N N 100 
GLU OE1  O N N 101 
GLU OE2  O N N 102 
GLU OXT  O N N 103 
GLU H    H N N 104 
GLU H2   H N N 105 
GLU HA   H N N 106 
GLU HB2  H N N 107 
GLU HB3  H N N 108 
GLU HG2  H N N 109 
GLU HG3  H N N 110 
GLU HE2  H N N 111 
GLU HXT  H N N 112 
GLY N    N N N 113 
GLY CA   C N N 114 
GLY C    C N N 115 
GLY O    O N N 116 
GLY OXT  O N N 117 
GLY H    H N N 118 
GLY H2   H N N 119 
GLY HA2  H N N 120 
GLY HA3  H N N 121 
GLY HXT  H N N 122 
HIS N    N N N 123 
HIS CA   C N S 124 
HIS C    C N N 125 
HIS O    O N N 126 
HIS CB   C N N 127 
HIS CG   C Y N 128 
HIS ND1  N Y N 129 
HIS CD2  C Y N 130 
HIS CE1  C Y N 131 
HIS NE2  N Y N 132 
HIS OXT  O N N 133 
HIS H    H N N 134 
HIS H2   H N N 135 
HIS HA   H N N 136 
HIS HB2  H N N 137 
HIS HB3  H N N 138 
HIS HD1  H N N 139 
HIS HD2  H N N 140 
HIS HE1  H N N 141 
HIS HE2  H N N 142 
HIS HXT  H N N 143 
HOH O    O N N 144 
HOH H1   H N N 145 
HOH H2   H N N 146 
ILE N    N N N 147 
ILE CA   C N S 148 
ILE C    C N N 149 
ILE O    O N N 150 
ILE CB   C N S 151 
ILE CG1  C N N 152 
ILE CG2  C N N 153 
ILE CD1  C N N 154 
ILE OXT  O N N 155 
ILE H    H N N 156 
ILE H2   H N N 157 
ILE HA   H N N 158 
ILE HB   H N N 159 
ILE HG12 H N N 160 
ILE HG13 H N N 161 
ILE HG21 H N N 162 
ILE HG22 H N N 163 
ILE HG23 H N N 164 
ILE HD11 H N N 165 
ILE HD12 H N N 166 
ILE HD13 H N N 167 
ILE HXT  H N N 168 
LEU N    N N N 169 
LEU CA   C N S 170 
LEU C    C N N 171 
LEU O    O N N 172 
LEU CB   C N N 173 
LEU CG   C N N 174 
LEU CD1  C N N 175 
LEU CD2  C N N 176 
LEU OXT  O N N 177 
LEU H    H N N 178 
LEU H2   H N N 179 
LEU HA   H N N 180 
LEU HB2  H N N 181 
LEU HB3  H N N 182 
LEU HG   H N N 183 
LEU HD11 H N N 184 
LEU HD12 H N N 185 
LEU HD13 H N N 186 
LEU HD21 H N N 187 
LEU HD22 H N N 188 
LEU HD23 H N N 189 
LEU HXT  H N N 190 
LYS N    N N N 191 
LYS CA   C N S 192 
LYS C    C N N 193 
LYS O    O N N 194 
LYS CB   C N N 195 
LYS CG   C N N 196 
LYS CD   C N N 197 
LYS CE   C N N 198 
LYS NZ   N N N 199 
LYS OXT  O N N 200 
LYS H    H N N 201 
LYS H2   H N N 202 
LYS HA   H N N 203 
LYS HB2  H N N 204 
LYS HB3  H N N 205 
LYS HG2  H N N 206 
LYS HG3  H N N 207 
LYS HD2  H N N 208 
LYS HD3  H N N 209 
LYS HE2  H N N 210 
LYS HE3  H N N 211 
LYS HZ1  H N N 212 
LYS HZ2  H N N 213 
LYS HZ3  H N N 214 
LYS HXT  H N N 215 
MET N    N N N 216 
MET CA   C N S 217 
MET C    C N N 218 
MET O    O N N 219 
MET CB   C N N 220 
MET CG   C N N 221 
MET SD   S N N 222 
MET CE   C N N 223 
MET OXT  O N N 224 
MET H    H N N 225 
MET H2   H N N 226 
MET HA   H N N 227 
MET HB2  H N N 228 
MET HB3  H N N 229 
MET HG2  H N N 230 
MET HG3  H N N 231 
MET HE1  H N N 232 
MET HE2  H N N 233 
MET HE3  H N N 234 
MET HXT  H N N 235 
PHE N    N N N 236 
PHE CA   C N S 237 
PHE C    C N N 238 
PHE O    O N N 239 
PHE CB   C N N 240 
PHE CG   C Y N 241 
PHE CD1  C Y N 242 
PHE CD2  C Y N 243 
PHE CE1  C Y N 244 
PHE CE2  C Y N 245 
PHE CZ   C Y N 246 
PHE OXT  O N N 247 
PHE H    H N N 248 
PHE H2   H N N 249 
PHE HA   H N N 250 
PHE HB2  H N N 251 
PHE HB3  H N N 252 
PHE HD1  H N N 253 
PHE HD2  H N N 254 
PHE HE1  H N N 255 
PHE HE2  H N N 256 
PHE HZ   H N N 257 
PHE HXT  H N N 258 
PRO N    N N N 259 
PRO CA   C N S 260 
PRO C    C N N 261 
PRO O    O N N 262 
PRO CB   C N N 263 
PRO CG   C N N 264 
PRO CD   C N N 265 
PRO OXT  O N N 266 
PRO H    H N N 267 
PRO HA   H N N 268 
PRO HB2  H N N 269 
PRO HB3  H N N 270 
PRO HG2  H N N 271 
PRO HG3  H N N 272 
PRO HD2  H N N 273 
PRO HD3  H N N 274 
PRO HXT  H N N 275 
SER N    N N N 276 
SER CA   C N S 277 
SER C    C N N 278 
SER O    O N N 279 
SER CB   C N N 280 
SER OG   O N N 281 
SER OXT  O N N 282 
SER H    H N N 283 
SER H2   H N N 284 
SER HA   H N N 285 
SER HB2  H N N 286 
SER HB3  H N N 287 
SER HG   H N N 288 
SER HXT  H N N 289 
THR N    N N N 290 
THR CA   C N S 291 
THR C    C N N 292 
THR O    O N N 293 
THR CB   C N R 294 
THR OG1  O N N 295 
THR CG2  C N N 296 
THR OXT  O N N 297 
THR H    H N N 298 
THR H2   H N N 299 
THR HA   H N N 300 
THR HB   H N N 301 
THR HG1  H N N 302 
THR HG21 H N N 303 
THR HG22 H N N 304 
THR HG23 H N N 305 
THR HXT  H N N 306 
TRP N    N N N 307 
TRP CA   C N S 308 
TRP C    C N N 309 
TRP O    O N N 310 
TRP CB   C N N 311 
TRP CG   C Y N 312 
TRP CD1  C Y N 313 
TRP CD2  C Y N 314 
TRP NE1  N Y N 315 
TRP CE2  C Y N 316 
TRP CE3  C Y N 317 
TRP CZ2  C Y N 318 
TRP CZ3  C Y N 319 
TRP CH2  C Y N 320 
TRP OXT  O N N 321 
TRP H    H N N 322 
TRP H2   H N N 323 
TRP HA   H N N 324 
TRP HB2  H N N 325 
TRP HB3  H N N 326 
TRP HD1  H N N 327 
TRP HE1  H N N 328 
TRP HE3  H N N 329 
TRP HZ2  H N N 330 
TRP HZ3  H N N 331 
TRP HH2  H N N 332 
TRP HXT  H N N 333 
TYR N    N N N 334 
TYR CA   C N S 335 
TYR C    C N N 336 
TYR O    O N N 337 
TYR CB   C N N 338 
TYR CG   C Y N 339 
TYR CD1  C Y N 340 
TYR CD2  C Y N 341 
TYR CE1  C Y N 342 
TYR CE2  C Y N 343 
TYR CZ   C Y N 344 
TYR OH   O N N 345 
TYR OXT  O N N 346 
TYR H    H N N 347 
TYR H2   H N N 348 
TYR HA   H N N 349 
TYR HB2  H N N 350 
TYR HB3  H N N 351 
TYR HD1  H N N 352 
TYR HD2  H N N 353 
TYR HE1  H N N 354 
TYR HE2  H N N 355 
TYR HH   H N N 356 
TYR HXT  H N N 357 
VAL N    N N N 358 
VAL CA   C N S 359 
VAL C    C N N 360 
VAL O    O N N 361 
VAL CB   C N N 362 
VAL CG1  C N N 363 
VAL CG2  C N N 364 
VAL OXT  O N N 365 
VAL H    H N N 366 
VAL H2   H N N 367 
VAL HA   H N N 368 
VAL HB   H N N 369 
VAL HG11 H N N 370 
VAL HG12 H N N 371 
VAL HG13 H N N 372 
VAL HG21 H N N 373 
VAL HG22 H N N 374 
VAL HG23 H N N 375 
VAL HXT  H N N 376 
# 
loop_
_chem_comp_bond.comp_id 
_chem_comp_bond.atom_id_1 
_chem_comp_bond.atom_id_2 
_chem_comp_bond.value_order 
_chem_comp_bond.pdbx_aromatic_flag 
_chem_comp_bond.pdbx_stereo_config 
_chem_comp_bond.pdbx_ordinal 
ALA N   CA   sing N N 1   
ALA N   H    sing N N 2   
ALA N   H2   sing N N 3   
ALA CA  C    sing N N 4   
ALA CA  CB   sing N N 5   
ALA CA  HA   sing N N 6   
ALA C   O    doub N N 7   
ALA C   OXT  sing N N 8   
ALA CB  HB1  sing N N 9   
ALA CB  HB2  sing N N 10  
ALA CB  HB3  sing N N 11  
ALA OXT HXT  sing N N 12  
ARG N   CA   sing N N 13  
ARG N   H    sing N N 14  
ARG N   H2   sing N N 15  
ARG CA  C    sing N N 16  
ARG CA  CB   sing N N 17  
ARG CA  HA   sing N N 18  
ARG C   O    doub N N 19  
ARG C   OXT  sing N N 20  
ARG CB  CG   sing N N 21  
ARG CB  HB2  sing N N 22  
ARG CB  HB3  sing N N 23  
ARG CG  CD   sing N N 24  
ARG CG  HG2  sing N N 25  
ARG CG  HG3  sing N N 26  
ARG CD  NE   sing N N 27  
ARG CD  HD2  sing N N 28  
ARG CD  HD3  sing N N 29  
ARG NE  CZ   sing N N 30  
ARG NE  HE   sing N N 31  
ARG CZ  NH1  sing N N 32  
ARG CZ  NH2  doub N N 33  
ARG NH1 HH11 sing N N 34  
ARG NH1 HH12 sing N N 35  
ARG NH2 HH21 sing N N 36  
ARG NH2 HH22 sing N N 37  
ARG OXT HXT  sing N N 38  
ASN N   CA   sing N N 39  
ASN N   H    sing N N 40  
ASN N   H2   sing N N 41  
ASN CA  C    sing N N 42  
ASN CA  CB   sing N N 43  
ASN CA  HA   sing N N 44  
ASN C   O    doub N N 45  
ASN C   OXT  sing N N 46  
ASN CB  CG   sing N N 47  
ASN CB  HB2  sing N N 48  
ASN CB  HB3  sing N N 49  
ASN CG  OD1  doub N N 50  
ASN CG  ND2  sing N N 51  
ASN ND2 HD21 sing N N 52  
ASN ND2 HD22 sing N N 53  
ASN OXT HXT  sing N N 54  
ASP N   CA   sing N N 55  
ASP N   H    sing N N 56  
ASP N   H2   sing N N 57  
ASP CA  C    sing N N 58  
ASP CA  CB   sing N N 59  
ASP CA  HA   sing N N 60  
ASP C   O    doub N N 61  
ASP C   OXT  sing N N 62  
ASP CB  CG   sing N N 63  
ASP CB  HB2  sing N N 64  
ASP CB  HB3  sing N N 65  
ASP CG  OD1  doub N N 66  
ASP CG  OD2  sing N N 67  
ASP OD2 HD2  sing N N 68  
ASP OXT HXT  sing N N 69  
GLN N   CA   sing N N 70  
GLN N   H    sing N N 71  
GLN N   H2   sing N N 72  
GLN CA  C    sing N N 73  
GLN CA  CB   sing N N 74  
GLN CA  HA   sing N N 75  
GLN C   O    doub N N 76  
GLN C   OXT  sing N N 77  
GLN CB  CG   sing N N 78  
GLN CB  HB2  sing N N 79  
GLN CB  HB3  sing N N 80  
GLN CG  CD   sing N N 81  
GLN CG  HG2  sing N N 82  
GLN CG  HG3  sing N N 83  
GLN CD  OE1  doub N N 84  
GLN CD  NE2  sing N N 85  
GLN NE2 HE21 sing N N 86  
GLN NE2 HE22 sing N N 87  
GLN OXT HXT  sing N N 88  
GLU N   CA   sing N N 89  
GLU N   H    sing N N 90  
GLU N   H2   sing N N 91  
GLU CA  C    sing N N 92  
GLU CA  CB   sing N N 93  
GLU CA  HA   sing N N 94  
GLU C   O    doub N N 95  
GLU C   OXT  sing N N 96  
GLU CB  CG   sing N N 97  
GLU CB  HB2  sing N N 98  
GLU CB  HB3  sing N N 99  
GLU CG  CD   sing N N 100 
GLU CG  HG2  sing N N 101 
GLU CG  HG3  sing N N 102 
GLU CD  OE1  doub N N 103 
GLU CD  OE2  sing N N 104 
GLU OE2 HE2  sing N N 105 
GLU OXT HXT  sing N N 106 
GLY N   CA   sing N N 107 
GLY N   H    sing N N 108 
GLY N   H2   sing N N 109 
GLY CA  C    sing N N 110 
GLY CA  HA2  sing N N 111 
GLY CA  HA3  sing N N 112 
GLY C   O    doub N N 113 
GLY C   OXT  sing N N 114 
GLY OXT HXT  sing N N 115 
HIS N   CA   sing N N 116 
HIS N   H    sing N N 117 
HIS N   H2   sing N N 118 
HIS CA  C    sing N N 119 
HIS CA  CB   sing N N 120 
HIS CA  HA   sing N N 121 
HIS C   O    doub N N 122 
HIS C   OXT  sing N N 123 
HIS CB  CG   sing N N 124 
HIS CB  HB2  sing N N 125 
HIS CB  HB3  sing N N 126 
HIS CG  ND1  sing Y N 127 
HIS CG  CD2  doub Y N 128 
HIS ND1 CE1  doub Y N 129 
HIS ND1 HD1  sing N N 130 
HIS CD2 NE2  sing Y N 131 
HIS CD2 HD2  sing N N 132 
HIS CE1 NE2  sing Y N 133 
HIS CE1 HE1  sing N N 134 
HIS NE2 HE2  sing N N 135 
HIS OXT HXT  sing N N 136 
HOH O   H1   sing N N 137 
HOH O   H2   sing N N 138 
ILE N   CA   sing N N 139 
ILE N   H    sing N N 140 
ILE N   H2   sing N N 141 
ILE CA  C    sing N N 142 
ILE CA  CB   sing N N 143 
ILE CA  HA   sing N N 144 
ILE C   O    doub N N 145 
ILE C   OXT  sing N N 146 
ILE CB  CG1  sing N N 147 
ILE CB  CG2  sing N N 148 
ILE CB  HB   sing N N 149 
ILE CG1 CD1  sing N N 150 
ILE CG1 HG12 sing N N 151 
ILE CG1 HG13 sing N N 152 
ILE CG2 HG21 sing N N 153 
ILE CG2 HG22 sing N N 154 
ILE CG2 HG23 sing N N 155 
ILE CD1 HD11 sing N N 156 
ILE CD1 HD12 sing N N 157 
ILE CD1 HD13 sing N N 158 
ILE OXT HXT  sing N N 159 
LEU N   CA   sing N N 160 
LEU N   H    sing N N 161 
LEU N   H2   sing N N 162 
LEU CA  C    sing N N 163 
LEU CA  CB   sing N N 164 
LEU CA  HA   sing N N 165 
LEU C   O    doub N N 166 
LEU C   OXT  sing N N 167 
LEU CB  CG   sing N N 168 
LEU CB  HB2  sing N N 169 
LEU CB  HB3  sing N N 170 
LEU CG  CD1  sing N N 171 
LEU CG  CD2  sing N N 172 
LEU CG  HG   sing N N 173 
LEU CD1 HD11 sing N N 174 
LEU CD1 HD12 sing N N 175 
LEU CD1 HD13 sing N N 176 
LEU CD2 HD21 sing N N 177 
LEU CD2 HD22 sing N N 178 
LEU CD2 HD23 sing N N 179 
LEU OXT HXT  sing N N 180 
LYS N   CA   sing N N 181 
LYS N   H    sing N N 182 
LYS N   H2   sing N N 183 
LYS CA  C    sing N N 184 
LYS CA  CB   sing N N 185 
LYS CA  HA   sing N N 186 
LYS C   O    doub N N 187 
LYS C   OXT  sing N N 188 
LYS CB  CG   sing N N 189 
LYS CB  HB2  sing N N 190 
LYS CB  HB3  sing N N 191 
LYS CG  CD   sing N N 192 
LYS CG  HG2  sing N N 193 
LYS CG  HG3  sing N N 194 
LYS CD  CE   sing N N 195 
LYS CD  HD2  sing N N 196 
LYS CD  HD3  sing N N 197 
LYS CE  NZ   sing N N 198 
LYS CE  HE2  sing N N 199 
LYS CE  HE3  sing N N 200 
LYS NZ  HZ1  sing N N 201 
LYS NZ  HZ2  sing N N 202 
LYS NZ  HZ3  sing N N 203 
LYS OXT HXT  sing N N 204 
MET N   CA   sing N N 205 
MET N   H    sing N N 206 
MET N   H2   sing N N 207 
MET CA  C    sing N N 208 
MET CA  CB   sing N N 209 
MET CA  HA   sing N N 210 
MET C   O    doub N N 211 
MET C   OXT  sing N N 212 
MET CB  CG   sing N N 213 
MET CB  HB2  sing N N 214 
MET CB  HB3  sing N N 215 
MET CG  SD   sing N N 216 
MET CG  HG2  sing N N 217 
MET CG  HG3  sing N N 218 
MET SD  CE   sing N N 219 
MET CE  HE1  sing N N 220 
MET CE  HE2  sing N N 221 
MET CE  HE3  sing N N 222 
MET OXT HXT  sing N N 223 
PHE N   CA   sing N N 224 
PHE N   H    sing N N 225 
PHE N   H2   sing N N 226 
PHE CA  C    sing N N 227 
PHE CA  CB   sing N N 228 
PHE CA  HA   sing N N 229 
PHE C   O    doub N N 230 
PHE C   OXT  sing N N 231 
PHE CB  CG   sing N N 232 
PHE CB  HB2  sing N N 233 
PHE CB  HB3  sing N N 234 
PHE CG  CD1  doub Y N 235 
PHE CG  CD2  sing Y N 236 
PHE CD1 CE1  sing Y N 237 
PHE CD1 HD1  sing N N 238 
PHE CD2 CE2  doub Y N 239 
PHE CD2 HD2  sing N N 240 
PHE CE1 CZ   doub Y N 241 
PHE CE1 HE1  sing N N 242 
PHE CE2 CZ   sing Y N 243 
PHE CE2 HE2  sing N N 244 
PHE CZ  HZ   sing N N 245 
PHE OXT HXT  sing N N 246 
PRO N   CA   sing N N 247 
PRO N   CD   sing N N 248 
PRO N   H    sing N N 249 
PRO CA  C    sing N N 250 
PRO CA  CB   sing N N 251 
PRO CA  HA   sing N N 252 
PRO C   O    doub N N 253 
PRO C   OXT  sing N N 254 
PRO CB  CG   sing N N 255 
PRO CB  HB2  sing N N 256 
PRO CB  HB3  sing N N 257 
PRO CG  CD   sing N N 258 
PRO CG  HG2  sing N N 259 
PRO CG  HG3  sing N N 260 
PRO CD  HD2  sing N N 261 
PRO CD  HD3  sing N N 262 
PRO OXT HXT  sing N N 263 
SER N   CA   sing N N 264 
SER N   H    sing N N 265 
SER N   H2   sing N N 266 
SER CA  C    sing N N 267 
SER CA  CB   sing N N 268 
SER CA  HA   sing N N 269 
SER C   O    doub N N 270 
SER C   OXT  sing N N 271 
SER CB  OG   sing N N 272 
SER CB  HB2  sing N N 273 
SER CB  HB3  sing N N 274 
SER OG  HG   sing N N 275 
SER OXT HXT  sing N N 276 
THR N   CA   sing N N 277 
THR N   H    sing N N 278 
THR N   H2   sing N N 279 
THR CA  C    sing N N 280 
THR CA  CB   sing N N 281 
THR CA  HA   sing N N 282 
THR C   O    doub N N 283 
THR C   OXT  sing N N 284 
THR CB  OG1  sing N N 285 
THR CB  CG2  sing N N 286 
THR CB  HB   sing N N 287 
THR OG1 HG1  sing N N 288 
THR CG2 HG21 sing N N 289 
THR CG2 HG22 sing N N 290 
THR CG2 HG23 sing N N 291 
THR OXT HXT  sing N N 292 
TRP N   CA   sing N N 293 
TRP N   H    sing N N 294 
TRP N   H2   sing N N 295 
TRP CA  C    sing N N 296 
TRP CA  CB   sing N N 297 
TRP CA  HA   sing N N 298 
TRP C   O    doub N N 299 
TRP C   OXT  sing N N 300 
TRP CB  CG   sing N N 301 
TRP CB  HB2  sing N N 302 
TRP CB  HB3  sing N N 303 
TRP CG  CD1  doub Y N 304 
TRP CG  CD2  sing Y N 305 
TRP CD1 NE1  sing Y N 306 
TRP CD1 HD1  sing N N 307 
TRP CD2 CE2  doub Y N 308 
TRP CD2 CE3  sing Y N 309 
TRP NE1 CE2  sing Y N 310 
TRP NE1 HE1  sing N N 311 
TRP CE2 CZ2  sing Y N 312 
TRP CE3 CZ3  doub Y N 313 
TRP CE3 HE3  sing N N 314 
TRP CZ2 CH2  doub Y N 315 
TRP CZ2 HZ2  sing N N 316 
TRP CZ3 CH2  sing Y N 317 
TRP CZ3 HZ3  sing N N 318 
TRP CH2 HH2  sing N N 319 
TRP OXT HXT  sing N N 320 
TYR N   CA   sing N N 321 
TYR N   H    sing N N 322 
TYR N   H2   sing N N 323 
TYR CA  C    sing N N 324 
TYR CA  CB   sing N N 325 
TYR CA  HA   sing N N 326 
TYR C   O    doub N N 327 
TYR C   OXT  sing N N 328 
TYR CB  CG   sing N N 329 
TYR CB  HB2  sing N N 330 
TYR CB  HB3  sing N N 331 
TYR CG  CD1  doub Y N 332 
TYR CG  CD2  sing Y N 333 
TYR CD1 CE1  sing Y N 334 
TYR CD1 HD1  sing N N 335 
TYR CD2 CE2  doub Y N 336 
TYR CD2 HD2  sing N N 337 
TYR CE1 CZ   doub Y N 338 
TYR CE1 HE1  sing N N 339 
TYR CE2 CZ   sing Y N 340 
TYR CE2 HE2  sing N N 341 
TYR CZ  OH   sing N N 342 
TYR OH  HH   sing N N 343 
TYR OXT HXT  sing N N 344 
VAL N   CA   sing N N 345 
VAL N   H    sing N N 346 
VAL N   H2   sing N N 347 
VAL CA  C    sing N N 348 
VAL CA  CB   sing N N 349 
VAL CA  HA   sing N N 350 
VAL C   O    doub N N 351 
VAL C   OXT  sing N N 352 
VAL CB  CG1  sing N N 353 
VAL CB  CG2  sing N N 354 
VAL CB  HB   sing N N 355 
VAL CG1 HG11 sing N N 356 
VAL CG1 HG12 sing N N 357 
VAL CG1 HG13 sing N N 358 
VAL CG2 HG21 sing N N 359 
VAL CG2 HG22 sing N N 360 
VAL CG2 HG23 sing N N 361 
VAL OXT HXT  sing N N 362 
# 
_pdbx_entity_nonpoly.entity_id   2 
_pdbx_entity_nonpoly.name        water 
_pdbx_entity_nonpoly.comp_id     HOH 
# 
_pdbx_initial_refinement_model.id               1 
_pdbx_initial_refinement_model.entity_id_list   ? 
_pdbx_initial_refinement_model.type             'experimental model' 
_pdbx_initial_refinement_model.source_name      PDB 
_pdbx_initial_refinement_model.accession_code   2QWN 
_pdbx_initial_refinement_model.details          'PDB entry 2QWN' 
# 
